data_7DQX
#
_entry.id   7DQX
#
_cell.length_a   112.860
_cell.length_b   126.792
_cell.length_c   294.490
_cell.angle_alpha   90.000
_cell.angle_beta   90.000
_cell.angle_gamma   90.000
#
_symmetry.space_group_name_H-M   'P 21 21 21'
#
loop_
_entity.id
_entity.type
_entity.pdbx_description
1 polymer '6-hydroxypseudooxynicotine dehydrogenase complex subunit gamma'
2 polymer '6-hydroxypseudooxynicotine dehydrogenase complex subunit alpha'
3 polymer '6-hydroxypseudooxynicotine dehydrogenase complex subunit beta'
4 polymer '6-hydroxypseudooxynicotine dehydrogenase complex subunit alpha'
5 non-polymer 'PTERIN CYTOSINE DINUCLEOTIDE'
6 non-polymer 'MOLYBDENUM ATOM'
7 non-polymer 'FLAVIN-ADENINE DINUCLEOTIDE'
8 non-polymer 'FE2/S2 (INORGANIC) CLUSTER'
#
loop_
_entity_poly.entity_id
_entity_poly.type
_entity_poly.pdbx_seq_one_letter_code
_entity_poly.pdbx_strand_id
1 'polypeptide(L)'
;MMAKAKALIPDNGRAGADEGNRQAWIGQEVLRREDRRLLTGTATFAGDLGVPGQLHMRIVRSTQAHARIVSIDATEAEKT
PGVRMVITSEHTRHLGSVLLEELGYHEIYENIEDFSHPVLAVDKVLYVGQPVVAVLAVDPYLAEDAAELVSIEYEPLPVL
LDPEEALTGKVELFPGRGNEGARIKKAYGDIDRAFAEAEHVIRHKYVTNRHSGVPMEPRAVVVQPDPARDTLFIWGTVHV
HDNRRIIAKMLNLPEVNVRMKHVEIGGSFGVKGGVFPENVVAAWAARTLGVPIKWTEDRVEHMTSTSHAREMVHKLELAL
DAEGRILGMKDEIFHNHGAYFRQAEPLVSDITAGIVFGPYRVPAYDATLHAVFTNKTPVGAYRAPGRYESTFARERIFDL
ACAEIGLSKTEFRRRNLLTAEDLPWTPGLDIVHEPYHFDSGDVVKHFNEALEAANFSEWLEESKRLRADGRKVGVGLGVL
MDKAGLGLFETGGVEVSRAGRVTVKTGGSSVGQGIETVLAQIVAEELQIAPENIDIVHSDTELIPDGVGSWSSRSTVLAG
GAARKAALAVVEKARRLASEMLEADPDDLELTAGSFKVKGTDQQISLYEIAAARDPFTARADNDEPGLAADAVYMNNAMN
YPYGVTLVQIELDPDTGGHRILRFSTSTEAGRVINPLTTRGQIIGAAVQGIGGALYEEFLYEEDGQPITTSFMDYLLPSA
QEMPNVDCFVTEDAKSPDNPFGAKGLGEIGIIAAGAAIASAIDDAIADGVHTDRLPVTPEQIFSRCQGLNKAER
;
A,D
2 'polypeptide(L)'
;MKPPSFDYVVADSVEHALRLLADGGDDAKIIAGGQSLVPLLNFRMSRPSLLVDINRVPGLANIRKSDQTIAIGALTRHAK
LTTSKTISQNLPILSEAAAWIAHPQIRNRGTIGGSLAHADAAAELPVVLLALDAYVTAQSLQGERKIPLKELLVSHFVSS
ILPGELIVEVNVPQLPHGSGAAFDEFSRRHGDYAIGGAASIVTLDEQGKCSRARITVLGGGSTAIRCQEAENILIDSTLS
SHDIAAAAHAAVQGLDPVPTVHGSAQYRAQVIRTMVERTLAKALHRARPTKESMDH
;
B
3 'polypeptide(L)'
;MNAFRLTVEVNGVTHATDVEPRRLLADFLRDDLHLRGTRVGCEHGVCGSCTVILDGQPVRSCTVLAVQANNSRIETVESL
QKDGQLHPLQRSFSKCHALQCGFCTSGFLMTLKPLYDDEDVTLDATSAREAISGNLCRCTGYQQIVEATVDAFHCRDHND
;
C,F
4 'polypeptide(L)'
;MKPPSFDYVVADSVEHALRLLADGGDDAKIIAGGQSLVPLLNFRMSRPSLLVDINRVPGLANIRKSDQTIAIGALTRHAK
LTTSKTISQNLPILSEAAAWIAHPQIRNRGTIGGSLAHADAAAELPVVLLALDAYVTAQSLQGERKIPLKELLVSHFVSS
ILPGELIVEVNVPQLPHGSGAAFDEFSRRHGDYAIGGAASLVTLDEQGKCSRARITVLGGGSTAIRCQEAENILIDSTLS
SHDIAAAAHAAVQGLDPVPTVHGSAQYRAQVIRTMVERTLAKALHRARPTKESMDH
;
E
#
loop_
_chem_comp.id
_chem_comp.type
_chem_comp.name
_chem_comp.formula
FAD non-polymer 'FLAVIN-ADENINE DINUCLEOTIDE' 'C27 H33 N9 O15 P2'
FES non-polymer 'FE2/S2 (INORGANIC) CLUSTER' 'Fe2 S2'
MCN non-polymer 'PTERIN CYTOSINE DINUCLEOTIDE' 'C19 H22 N8 O13 P2 S2'
MO non-polymer 'MOLYBDENUM ATOM' Mo
#
# COMPACT_ATOMS: atom_id res chain seq x y z
N ASN A 21 4.83 34.08 32.75
CA ASN A 21 5.52 33.39 31.62
C ASN A 21 5.62 31.87 31.82
N ARG A 22 5.55 31.10 30.74
CA ARG A 22 5.22 31.60 29.40
C ARG A 22 3.71 31.68 29.23
N GLN A 23 3.03 30.81 29.98
CA GLN A 23 1.70 30.28 29.70
C GLN A 23 1.79 28.79 30.07
N ALA A 24 0.66 28.12 30.19
CA ALA A 24 0.66 26.68 30.50
C ALA A 24 -0.25 25.91 29.55
N TRP A 25 0.20 24.73 29.14
CA TRP A 25 -0.61 23.86 28.28
C TRP A 25 -1.29 22.76 29.05
N ILE A 26 -0.55 22.12 29.94
CA ILE A 26 -1.10 21.04 30.77
C ILE A 26 -2.17 21.59 31.71
N GLY A 27 -3.27 20.85 31.84
CA GLY A 27 -4.39 21.25 32.70
C GLY A 27 -5.33 22.22 32.02
N GLN A 28 -5.08 22.51 30.74
CA GLN A 28 -5.87 23.45 29.97
C GLN A 28 -6.76 22.77 28.94
N GLU A 29 -7.93 23.34 28.70
CA GLU A 29 -8.89 22.80 27.73
C GLU A 29 -8.44 23.10 26.30
N VAL A 30 -7.66 22.18 25.73
CA VAL A 30 -7.14 22.33 24.38
C VAL A 30 -7.90 21.43 23.41
N LEU A 31 -8.45 22.04 22.37
CA LEU A 31 -9.16 21.31 21.31
C LEU A 31 -8.25 20.23 20.76
N ARG A 32 -8.74 18.99 20.80
CA ARG A 32 -7.90 17.84 20.50
C ARG A 32 -7.47 17.75 19.03
N ARG A 33 -6.39 17.01 18.79
CA ARG A 33 -5.75 16.98 17.47
C ARG A 33 -6.39 16.01 16.49
N GLU A 34 -6.95 14.92 17.01
CA GLU A 34 -7.56 13.87 16.19
C GLU A 34 -8.80 14.35 15.43
N ASP A 35 -9.43 15.39 15.95
CA ASP A 35 -10.72 15.89 15.45
C ASP A 35 -10.79 16.05 13.92
N ARG A 36 -9.91 16.87 13.36
CA ARG A 36 -9.98 17.25 11.95
C ARG A 36 -9.94 16.06 10.97
N ARG A 37 -9.16 15.03 11.31
CA ARG A 37 -9.08 13.82 10.51
C ARG A 37 -10.47 13.20 10.35
N LEU A 38 -11.16 13.08 11.48
CA LEU A 38 -12.43 12.35 11.55
C LEU A 38 -13.60 13.17 11.00
N LEU A 39 -13.54 14.48 11.18
CA LEU A 39 -14.62 15.37 10.75
C LEU A 39 -14.70 15.45 9.22
N THR A 40 -13.54 15.51 8.58
CA THR A 40 -13.45 15.74 7.14
C THR A 40 -13.62 14.49 6.29
N GLY A 41 -13.17 13.35 6.82
CA GLY A 41 -13.21 12.10 6.07
C GLY A 41 -11.85 11.70 5.50
N THR A 42 -10.80 12.35 5.99
CA THR A 42 -9.43 12.00 5.65
C THR A 42 -9.00 10.76 6.44
N ALA A 43 -9.62 10.59 7.60
CA ALA A 43 -9.28 9.52 8.55
C ALA A 43 -9.48 8.13 7.96
N THR A 44 -8.45 7.30 8.06
CA THR A 44 -8.49 5.94 7.55
C THR A 44 -8.80 4.94 8.67
N PHE A 45 -9.77 4.07 8.42
CA PHE A 45 -10.06 2.95 9.30
C PHE A 45 -9.77 1.66 8.54
N ALA A 46 -9.42 0.61 9.28
CA ALA A 46 -9.01 -0.66 8.68
C ALA A 46 -9.93 -1.12 7.55
N GLY A 47 -11.22 -0.89 7.70
CA GLY A 47 -12.23 -1.24 6.70
C GLY A 47 -12.17 -0.39 5.43
N ASP A 48 -11.67 0.84 5.56
CA ASP A 48 -11.53 1.76 4.44
C ASP A 48 -10.42 1.37 3.49
N LEU A 49 -9.49 0.54 3.98
CA LEU A 49 -8.31 0.17 3.22
C LEU A 49 -8.58 -0.81 2.08
N GLY A 50 -8.01 -0.51 0.92
CA GLY A 50 -8.11 -1.35 -0.26
C GLY A 50 -6.74 -1.59 -0.87
N VAL A 51 -6.52 -2.81 -1.35
CA VAL A 51 -5.23 -3.21 -1.93
C VAL A 51 -5.49 -4.05 -3.19
N PRO A 52 -4.84 -3.70 -4.33
CA PRO A 52 -5.06 -4.42 -5.58
C PRO A 52 -4.72 -5.91 -5.48
N GLY A 53 -5.59 -6.74 -6.06
CA GLY A 53 -5.41 -8.19 -6.03
C GLY A 53 -5.97 -8.82 -4.76
N GLN A 54 -6.64 -7.99 -3.95
CA GLN A 54 -7.24 -8.41 -2.68
C GLN A 54 -8.06 -9.69 -2.76
N LEU A 55 -7.95 -10.49 -1.70
CA LEU A 55 -8.90 -11.56 -1.46
C LEU A 55 -9.74 -11.18 -0.25
N HIS A 56 -11.05 -11.29 -0.40
CA HIS A 56 -11.96 -11.00 0.69
C HIS A 56 -12.27 -12.26 1.43
N MET A 57 -12.00 -12.25 2.73
CA MET A 57 -12.21 -13.40 3.58
C MET A 57 -13.57 -13.34 4.26
N ARG A 58 -14.34 -14.42 4.11
CA ARG A 58 -15.54 -14.62 4.89
C ARG A 58 -15.36 -15.90 5.70
N ILE A 59 -15.66 -15.82 6.99
CA ILE A 59 -15.49 -16.96 7.88
C ILE A 59 -16.82 -17.67 8.15
N VAL A 60 -16.83 -18.97 7.86
CA VAL A 60 -17.94 -19.84 8.22
C VAL A 60 -17.83 -20.13 9.71
N ARG A 61 -18.80 -19.63 10.47
CA ARG A 61 -18.78 -19.74 11.91
C ARG A 61 -19.70 -20.85 12.42
N SER A 62 -19.52 -21.20 13.68
CA SER A 62 -20.29 -22.24 14.32
C SER A 62 -21.77 -21.87 14.44
N THR A 63 -22.63 -22.87 14.32
CA THR A 63 -24.06 -22.71 14.55
C THR A 63 -24.51 -23.61 15.70
N GLN A 64 -23.57 -24.41 16.20
CA GLN A 64 -23.79 -25.20 17.40
C GLN A 64 -23.00 -24.60 18.56
N ALA A 65 -23.62 -24.58 19.75
CA ALA A 65 -22.96 -24.09 20.95
C ALA A 65 -21.96 -25.11 21.45
N HIS A 66 -22.19 -26.38 21.14
CA HIS A 66 -21.35 -27.47 21.60
C HIS A 66 -21.60 -28.71 20.80
N ALA A 67 -20.56 -29.16 20.10
CA ALA A 67 -20.66 -30.31 19.20
C ALA A 67 -19.29 -30.77 18.68
N ARG A 68 -19.19 -32.06 18.37
CA ARG A 68 -18.07 -32.57 17.57
C ARG A 68 -18.52 -32.58 16.11
N ILE A 69 -17.58 -32.75 15.17
CA ILE A 69 -17.90 -32.57 13.75
C ILE A 69 -17.39 -33.61 12.75
N VAL A 70 -18.04 -33.64 11.58
CA VAL A 70 -17.62 -34.45 10.43
C VAL A 70 -17.78 -33.60 9.16
N SER A 71 -16.97 -32.55 9.05
CA SER A 71 -17.12 -31.52 8.01
C SER A 71 -17.06 -32.04 6.57
N ILE A 72 -17.78 -31.36 5.68
CA ILE A 72 -17.61 -31.55 4.24
C ILE A 72 -16.28 -30.90 3.84
N ASP A 73 -15.83 -31.24 2.65
CA ASP A 73 -14.97 -30.34 1.91
C ASP A 73 -15.78 -29.85 0.72
N ALA A 74 -16.32 -28.64 0.82
CA ALA A 74 -16.82 -27.95 -0.36
C ALA A 74 -15.52 -27.60 -1.10
N THR A 75 -15.30 -28.07 -2.34
CA THR A 75 -16.30 -28.46 -3.36
C THR A 75 -17.24 -27.31 -3.72
N GLU A 76 -18.53 -27.46 -3.41
CA GLU A 76 -19.54 -26.51 -3.89
C GLU A 76 -19.25 -25.04 -3.53
N ALA A 77 -18.43 -24.83 -2.51
CA ALA A 77 -17.86 -23.51 -2.27
C ALA A 77 -16.75 -23.25 -3.29
N GLU A 78 -15.70 -24.06 -3.26
CA GLU A 78 -14.54 -23.92 -4.17
C GLU A 78 -14.93 -23.94 -5.66
N LYS A 79 -16.07 -24.58 -5.95
CA LYS A 79 -16.60 -24.68 -7.31
C LYS A 79 -17.07 -23.34 -7.87
N THR A 80 -17.69 -22.53 -7.01
CA THR A 80 -18.20 -21.22 -7.40
C THR A 80 -17.09 -20.32 -7.94
N PRO A 81 -17.19 -19.92 -9.23
CA PRO A 81 -16.11 -19.16 -9.86
C PRO A 81 -15.90 -17.83 -9.17
N GLY A 82 -14.64 -17.47 -8.95
CA GLY A 82 -14.30 -16.30 -8.16
C GLY A 82 -13.82 -16.69 -6.78
N VAL A 83 -13.91 -17.98 -6.46
CA VAL A 83 -13.37 -18.49 -5.20
C VAL A 83 -11.98 -19.08 -5.45
N ARG A 84 -10.99 -18.52 -4.76
CA ARG A 84 -9.60 -18.89 -4.94
C ARG A 84 -9.19 -20.07 -4.05
N MET A 85 -9.74 -20.10 -2.84
CA MET A 85 -9.34 -21.09 -1.84
C MET A 85 -10.29 -21.11 -0.65
N VAL A 86 -10.33 -22.23 0.06
CA VAL A 86 -11.11 -22.38 1.28
C VAL A 86 -10.24 -23.00 2.38
N ILE A 87 -10.07 -22.27 3.48
CA ILE A 87 -9.22 -22.71 4.58
C ILE A 87 -10.02 -23.51 5.61
N THR A 88 -9.64 -24.76 5.78
CA THR A 88 -10.18 -25.61 6.84
C THR A 88 -9.15 -25.70 7.96
N SER A 89 -9.47 -26.44 9.01
CA SER A 89 -8.51 -26.70 10.09
C SER A 89 -7.30 -27.48 9.61
N GLU A 90 -7.47 -28.24 8.52
CA GLU A 90 -6.37 -28.95 7.89
C GLU A 90 -5.15 -28.06 7.72
N HIS A 91 -5.37 -26.83 7.25
CA HIS A 91 -4.30 -25.89 6.96
C HIS A 91 -3.73 -25.23 8.19
N THR A 92 -4.61 -24.63 8.99
CA THR A 92 -4.20 -23.77 10.11
C THR A 92 -3.68 -24.53 11.32
N ARG A 93 -4.08 -25.79 11.47
CA ARG A 93 -3.69 -26.57 12.64
C ARG A 93 -2.26 -27.10 12.56
N HIS A 94 -1.63 -27.00 11.39
CA HIS A 94 -0.22 -27.36 11.26
C HIS A 94 0.62 -26.40 10.44
N LEU A 95 0.96 -25.23 11.00
CA LEU A 95 0.37 -24.66 12.20
C LEU A 95 0.05 -23.18 11.83
N GLY A 96 -0.07 -22.22 12.76
CA GLY A 96 0.38 -22.32 14.14
C GLY A 96 -0.56 -22.95 15.14
N SER A 97 0.01 -23.27 16.29
CA SER A 97 -0.72 -23.79 17.43
C SER A 97 -1.66 -22.74 17.98
N VAL A 98 -2.63 -23.21 18.75
CA VAL A 98 -3.48 -22.39 19.63
C VAL A 98 -2.92 -21.00 19.96
N LEU A 99 -3.78 -19.99 19.90
CA LEU A 99 -3.44 -18.61 20.31
C LEU A 99 -2.70 -18.58 21.66
N LEU A 100 -1.92 -17.54 21.90
CA LEU A 100 -0.86 -17.66 22.91
C LEU A 100 -0.85 -16.74 24.14
N GLU A 101 -2.01 -16.18 24.50
CA GLU A 101 -2.12 -15.37 25.73
C GLU A 101 -1.03 -14.29 25.78
N GLU A 102 -0.58 -13.92 26.98
CA GLU A 102 0.44 -12.88 27.12
C GLU A 102 1.41 -13.16 28.27
N LEU A 103 2.29 -12.20 28.55
CA LEU A 103 3.11 -12.23 29.76
C LEU A 103 2.22 -12.73 30.88
N GLY A 104 2.70 -13.71 31.66
CA GLY A 104 4.12 -14.03 31.75
C GLY A 104 4.25 -14.23 33.24
N TYR A 105 3.23 -13.71 33.92
CA TYR A 105 2.77 -14.23 35.18
C TYR A 105 1.70 -15.25 34.84
N HIS A 106 0.86 -15.61 35.81
CA HIS A 106 -0.26 -16.53 35.61
C HIS A 106 0.10 -17.90 35.08
N GLU A 107 1.35 -18.09 34.67
CA GLU A 107 1.82 -19.40 34.23
C GLU A 107 2.10 -20.25 35.46
N ILE A 108 1.05 -20.46 36.25
CA ILE A 108 1.12 -21.12 37.56
C ILE A 108 0.20 -22.35 37.53
N TYR A 109 -0.73 -22.31 36.59
CA TYR A 109 -1.53 -23.47 36.20
C TYR A 109 -1.05 -23.68 34.77
N GLU A 110 -1.60 -24.66 34.06
CA GLU A 110 -1.18 -24.82 32.66
C GLU A 110 -2.28 -24.99 31.62
N ASN A 111 -2.52 -23.88 30.91
CA ASN A 111 -3.43 -23.78 29.77
C ASN A 111 -2.54 -23.59 28.54
N ILE A 112 -2.86 -24.15 27.37
CA ILE A 112 -4.13 -24.78 26.96
C ILE A 112 -4.47 -26.11 27.62
N GLU A 113 -5.75 -26.54 27.68
CA GLU A 113 -6.99 -25.74 27.56
C GLU A 113 -7.21 -24.81 26.36
N ASP A 114 -7.42 -23.53 26.67
CA ASP A 114 -7.52 -22.44 25.73
C ASP A 114 -6.11 -21.88 25.55
N PHE A 115 -5.82 -21.09 24.50
CA PHE A 115 -6.74 -20.13 23.85
C PHE A 115 -7.81 -20.60 22.84
N SER A 116 -8.12 -19.68 21.92
CA SER A 116 -9.48 -19.48 21.40
C SER A 116 -10.03 -20.47 20.36
N HIS A 117 -9.67 -20.29 19.08
CA HIS A 117 -10.32 -21.07 18.02
C HIS A 117 -9.90 -22.55 17.99
N PRO A 118 -8.59 -22.85 18.09
CA PRO A 118 -7.39 -22.07 17.84
C PRO A 118 -6.42 -22.88 16.96
N VAL A 119 -6.35 -22.60 15.65
CA VAL A 119 -6.97 -21.44 15.03
C VAL A 119 -8.32 -21.75 14.36
N LEU A 120 -8.52 -23.03 14.01
CA LEU A 120 -9.80 -23.49 13.49
C LEU A 120 -10.00 -24.91 14.01
N ALA A 121 -11.17 -25.20 14.53
CA ALA A 121 -11.42 -26.50 15.15
C ALA A 121 -12.04 -27.50 14.18
N VAL A 122 -11.49 -28.70 14.14
CA VAL A 122 -12.11 -29.84 13.46
C VAL A 122 -12.33 -30.99 14.45
N ASP A 123 -12.13 -30.69 15.73
CA ASP A 123 -12.48 -31.63 16.79
C ASP A 123 -13.83 -31.21 17.34
N LYS A 124 -13.82 -30.39 18.39
CA LYS A 124 -15.02 -29.94 19.06
C LYS A 124 -15.28 -28.47 18.76
N VAL A 125 -16.55 -28.07 18.90
CA VAL A 125 -16.95 -26.68 18.78
C VAL A 125 -17.53 -26.27 20.12
N LEU A 126 -17.21 -25.06 20.58
CA LEU A 126 -17.53 -24.66 21.96
C LEU A 126 -18.38 -23.40 22.15
N TYR A 127 -18.88 -22.83 21.06
CA TYR A 127 -19.83 -21.70 21.13
C TYR A 127 -20.31 -21.29 19.75
N VAL A 128 -21.58 -20.89 19.65
CA VAL A 128 -22.10 -20.34 18.41
C VAL A 128 -21.37 -19.04 18.13
N GLY A 129 -20.60 -19.03 17.04
CA GLY A 129 -19.77 -17.89 16.67
C GLY A 129 -18.34 -18.28 16.36
N GLN A 130 -17.93 -19.46 16.82
CA GLN A 130 -16.55 -19.93 16.67
C GLN A 130 -16.18 -20.19 15.21
N PRO A 131 -15.05 -19.60 14.75
CA PRO A 131 -14.54 -19.83 13.41
C PRO A 131 -14.23 -21.30 13.15
N VAL A 132 -14.79 -21.84 12.07
CA VAL A 132 -14.57 -23.22 11.69
C VAL A 132 -13.80 -23.26 10.36
N VAL A 133 -14.32 -22.54 9.37
CA VAL A 133 -13.79 -22.55 8.02
C VAL A 133 -13.77 -21.13 7.46
N ALA A 134 -12.68 -20.77 6.79
CA ALA A 134 -12.59 -19.47 6.12
C ALA A 134 -12.54 -19.66 4.62
N VAL A 135 -13.30 -18.83 3.89
CA VAL A 135 -13.26 -18.82 2.44
C VAL A 135 -12.52 -17.57 1.94
N LEU A 136 -12.05 -17.61 0.69
CA LEU A 136 -11.36 -16.47 0.09
C LEU A 136 -11.87 -16.24 -1.33
N ALA A 137 -12.48 -15.07 -1.54
CA ALA A 137 -13.08 -14.72 -2.82
C ALA A 137 -12.56 -13.38 -3.36
N VAL A 138 -13.02 -13.01 -4.55
CA VAL A 138 -12.57 -11.79 -5.23
C VAL A 138 -13.24 -10.53 -4.67
N ASP A 139 -14.55 -10.62 -4.43
CA ASP A 139 -15.26 -9.57 -3.70
C ASP A 139 -15.89 -10.14 -2.43
N PRO A 140 -16.33 -9.27 -1.49
CA PRO A 140 -16.88 -9.80 -0.24
C PRO A 140 -18.26 -10.45 -0.41
N TYR A 141 -18.93 -10.13 -1.52
CA TYR A 141 -20.25 -10.67 -1.81
C TYR A 141 -20.18 -12.15 -2.18
N LEU A 142 -19.26 -12.48 -3.08
CA LEU A 142 -19.03 -13.86 -3.50
C LEU A 142 -18.49 -14.71 -2.36
N ALA A 143 -17.88 -14.05 -1.38
CA ALA A 143 -17.38 -14.71 -0.19
C ALA A 143 -18.53 -15.28 0.65
N GLU A 144 -19.45 -14.42 1.06
CA GLU A 144 -20.63 -14.84 1.82
C GLU A 144 -21.51 -15.77 0.99
N ASP A 145 -21.55 -15.53 -0.32
CA ASP A 145 -22.26 -16.40 -1.27
C ASP A 145 -21.83 -17.85 -1.18
N ALA A 146 -20.51 -18.07 -1.19
CA ALA A 146 -19.95 -19.42 -1.23
C ALA A 146 -19.80 -20.03 0.16
N ALA A 147 -19.64 -19.19 1.18
CA ALA A 147 -19.54 -19.63 2.56
C ALA A 147 -20.81 -20.37 3.00
N GLU A 148 -21.95 -19.90 2.49
CA GLU A 148 -23.24 -20.56 2.73
C GLU A 148 -23.22 -22.00 2.22
N LEU A 149 -22.66 -22.18 1.02
CA LEU A 149 -22.67 -23.47 0.32
C LEU A 149 -21.79 -24.53 1.00
N VAL A 150 -21.04 -24.12 2.01
CA VAL A 150 -20.29 -25.04 2.86
C VAL A 150 -21.27 -25.74 3.81
N SER A 151 -21.16 -27.06 3.92
CA SER A 151 -22.01 -27.82 4.83
C SER A 151 -21.18 -28.56 5.88
N ILE A 152 -21.50 -28.33 7.15
CA ILE A 152 -20.77 -28.97 8.23
C ILE A 152 -21.66 -29.96 8.99
N GLU A 153 -21.16 -31.17 9.14
CA GLU A 153 -21.86 -32.21 9.91
C GLU A 153 -21.58 -32.03 11.39
N TYR A 154 -22.64 -32.03 12.19
CA TYR A 154 -22.52 -31.81 13.63
C TYR A 154 -23.10 -32.96 14.45
N GLU A 155 -22.46 -33.24 15.57
CA GLU A 155 -23.08 -34.03 16.61
C GLU A 155 -23.18 -33.20 17.89
N PRO A 156 -24.40 -32.71 18.21
CA PRO A 156 -24.64 -31.90 19.39
C PRO A 156 -24.17 -32.59 20.67
N LEU A 157 -23.82 -31.78 21.67
CA LEU A 157 -23.39 -32.27 22.97
C LEU A 157 -24.04 -31.44 24.07
N PRO A 158 -24.22 -32.02 25.27
CA PRO A 158 -24.78 -31.30 26.42
C PRO A 158 -24.22 -29.89 26.57
N VAL A 159 -25.11 -28.92 26.63
CA VAL A 159 -24.75 -27.50 26.56
C VAL A 159 -24.63 -26.86 27.94
N LEU A 160 -23.44 -26.36 28.26
CA LEU A 160 -23.20 -25.63 29.50
C LEU A 160 -23.51 -24.14 29.32
N LEU A 161 -24.12 -23.55 30.34
CA LEU A 161 -24.50 -22.13 30.31
C LEU A 161 -24.37 -21.43 31.67
N ASP A 162 -24.56 -22.19 32.75
CA ASP A 162 -24.51 -21.65 34.11
C ASP A 162 -23.12 -21.87 34.74
N PRO A 163 -22.50 -20.77 35.22
CA PRO A 163 -21.17 -20.82 35.85
C PRO A 163 -21.04 -21.80 37.03
N GLU A 164 -22.10 -21.95 37.82
CA GLU A 164 -22.08 -22.87 38.97
C GLU A 164 -22.11 -24.32 38.51
N GLU A 165 -23.05 -24.62 37.60
CA GLU A 165 -23.18 -25.95 37.02
C GLU A 165 -21.91 -26.37 36.28
N ALA A 166 -21.10 -25.39 35.89
CA ALA A 166 -19.85 -25.63 35.17
C ALA A 166 -18.83 -26.44 35.97
N LEU A 167 -18.60 -26.04 37.22
CA LEU A 167 -17.53 -26.64 38.04
C LEU A 167 -17.92 -27.95 38.73
N THR A 168 -19.23 -28.20 38.88
CA THR A 168 -19.73 -29.36 39.60
C THR A 168 -20.11 -30.50 38.65
N GLY A 169 -19.17 -30.94 37.83
CA GLY A 169 -19.48 -31.86 36.72
C GLY A 169 -20.62 -31.26 35.92
N LYS A 170 -21.44 -32.06 35.26
CA LYS A 170 -21.14 -33.45 34.92
C LYS A 170 -20.69 -33.32 33.46
N VAL A 171 -21.10 -32.21 32.86
CA VAL A 171 -20.74 -31.83 31.50
C VAL A 171 -19.36 -31.17 31.52
N GLU A 172 -18.57 -31.41 30.48
CA GLU A 172 -17.22 -30.88 30.38
C GLU A 172 -16.91 -30.31 28.99
N LEU A 173 -16.02 -29.33 28.96
CA LEU A 173 -15.66 -28.66 27.70
C LEU A 173 -14.33 -29.14 27.14
N PHE A 174 -13.38 -29.44 28.04
CA PHE A 174 -12.07 -29.91 27.65
C PHE A 174 -11.89 -31.36 28.10
N PRO A 175 -12.55 -32.30 27.39
CA PRO A 175 -12.87 -33.66 27.86
C PRO A 175 -11.71 -34.46 28.45
N GLY A 176 -10.49 -33.91 28.40
CA GLY A 176 -9.34 -34.52 29.06
C GLY A 176 -9.45 -34.46 30.57
N ARG A 177 -8.49 -33.83 31.22
CA ARG A 177 -8.52 -33.66 32.68
C ARG A 177 -8.72 -32.19 33.07
N GLY A 178 -8.21 -31.29 32.22
CA GLY A 178 -8.39 -29.84 32.36
C GLY A 178 -8.82 -29.34 33.74
N ASN A 179 -10.11 -29.12 33.95
CA ASN A 179 -11.13 -29.20 32.89
C ASN A 179 -11.99 -27.96 32.75
N GLU A 180 -12.16 -27.19 33.83
CA GLU A 180 -13.00 -25.99 33.79
C GLU A 180 -12.46 -24.75 34.51
N GLY A 181 -11.20 -24.40 34.23
CA GLY A 181 -10.70 -23.07 34.59
C GLY A 181 -9.49 -22.94 35.49
N ALA A 182 -9.46 -21.85 36.24
CA ALA A 182 -8.40 -21.55 37.20
C ALA A 182 -9.00 -21.10 38.52
N ARG A 183 -8.38 -21.51 39.63
CA ARG A 183 -8.83 -21.10 40.97
C ARG A 183 -7.88 -20.09 41.59
N ILE A 184 -8.39 -18.87 41.82
CA ILE A 184 -7.59 -17.77 42.35
C ILE A 184 -8.10 -17.35 43.74
N LYS A 185 -7.24 -17.55 44.74
CA LYS A 185 -7.57 -17.22 46.13
C LYS A 185 -6.67 -16.13 46.71
N LYS A 186 -7.20 -15.37 47.66
CA LYS A 186 -6.45 -14.33 48.37
C LYS A 186 -6.96 -14.15 49.80
N ALA A 187 -6.05 -14.24 50.79
CA ALA A 187 -6.43 -14.13 52.20
C ALA A 187 -5.29 -13.74 53.14
N TYR A 188 -5.68 -13.17 54.29
CA TYR A 188 -4.79 -12.86 55.43
C TYR A 188 -5.58 -12.12 56.50
N GLY A 189 -4.92 -11.84 57.63
CA GLY A 189 -5.62 -11.48 58.87
C GLY A 189 -6.40 -12.71 59.30
N ASP A 190 -7.02 -12.67 60.47
CA ASP A 190 -7.92 -13.75 60.83
C ASP A 190 -9.34 -13.39 60.45
N ILE A 191 -9.81 -14.02 59.37
CA ILE A 191 -11.16 -13.80 58.86
C ILE A 191 -12.18 -14.33 59.86
N ASP A 192 -12.01 -15.58 60.29
CA ASP A 192 -13.04 -16.25 61.10
C ASP A 192 -13.20 -15.71 62.52
N ARG A 193 -12.11 -15.40 63.21
CA ARG A 193 -12.21 -14.85 64.56
C ARG A 193 -12.82 -13.44 64.53
N ALA A 194 -12.66 -12.77 63.39
CA ALA A 194 -13.37 -11.53 63.12
C ALA A 194 -14.86 -11.81 62.94
N PHE A 195 -15.17 -12.91 62.27
CA PHE A 195 -16.56 -13.34 62.08
C PHE A 195 -17.18 -13.87 63.36
N ALA A 196 -16.35 -14.47 64.21
CA ALA A 196 -16.79 -14.95 65.51
C ALA A 196 -16.98 -13.78 66.48
N GLU A 197 -16.14 -12.76 66.35
CA GLU A 197 -16.09 -11.63 67.28
C GLU A 197 -17.00 -10.48 66.84
N ALA A 198 -18.17 -10.83 66.29
CA ALA A 198 -19.06 -9.84 65.70
C ALA A 198 -20.53 -10.15 65.98
N GLU A 199 -21.34 -9.11 66.12
CA GLU A 199 -22.77 -9.26 66.38
C GLU A 199 -23.52 -9.58 65.09
N HIS A 200 -23.42 -8.69 64.11
CA HIS A 200 -24.20 -8.75 62.88
C HIS A 200 -23.38 -9.29 61.74
N VAL A 201 -23.85 -10.36 61.11
CA VAL A 201 -23.15 -10.96 59.97
C VAL A 201 -24.09 -11.07 58.76
N ILE A 202 -23.63 -10.58 57.61
CA ILE A 202 -24.49 -10.40 56.44
C ILE A 202 -24.08 -11.23 55.21
N ARG A 203 -25.09 -11.84 54.59
CA ARG A 203 -24.90 -12.78 53.49
C ARG A 203 -25.84 -12.47 52.33
N HIS A 204 -25.34 -12.61 51.10
CA HIS A 204 -26.18 -12.57 49.90
C HIS A 204 -25.45 -12.92 48.63
N LYS A 205 -26.20 -13.44 47.66
CA LYS A 205 -25.68 -13.87 46.38
C LYS A 205 -26.13 -12.91 45.27
N TYR A 206 -25.17 -12.24 44.63
CA TYR A 206 -25.45 -11.31 43.55
C TYR A 206 -25.03 -11.87 42.21
N VAL A 207 -25.81 -11.55 41.16
CA VAL A 207 -25.55 -12.07 39.82
C VAL A 207 -25.50 -10.91 38.83
N THR A 208 -24.46 -10.89 38.00
CA THR A 208 -24.23 -9.77 37.07
C THR A 208 -24.36 -10.16 35.59
N ASN A 209 -24.65 -9.13 34.79
CA ASN A 209 -24.89 -9.21 33.34
C ASN A 209 -23.86 -9.95 32.51
N ARG A 210 -24.13 -9.99 31.20
CA ARG A 210 -23.12 -10.27 30.22
C ARG A 210 -23.16 -9.15 29.18
N HIS A 211 -22.26 -8.18 29.29
CA HIS A 211 -22.06 -7.22 28.20
C HIS A 211 -20.73 -7.39 27.53
N SER A 212 -20.50 -6.44 26.62
CA SER A 212 -19.17 -6.09 26.15
C SER A 212 -19.23 -4.62 25.75
N GLY A 213 -18.20 -4.16 25.05
CA GLY A 213 -18.15 -2.79 24.54
C GLY A 213 -19.18 -2.54 23.48
N VAL A 214 -19.21 -3.41 22.47
CA VAL A 214 -20.03 -3.22 21.26
C VAL A 214 -19.75 -1.81 20.69
N PRO A 215 -18.51 -1.57 20.23
CA PRO A 215 -18.19 -0.29 19.62
C PRO A 215 -18.82 -0.16 18.23
N MET A 216 -18.74 1.05 17.67
CA MET A 216 -19.41 1.34 16.41
C MET A 216 -18.66 0.80 15.19
N GLU A 217 -17.34 0.64 15.32
CA GLU A 217 -16.56 -0.03 14.30
C GLU A 217 -16.46 -1.52 14.65
N PRO A 218 -16.99 -2.39 13.77
CA PRO A 218 -16.73 -3.81 13.96
C PRO A 218 -15.27 -4.11 13.65
N ARG A 219 -14.81 -5.30 14.01
CA ARG A 219 -13.41 -5.70 13.79
C ARG A 219 -13.06 -5.73 12.31
N ALA A 220 -11.81 -5.37 12.00
CA ALA A 220 -11.34 -5.35 10.62
C ALA A 220 -9.82 -5.53 10.55
N VAL A 221 -9.39 -6.36 9.59
CA VAL A 221 -7.96 -6.63 9.38
C VAL A 221 -7.63 -6.66 7.88
N VAL A 222 -6.53 -5.99 7.52
CA VAL A 222 -5.98 -6.08 6.17
C VAL A 222 -4.53 -6.51 6.28
N VAL A 223 -4.14 -7.48 5.46
CA VAL A 223 -2.75 -7.94 5.42
C VAL A 223 -2.21 -7.93 3.99
N GLN A 224 -1.06 -7.26 3.84
CA GLN A 224 -0.35 -7.23 2.57
C GLN A 224 1.00 -7.91 2.73
N PRO A 225 1.24 -8.99 1.97
CA PRO A 225 2.56 -9.60 2.02
C PRO A 225 3.52 -8.95 1.03
N ASP A 226 4.79 -8.90 1.41
CA ASP A 226 5.87 -8.65 0.47
C ASP A 226 6.35 -10.05 0.11
N PRO A 227 5.75 -10.65 -0.95
CA PRO A 227 5.98 -12.08 -1.20
C PRO A 227 7.44 -12.39 -1.51
N ALA A 228 8.14 -11.42 -2.10
CA ALA A 228 9.59 -11.50 -2.28
C ALA A 228 10.21 -11.68 -0.92
N ARG A 229 11.06 -12.69 -0.79
CA ARG A 229 11.78 -13.06 0.44
C ARG A 229 11.73 -12.06 1.61
N ASP A 230 10.54 -11.76 2.11
CA ASP A 230 10.37 -10.70 3.11
C ASP A 230 9.23 -10.90 4.12
N THR A 231 8.35 -9.90 4.18
CA THR A 231 7.56 -9.59 5.38
C THR A 231 6.05 -9.68 5.20
N LEU A 232 5.35 -9.04 6.14
CA LEU A 232 3.90 -8.87 6.11
C LEU A 232 3.55 -7.47 6.61
N PHE A 233 2.61 -6.81 5.95
CA PHE A 233 2.11 -5.51 6.39
C PHE A 233 0.72 -5.72 6.94
N ILE A 234 0.48 -5.24 8.17
CA ILE A 234 -0.77 -5.50 8.88
C ILE A 234 -1.42 -4.22 9.41
N TRP A 235 -2.73 -4.09 9.16
CA TRP A 235 -3.47 -2.91 9.55
C TRP A 235 -4.69 -3.30 10.34
N GLY A 236 -4.73 -2.91 11.61
CA GLY A 236 -5.85 -3.23 12.50
C GLY A 236 -5.44 -3.33 13.95
N ASP A 242 1.01 -3.65 18.68
CA ASP A 242 2.32 -4.14 19.12
C ASP A 242 2.32 -5.62 19.48
N ASN A 243 1.16 -6.26 19.38
CA ASN A 243 1.08 -7.71 19.59
C ASN A 243 1.20 -8.53 18.31
N ARG A 244 1.83 -7.89 17.34
CA ARG A 244 2.76 -8.53 16.42
C ARG A 244 3.41 -9.77 17.05
N ARG A 245 3.83 -9.62 18.31
CA ARG A 245 4.64 -10.61 19.02
C ARG A 245 4.13 -12.05 18.92
N ILE A 246 2.80 -12.21 18.98
CA ILE A 246 2.19 -13.53 18.93
C ILE A 246 2.18 -14.09 17.51
N ILE A 247 1.57 -13.34 16.59
CA ILE A 247 1.49 -13.72 15.17
C ILE A 247 2.87 -14.08 14.63
N ALA A 248 3.84 -13.21 14.90
CA ALA A 248 5.24 -13.46 14.55
C ALA A 248 5.67 -14.84 15.03
N LYS A 249 5.45 -15.10 16.32
CA LYS A 249 5.83 -16.38 16.92
C LYS A 249 5.12 -17.58 16.29
N MET A 250 3.79 -17.52 16.20
CA MET A 250 3.01 -18.66 15.69
C MET A 250 3.41 -18.99 14.26
N LEU A 251 3.58 -17.95 13.44
CA LEU A 251 4.02 -18.13 12.07
C LEU A 251 5.53 -18.41 11.97
N ASN A 252 6.23 -18.24 13.08
CA ASN A 252 7.70 -18.36 13.13
C ASN A 252 8.33 -17.51 12.03
N LEU A 253 7.82 -16.28 11.91
CA LEU A 253 8.21 -15.35 10.87
C LEU A 253 9.22 -14.27 11.32
N PRO A 254 9.44 -14.12 12.65
CA PRO A 254 10.38 -13.06 13.01
C PRO A 254 11.83 -13.45 12.65
N GLU A 255 12.85 -12.66 12.96
CA GLU A 255 12.74 -11.31 13.53
C GLU A 255 11.81 -10.46 12.69
N VAL A 256 10.86 -9.83 13.36
CA VAL A 256 9.82 -9.03 12.71
C VAL A 256 10.44 -7.91 11.85
N ASN A 257 10.27 -7.95 10.51
CA ASN A 257 9.32 -8.81 9.76
C ASN A 257 7.86 -8.56 10.12
N VAL A 258 7.60 -7.38 10.70
CA VAL A 258 6.33 -7.12 11.37
C VAL A 258 5.12 -7.30 10.43
N ARG A 259 4.64 -6.25 9.76
CA ARG A 259 4.95 -4.85 10.01
C ARG A 259 3.63 -4.16 10.27
N MET A 260 3.30 -3.97 11.55
CA MET A 260 2.03 -3.35 11.92
C MET A 260 2.02 -1.90 11.49
N LYS A 261 0.94 -1.53 10.79
CA LYS A 261 0.80 -0.19 10.25
C LYS A 261 -0.31 0.57 10.96
N HIS A 262 -0.13 1.88 11.07
CA HIS A 262 -1.09 2.73 11.77
C HIS A 262 -2.39 2.85 11.04
N VAL A 263 -3.47 2.57 11.78
CA VAL A 263 -4.82 2.91 11.36
C VAL A 263 -5.56 3.39 12.60
N GLU A 264 -6.41 4.40 12.42
CA GLU A 264 -7.24 4.87 13.53
C GLU A 264 -8.31 3.85 13.86
N ILE A 265 -8.59 3.72 15.15
CA ILE A 265 -9.55 2.74 15.66
C ILE A 265 -10.79 3.47 16.16
N GLY A 266 -11.95 2.85 16.00
CA GLY A 266 -13.21 3.45 16.39
C GLY A 266 -13.89 2.77 17.57
N GLY A 267 -13.18 2.71 18.70
CA GLY A 267 -13.74 2.10 19.90
C GLY A 267 -13.17 0.72 20.19
N SER A 268 -12.38 0.62 21.24
CA SER A 268 -11.90 -0.66 21.73
C SER A 268 -12.64 -1.03 23.00
N PHE A 269 -12.63 -0.12 23.98
CA PHE A 269 -13.17 -0.38 25.32
C PHE A 269 -12.62 -1.69 25.88
N GLY A 270 -11.44 -2.06 25.37
CA GLY A 270 -10.78 -3.30 25.73
C GLY A 270 -11.39 -4.54 25.08
N VAL A 271 -12.37 -4.35 24.21
CA VAL A 271 -13.04 -5.46 23.52
C VAL A 271 -12.19 -6.00 22.38
N LYS A 272 -11.70 -5.10 21.52
CA LYS A 272 -10.86 -5.49 20.39
C LYS A 272 -9.54 -6.12 20.86
N GLY A 273 -9.26 -5.95 22.15
CA GLY A 273 -8.22 -6.70 22.87
C GLY A 273 -6.87 -6.84 22.20
N GLY A 274 -6.55 -8.07 21.80
CA GLY A 274 -5.26 -8.38 21.20
C GLY A 274 -5.38 -9.26 19.97
N VAL A 275 -5.05 -10.54 20.12
CA VAL A 275 -5.04 -11.49 19.02
C VAL A 275 -6.33 -12.29 18.95
N PHE A 276 -6.94 -12.28 17.76
CA PHE A 276 -8.09 -13.14 17.47
C PHE A 276 -7.67 -14.24 16.50
N PRO A 277 -8.51 -15.27 16.34
CA PRO A 277 -8.29 -16.29 15.31
C PRO A 277 -8.24 -15.67 13.91
N GLU A 278 -9.15 -14.75 13.63
CA GLU A 278 -9.22 -14.05 12.36
C GLU A 278 -7.91 -13.34 12.05
N ASN A 279 -7.31 -12.75 13.08
CA ASN A 279 -6.02 -12.07 12.96
C ASN A 279 -4.93 -12.96 12.36
N VAL A 280 -4.83 -14.19 12.86
CA VAL A 280 -3.76 -15.09 12.42
C VAL A 280 -4.04 -15.85 11.12
N VAL A 281 -5.31 -16.21 10.89
CA VAL A 281 -5.70 -16.85 9.63
C VAL A 281 -5.28 -15.96 8.47
N ALA A 282 -5.63 -14.67 8.56
CA ALA A 282 -5.29 -13.67 7.56
C ALA A 282 -3.80 -13.67 7.25
N ALA A 283 -2.98 -13.58 8.30
CA ALA A 283 -1.52 -13.57 8.17
C ALA A 283 -0.99 -14.83 7.50
N TRP A 284 -1.42 -15.99 7.98
CA TRP A 284 -1.06 -17.30 7.39
C TRP A 284 -1.35 -17.32 5.92
N ALA A 285 -2.61 -17.02 5.57
CA ALA A 285 -3.08 -17.11 4.20
C ALA A 285 -2.38 -16.09 3.31
N ALA A 286 -2.21 -14.87 3.82
CA ALA A 286 -1.49 -13.82 3.10
C ALA A 286 -0.05 -14.25 2.82
N ARG A 287 0.57 -14.90 3.80
CA ARG A 287 1.94 -15.37 3.67
C ARG A 287 2.07 -16.49 2.64
N THR A 288 1.24 -17.53 2.77
CA THR A 288 1.35 -18.72 1.94
C THR A 288 0.73 -18.58 0.53
N LEU A 289 0.32 -17.36 0.19
CA LEU A 289 -0.27 -17.08 -1.12
C LEU A 289 0.39 -15.90 -1.84
N GLY A 290 0.88 -14.93 -1.08
CA GLY A 290 1.46 -13.71 -1.64
C GLY A 290 0.41 -12.79 -2.20
N VAL A 291 -0.82 -12.94 -1.70
CA VAL A 291 -1.97 -12.19 -2.18
C VAL A 291 -2.55 -11.37 -1.03
N PRO A 292 -2.78 -10.06 -1.26
CA PRO A 292 -3.39 -9.18 -0.27
C PRO A 292 -4.70 -9.77 0.24
N ILE A 293 -4.87 -9.77 1.57
CA ILE A 293 -6.04 -10.37 2.20
C ILE A 293 -6.73 -9.37 3.12
N LYS A 294 -8.03 -9.21 2.91
CA LYS A 294 -8.81 -8.24 3.66
C LYS A 294 -10.00 -8.90 4.37
N TRP A 295 -10.20 -8.48 5.61
CA TRP A 295 -11.30 -8.99 6.42
C TRP A 295 -11.97 -7.90 7.19
N THR A 296 -13.29 -7.84 7.08
CA THR A 296 -14.09 -6.87 7.82
C THR A 296 -15.28 -7.59 8.43
N GLU A 297 -15.49 -7.35 9.72
CA GLU A 297 -16.43 -8.13 10.50
C GLU A 297 -17.88 -7.70 10.29
N ASP A 298 -18.76 -8.71 10.23
CA ASP A 298 -20.20 -8.51 10.22
C ASP A 298 -20.63 -8.17 11.65
N ARG A 299 -21.64 -7.32 11.80
CA ARG A 299 -22.10 -6.94 13.13
C ARG A 299 -22.61 -8.15 13.90
N VAL A 300 -23.42 -8.97 13.24
CA VAL A 300 -23.89 -10.24 13.79
C VAL A 300 -22.70 -11.07 14.28
N GLU A 301 -21.62 -11.05 13.52
CA GLU A 301 -20.38 -11.72 13.92
C GLU A 301 -19.87 -11.17 15.24
N HIS A 302 -19.79 -9.84 15.33
CA HIS A 302 -19.28 -9.16 16.54
C HIS A 302 -19.98 -9.61 17.79
N MET A 303 -21.31 -9.59 17.75
CA MET A 303 -22.14 -9.91 18.91
C MET A 303 -22.01 -11.36 19.36
N THR A 304 -21.36 -12.18 18.53
CA THR A 304 -21.19 -13.61 18.82
C THR A 304 -19.74 -14.07 18.81
N SER A 305 -18.83 -13.20 18.38
CA SER A 305 -17.43 -13.59 18.20
C SER A 305 -16.46 -12.89 19.15
N THR A 306 -16.76 -11.64 19.52
CA THR A 306 -15.78 -10.82 20.22
C THR A 306 -15.98 -10.71 21.71
N SER A 307 -14.88 -10.39 22.40
CA SER A 307 -14.81 -10.26 23.84
C SER A 307 -16.13 -9.97 24.53
N HIS A 308 -16.67 -10.98 25.20
CA HIS A 308 -17.77 -10.78 26.14
C HIS A 308 -17.15 -10.45 27.47
N ALA A 309 -17.98 -10.11 28.46
CA ALA A 309 -17.49 -9.76 29.80
C ALA A 309 -18.65 -9.64 30.79
N ARG A 310 -18.32 -9.16 31.98
CA ARG A 310 -19.31 -8.76 33.00
C ARG A 310 -20.04 -9.90 33.74
N GLU A 311 -19.99 -11.10 33.20
CA GLU A 311 -20.75 -12.20 33.77
C GLU A 311 -20.08 -12.81 34.99
N MET A 312 -20.59 -12.45 36.17
CA MET A 312 -20.05 -12.92 37.43
C MET A 312 -21.15 -13.22 38.45
N VAL A 313 -20.88 -14.20 39.30
CA VAL A 313 -21.72 -14.51 40.47
C VAL A 313 -20.91 -14.18 41.71
N HIS A 314 -21.55 -13.54 42.68
CA HIS A 314 -20.86 -13.17 43.91
C HIS A 314 -21.59 -13.63 45.14
N LYS A 315 -20.99 -14.58 45.85
CA LYS A 315 -21.43 -14.90 47.21
C LYS A 315 -20.65 -13.97 48.14
N LEU A 316 -21.36 -13.32 49.04
CA LEU A 316 -20.73 -12.33 49.92
C LEU A 316 -21.13 -12.41 51.38
N GLU A 317 -20.12 -12.58 52.23
CA GLU A 317 -20.30 -12.56 53.68
C GLU A 317 -19.64 -11.30 54.23
N LEU A 318 -20.32 -10.63 55.16
CA LEU A 318 -19.81 -9.40 55.75
C LEU A 318 -20.00 -9.40 57.27
N ALA A 319 -18.92 -9.09 57.99
CA ALA A 319 -18.92 -9.07 59.45
C ALA A 319 -18.91 -7.65 59.99
N LEU A 320 -19.70 -7.43 61.05
CA LEU A 320 -19.87 -6.09 61.62
C LEU A 320 -19.88 -6.10 63.14
N ASP A 321 -19.32 -5.05 63.73
CA ASP A 321 -19.49 -4.79 65.15
C ASP A 321 -20.75 -3.94 65.36
N ALA A 322 -21.11 -3.73 66.62
CA ALA A 322 -22.29 -2.93 66.97
C ALA A 322 -22.17 -1.48 66.50
N GLU A 323 -20.94 -1.06 66.21
CA GLU A 323 -20.69 0.26 65.64
C GLU A 323 -20.95 0.27 64.14
N GLY A 324 -20.67 -0.85 63.48
CA GLY A 324 -20.97 -1.00 62.06
C GLY A 324 -19.77 -0.84 61.14
N ARG A 325 -18.57 -0.81 61.70
CA ARG A 325 -17.37 -0.83 60.87
C ARG A 325 -17.09 -2.25 60.39
N ILE A 326 -16.34 -2.36 59.29
CA ILE A 326 -16.02 -3.65 58.69
C ILE A 326 -14.98 -4.38 59.54
N LEU A 327 -15.20 -5.67 59.73
CA LEU A 327 -14.24 -6.54 60.40
C LEU A 327 -13.67 -7.56 59.41
N GLY A 328 -14.37 -7.73 58.29
CA GLY A 328 -13.91 -8.60 57.21
C GLY A 328 -14.96 -8.94 56.16
N MET A 329 -14.52 -9.14 54.92
CA MET A 329 -15.38 -9.65 53.84
C MET A 329 -15.07 -11.13 53.65
N LYS A 330 -15.49 -11.72 52.53
CA LYS A 330 -15.25 -13.16 52.33
C LYS A 330 -15.36 -13.79 50.93
N ASP A 331 -16.59 -14.09 50.50
CA ASP A 331 -16.83 -15.31 49.71
C ASP A 331 -16.73 -15.35 48.17
N GLU A 332 -17.11 -16.53 47.66
CA GLU A 332 -16.86 -16.99 46.29
C GLU A 332 -17.33 -16.07 45.16
N ILE A 333 -16.58 -16.10 44.06
CA ILE A 333 -16.95 -15.42 42.83
C ILE A 333 -16.75 -16.40 41.67
N PHE A 334 -17.75 -16.50 40.80
CA PHE A 334 -17.66 -17.37 39.62
C PHE A 334 -17.74 -16.54 38.33
N HIS A 335 -16.60 -16.40 37.65
CA HIS A 335 -16.54 -15.64 36.41
C HIS A 335 -16.84 -16.51 35.22
N ASN A 336 -17.89 -16.18 34.48
CA ASN A 336 -18.19 -16.92 33.25
C ASN A 336 -17.34 -16.42 32.08
N HIS A 337 -16.16 -17.03 31.96
CA HIS A 337 -15.16 -16.65 30.95
C HIS A 337 -15.55 -16.92 29.51
N GLY A 338 -16.77 -17.40 29.29
CA GLY A 338 -17.15 -17.87 27.97
C GLY A 338 -16.43 -19.18 27.70
N ALA A 339 -16.12 -19.45 26.44
CA ALA A 339 -15.57 -20.74 26.05
C ALA A 339 -14.05 -20.88 26.18
N TYR A 340 -13.33 -19.76 26.11
CA TYR A 340 -11.87 -19.81 26.08
C TYR A 340 -11.16 -18.68 26.83
N PHE A 341 -9.83 -18.74 26.76
CA PHE A 341 -8.93 -17.74 27.36
C PHE A 341 -8.33 -16.87 26.27
N ARG A 342 -8.93 -15.70 26.07
CA ARG A 342 -8.32 -14.67 25.27
C ARG A 342 -7.56 -13.76 26.21
N GLN A 343 -7.51 -12.47 25.91
CA GLN A 343 -6.95 -11.49 26.83
C GLN A 343 -8.12 -10.66 27.36
N ALA A 344 -8.43 -10.72 28.65
CA ALA A 344 -7.54 -11.19 29.74
C ALA A 344 -7.44 -12.71 29.98
N GLU A 345 -6.37 -13.10 30.70
CA GLU A 345 -5.79 -14.43 30.58
C GLU A 345 -5.18 -15.14 31.82
N PRO A 346 -5.88 -15.14 32.97
CA PRO A 346 -7.11 -14.51 33.41
C PRO A 346 -6.76 -13.27 34.23
N LEU A 347 -6.00 -12.37 33.60
CA LEU A 347 -5.63 -11.08 34.17
C LEU A 347 -6.83 -10.47 34.88
N VAL A 348 -7.95 -10.35 34.16
CA VAL A 348 -9.22 -9.85 34.70
C VAL A 348 -9.64 -10.64 35.94
N SER A 349 -9.63 -11.97 35.82
CA SER A 349 -10.05 -12.84 36.92
C SER A 349 -9.12 -12.75 38.13
N ASP A 350 -7.84 -12.50 37.87
CA ASP A 350 -6.91 -12.26 38.97
C ASP A 350 -7.18 -10.92 39.63
N ILE A 351 -7.45 -9.89 38.82
CA ILE A 351 -7.73 -8.55 39.32
C ILE A 351 -9.00 -8.53 40.18
N THR A 352 -10.07 -9.11 39.65
CA THR A 352 -11.38 -9.10 40.33
C THR A 352 -11.27 -9.63 41.76
N ALA A 353 -10.65 -10.79 41.91
CA ALA A 353 -10.45 -11.43 43.21
C ALA A 353 -9.63 -10.56 44.16
N GLY A 354 -8.95 -9.56 43.60
CA GLY A 354 -8.12 -8.65 44.39
C GLY A 354 -8.87 -7.47 44.97
N ILE A 355 -9.71 -6.82 44.15
CA ILE A 355 -10.36 -5.57 44.55
C ILE A 355 -11.90 -5.59 44.56
N VAL A 356 -12.46 -6.54 45.29
CA VAL A 356 -13.90 -6.53 45.56
C VAL A 356 -14.17 -5.64 46.78
N PHE A 357 -13.12 -5.37 47.54
CA PHE A 357 -13.21 -4.57 48.77
C PHE A 357 -13.17 -3.05 48.53
N GLY A 358 -12.69 -2.65 47.35
CA GLY A 358 -12.65 -1.23 46.98
C GLY A 358 -11.87 -0.32 47.93
N PRO A 359 -12.43 0.86 48.24
CA PRO A 359 -11.80 1.80 49.17
C PRO A 359 -12.41 1.72 50.57
N TYR A 360 -11.92 0.81 51.40
CA TYR A 360 -12.52 0.60 52.72
C TYR A 360 -11.52 0.14 53.77
N ARG A 361 -11.91 0.29 55.03
CA ARG A 361 -11.28 -0.43 56.12
C ARG A 361 -11.73 -1.87 55.97
N VAL A 362 -10.83 -2.73 55.50
CA VAL A 362 -11.13 -4.17 55.44
C VAL A 362 -10.01 -4.96 56.10
N PRO A 363 -10.16 -5.25 57.40
CA PRO A 363 -9.13 -5.92 58.20
C PRO A 363 -8.64 -7.25 57.60
N ALA A 364 -9.57 -8.04 57.04
CA ALA A 364 -9.24 -9.38 56.54
C ALA A 364 -10.35 -9.91 55.63
N TYR A 365 -9.99 -10.78 54.68
CA TYR A 365 -10.98 -11.52 53.89
C TYR A 365 -10.43 -12.69 53.05
N ASP A 366 -11.34 -13.53 52.57
CA ASP A 366 -11.01 -14.85 52.03
C ASP A 366 -10.98 -14.96 50.49
N ALA A 367 -11.67 -14.04 49.82
CA ALA A 367 -11.75 -13.99 48.34
C ALA A 367 -11.25 -15.20 47.57
N THR A 368 -12.20 -16.05 47.14
CA THR A 368 -11.88 -17.21 46.30
C THR A 368 -12.65 -17.14 44.99
N LEU A 369 -11.91 -17.18 43.87
CA LEU A 369 -12.50 -16.94 42.55
C LEU A 369 -12.36 -18.12 41.60
N HIS A 370 -13.42 -18.39 40.86
CA HIS A 370 -13.43 -19.44 39.85
C HIS A 370 -13.54 -18.85 38.48
N ALA A 371 -12.52 -19.07 37.66
CA ALA A 371 -12.59 -18.74 36.24
C ALA A 371 -13.13 -19.96 35.52
N VAL A 372 -14.40 -19.92 35.14
CA VAL A 372 -15.06 -21.09 34.55
C VAL A 372 -15.48 -20.89 33.10
N PHE A 373 -15.76 -21.99 32.41
CA PHE A 373 -16.13 -21.95 31.00
C PHE A 373 -17.54 -22.45 30.73
N THR A 374 -18.18 -21.81 29.75
CA THR A 374 -19.47 -22.25 29.23
C THR A 374 -19.48 -22.03 27.73
N ASN A 375 -20.50 -22.55 27.05
CA ASN A 375 -20.60 -22.45 25.60
C ASN A 375 -21.03 -21.06 25.12
N LYS A 376 -20.18 -20.08 25.38
CA LYS A 376 -20.48 -18.69 25.05
C LYS A 376 -19.23 -18.02 24.49
N THR A 377 -19.43 -16.86 23.87
CA THR A 377 -18.34 -16.07 23.30
C THR A 377 -17.28 -15.75 24.36
N PRO A 378 -16.01 -16.15 24.09
CA PRO A 378 -14.87 -15.97 25.01
C PRO A 378 -14.74 -14.53 25.51
N VAL A 379 -14.33 -14.41 26.76
CA VAL A 379 -14.35 -13.13 27.48
C VAL A 379 -13.03 -12.35 27.37
N GLY A 380 -13.14 -11.04 27.19
CA GLY A 380 -12.01 -10.13 27.21
C GLY A 380 -12.16 -9.08 28.29
N ALA A 381 -11.41 -7.98 28.15
CA ALA A 381 -11.39 -6.94 29.18
C ALA A 381 -12.17 -5.68 28.77
N TYR A 382 -13.47 -5.69 29.06
CA TYR A 382 -14.33 -4.54 28.80
C TYR A 382 -14.03 -3.45 29.84
N ARG A 383 -14.14 -2.19 29.40
CA ARG A 383 -13.85 -1.00 30.21
C ARG A 383 -14.04 -1.23 31.72
N ALA A 384 -12.96 -1.04 32.46
CA ALA A 384 -12.89 -1.37 33.88
C ALA A 384 -13.38 -2.80 34.12
N PRO A 385 -12.59 -3.79 33.67
CA PRO A 385 -13.02 -5.18 33.80
C PRO A 385 -12.89 -5.66 35.25
N GLY A 386 -13.95 -6.29 35.75
CA GLY A 386 -13.96 -6.78 37.12
C GLY A 386 -14.30 -5.73 38.15
N ARG A 387 -14.40 -4.47 37.74
CA ARG A 387 -14.69 -3.38 38.65
C ARG A 387 -16.18 -3.03 38.71
N TYR A 388 -16.83 -3.02 37.55
CA TYR A 388 -18.28 -2.88 37.47
C TYR A 388 -18.94 -4.02 38.24
N GLU A 389 -18.39 -5.21 38.04
CA GLU A 389 -18.91 -6.46 38.62
C GLU A 389 -18.80 -6.47 40.14
N SER A 390 -17.59 -6.26 40.66
CA SER A 390 -17.33 -6.27 42.10
C SER A 390 -18.03 -5.11 42.81
N THR A 391 -17.90 -3.92 42.24
CA THR A 391 -18.47 -2.68 42.80
C THR A 391 -19.99 -2.78 42.99
N PHE A 392 -20.64 -3.56 42.13
CA PHE A 392 -22.06 -3.84 42.33
C PHE A 392 -22.25 -4.62 43.62
N ALA A 393 -21.66 -5.82 43.68
CA ALA A 393 -21.84 -6.73 44.80
C ALA A 393 -21.59 -6.12 46.17
N ARG A 394 -20.62 -5.21 46.25
CA ARG A 394 -20.26 -4.58 47.52
C ARG A 394 -21.27 -3.49 47.93
N GLU A 395 -21.46 -2.48 47.07
CA GLU A 395 -22.39 -1.39 47.37
C GLU A 395 -23.84 -1.87 47.41
N ARG A 396 -24.03 -3.18 47.33
CA ARG A 396 -25.36 -3.79 47.42
C ARG A 396 -25.44 -4.70 48.65
N ILE A 397 -24.30 -5.24 49.07
CA ILE A 397 -24.19 -5.93 50.34
C ILE A 397 -24.06 -4.91 51.47
N PHE A 398 -23.79 -3.65 51.07
CA PHE A 398 -23.69 -2.54 52.02
C PHE A 398 -25.07 -1.97 52.31
N ASP A 399 -25.79 -1.58 51.26
CA ASP A 399 -27.16 -1.08 51.39
C ASP A 399 -28.03 -2.06 52.18
N LEU A 400 -27.65 -3.34 52.15
CA LEU A 400 -28.38 -4.40 52.83
C LEU A 400 -28.08 -4.47 54.32
N ALA A 401 -26.84 -4.14 54.69
CA ALA A 401 -26.46 -4.00 56.10
C ALA A 401 -27.12 -2.74 56.66
N CYS A 402 -27.14 -1.68 55.85
CA CYS A 402 -27.80 -0.43 56.19
C CYS A 402 -29.31 -0.58 56.27
N ALA A 403 -29.80 -1.74 55.82
CA ALA A 403 -31.19 -2.12 56.01
C ALA A 403 -31.34 -2.95 57.27
N GLU A 404 -30.47 -3.95 57.44
CA GLU A 404 -30.57 -4.87 58.56
C GLU A 404 -30.16 -4.30 59.91
N ILE A 405 -29.28 -3.29 59.90
CA ILE A 405 -28.97 -2.53 61.11
C ILE A 405 -29.77 -1.23 61.12
N GLY A 406 -30.34 -0.88 59.97
CA GLY A 406 -31.18 0.32 59.86
C GLY A 406 -30.41 1.63 59.82
N LEU A 407 -29.13 1.56 60.17
CA LEU A 407 -28.21 2.71 60.11
C LEU A 407 -28.19 3.31 58.71
N SER A 408 -28.02 4.64 58.63
CA SER A 408 -28.11 5.37 57.37
C SER A 408 -27.11 4.90 56.31
N LYS A 409 -27.65 4.53 55.15
CA LYS A 409 -26.88 4.10 53.97
C LYS A 409 -25.67 4.96 53.67
N THR A 410 -25.83 6.27 53.81
CA THR A 410 -24.79 7.24 53.49
C THR A 410 -23.67 7.22 54.53
N GLU A 411 -24.00 7.46 55.79
CA GLU A 411 -22.97 7.57 56.84
C GLU A 411 -22.36 6.23 57.25
N PHE A 412 -22.91 5.12 56.76
CA PHE A 412 -22.22 3.84 56.86
C PHE A 412 -20.86 4.02 56.21
N ARG A 413 -20.89 4.41 54.93
CA ARG A 413 -19.70 4.67 54.13
C ARG A 413 -18.85 5.78 54.74
N ARG A 414 -19.52 6.78 55.32
CA ARG A 414 -18.84 7.88 55.97
C ARG A 414 -18.13 7.41 57.25
N ARG A 415 -18.74 6.45 57.94
CA ARG A 415 -18.19 5.88 59.15
C ARG A 415 -17.02 4.93 58.86
N ASN A 416 -16.97 4.44 57.63
CA ASN A 416 -16.34 3.15 57.38
C ASN A 416 -15.45 3.02 56.14
N LEU A 417 -15.39 4.06 55.32
CA LEU A 417 -14.35 4.10 54.30
C LEU A 417 -12.99 4.38 54.97
N LEU A 418 -11.99 4.73 54.16
CA LEU A 418 -10.58 4.93 54.55
C LEU A 418 -10.14 5.08 56.02
N THR A 419 -8.83 5.26 56.15
CA THR A 419 -8.14 5.56 57.38
C THR A 419 -7.40 6.87 57.13
N ALA A 420 -8.13 7.98 57.17
CA ALA A 420 -7.58 9.32 56.89
C ALA A 420 -6.10 9.46 57.24
N GLU A 421 -5.76 9.04 58.46
CA GLU A 421 -4.42 9.16 59.00
C GLU A 421 -3.58 7.92 58.70
N ASP A 422 -4.19 6.74 58.79
CA ASP A 422 -3.48 5.48 58.59
C ASP A 422 -3.22 5.17 57.10
N LEU A 423 -2.43 6.05 56.48
CA LEU A 423 -1.92 5.89 55.14
C LEU A 423 -0.41 6.11 55.20
N PRO A 424 0.38 5.40 54.37
CA PRO A 424 0.08 4.32 53.43
C PRO A 424 -0.68 3.17 54.06
N TRP A 425 -1.64 2.61 53.33
CA TRP A 425 -2.47 1.53 53.83
C TRP A 425 -2.28 0.27 53.02
N THR A 426 -1.22 -0.47 53.35
CA THR A 426 -0.92 -1.75 52.71
C THR A 426 -1.96 -2.78 53.18
N PRO A 427 -2.86 -3.19 52.27
CA PRO A 427 -4.10 -3.90 52.60
C PRO A 427 -3.93 -5.25 53.30
N GLY A 428 -5.03 -5.70 53.91
CA GLY A 428 -5.11 -6.98 54.61
C GLY A 428 -5.85 -8.00 53.76
N LEU A 429 -5.46 -9.27 53.95
CA LEU A 429 -5.65 -10.35 52.98
C LEU A 429 -4.36 -10.48 52.17
N ASP A 430 -4.31 -11.40 51.22
CA ASP A 430 -3.16 -11.53 50.34
C ASP A 430 -3.16 -10.37 49.33
N ILE A 431 -2.48 -9.30 49.69
CA ILE A 431 -2.53 -8.05 48.94
C ILE A 431 -1.19 -7.31 49.01
N VAL A 432 -0.89 -6.48 48.00
CA VAL A 432 -1.83 -6.13 46.93
C VAL A 432 -2.05 -7.26 45.91
N HIS A 433 -0.96 -7.90 45.48
CA HIS A 433 -0.99 -8.91 44.42
C HIS A 433 -2.02 -8.59 43.35
N GLU A 434 -1.84 -7.46 42.67
CA GLU A 434 -2.77 -7.04 41.60
C GLU A 434 -2.06 -6.41 40.39
N PRO A 435 -1.77 -7.23 39.36
CA PRO A 435 -1.95 -8.68 39.44
C PRO A 435 -0.90 -9.30 40.35
N TYR A 436 0.27 -8.66 40.43
CA TYR A 436 1.40 -9.18 41.21
C TYR A 436 2.34 -8.11 41.73
N HIS A 437 3.44 -8.59 42.31
CA HIS A 437 4.62 -7.83 42.75
C HIS A 437 4.58 -6.33 42.60
N PHE A 438 4.52 -5.57 43.71
CA PHE A 438 4.32 -6.08 45.06
C PHE A 438 3.31 -5.19 45.81
N ASP A 439 3.69 -3.92 45.94
CA ASP A 439 3.13 -2.99 46.93
C ASP A 439 3.30 -1.55 46.41
N SER A 440 2.24 -0.73 46.39
CA SER A 440 0.82 -1.03 46.66
C SER A 440 0.26 -0.11 47.73
N GLY A 441 -0.92 -0.46 48.24
CA GLY A 441 -1.57 0.30 49.28
C GLY A 441 -2.15 1.60 48.76
N ASP A 442 -2.95 2.26 49.58
CA ASP A 442 -3.55 3.53 49.20
C ASP A 442 -2.70 4.67 49.74
N VAL A 443 -1.94 5.30 48.85
CA VAL A 443 -1.18 6.51 49.17
C VAL A 443 -1.76 7.70 48.43
N VAL A 444 -2.64 7.40 47.48
CA VAL A 444 -3.44 8.42 46.82
C VAL A 444 -4.25 9.13 47.90
N LYS A 445 -4.68 10.35 47.58
CA LYS A 445 -5.26 11.25 48.56
C LYS A 445 -6.41 10.69 49.41
N HIS A 446 -6.77 11.48 50.42
CA HIS A 446 -7.88 11.24 51.35
C HIS A 446 -9.20 10.97 50.67
N PHE A 447 -9.89 9.93 51.18
CA PHE A 447 -11.11 9.37 50.61
C PHE A 447 -12.38 10.21 50.73
N ASN A 448 -12.60 10.74 51.92
CA ASN A 448 -13.93 11.12 52.39
C ASN A 448 -14.29 12.53 52.09
N GLU A 449 -13.41 13.45 52.47
CA GLU A 449 -13.62 14.85 52.12
C GLU A 449 -13.81 15.00 50.63
N ALA A 450 -13.59 13.88 49.91
CA ALA A 450 -14.10 13.70 48.56
C ALA A 450 -15.60 13.41 48.64
N LEU A 451 -15.97 12.24 49.20
CA LEU A 451 -17.39 11.89 49.43
C LEU A 451 -18.14 13.03 50.12
N GLU A 452 -17.50 13.66 51.10
CA GLU A 452 -18.05 14.84 51.76
C GLU A 452 -18.19 16.00 50.77
N ALA A 453 -17.06 16.44 50.22
CA ALA A 453 -17.02 17.61 49.33
C ALA A 453 -17.74 17.38 47.99
N ALA A 454 -17.79 16.14 47.55
CA ALA A 454 -18.46 15.79 46.29
C ALA A 454 -19.97 15.69 46.46
N ASN A 455 -20.49 16.27 47.54
CA ASN A 455 -21.92 16.38 47.73
C ASN A 455 -22.42 17.81 47.53
N PHE A 456 -22.13 18.34 46.35
CA PHE A 456 -22.86 19.48 45.84
C PHE A 456 -24.17 18.93 45.31
N SER A 457 -25.28 19.48 45.81
CA SER A 457 -26.65 19.12 45.39
C SER A 457 -27.30 17.91 46.11
N GLU A 458 -26.52 17.08 46.79
CA GLU A 458 -27.03 15.80 47.30
C GLU A 458 -28.24 15.87 48.26
N TRP A 459 -28.06 16.53 49.41
CA TRP A 459 -29.06 16.43 50.49
C TRP A 459 -30.36 17.12 50.20
N LEU A 460 -30.37 17.97 49.17
CA LEU A 460 -31.61 18.57 48.72
C LEU A 460 -32.16 17.83 47.49
N GLU A 461 -31.34 16.95 46.92
CA GLU A 461 -31.82 15.92 46.00
C GLU A 461 -32.62 14.90 46.80
N GLU A 462 -32.44 14.93 48.12
CA GLU A 462 -33.12 14.02 49.03
C GLU A 462 -34.60 14.34 49.23
N SER A 463 -34.92 15.64 49.29
CA SER A 463 -36.27 16.11 49.60
C SER A 463 -37.34 15.54 48.67
N LYS A 464 -37.86 14.38 49.06
CA LYS A 464 -38.83 13.61 48.30
C LYS A 464 -39.76 12.90 49.29
N ARG A 465 -40.93 12.44 48.84
CA ARG A 465 -41.37 12.52 47.44
C ARG A 465 -42.16 13.80 47.19
N LEU A 466 -42.56 14.45 48.27
CA LEU A 466 -43.66 15.41 48.27
C LEU A 466 -44.82 14.61 47.70
N ARG A 467 -45.24 13.63 48.52
CA ARG A 467 -45.75 12.33 48.08
C ARG A 467 -46.10 12.18 46.60
N ALA A 468 -45.23 11.44 45.90
CA ALA A 468 -45.25 11.39 44.46
C ALA A 468 -44.91 10.01 43.89
N ASP A 469 -44.00 10.02 42.93
CA ASP A 469 -43.80 8.91 42.02
C ASP A 469 -42.37 8.99 41.48
N GLY A 470 -41.53 9.75 42.20
CA GLY A 470 -40.14 10.01 41.80
C GLY A 470 -39.14 9.09 42.48
N ARG A 471 -39.43 8.77 43.74
CA ARG A 471 -38.89 7.61 44.46
C ARG A 471 -37.39 7.40 44.74
N LYS A 472 -36.53 7.63 43.76
CA LYS A 472 -35.14 7.12 43.82
C LYS A 472 -34.04 8.05 44.34
N VAL A 473 -33.13 7.46 45.11
CA VAL A 473 -31.81 8.04 45.41
C VAL A 473 -30.83 6.90 45.74
N GLY A 474 -29.64 6.95 45.14
CA GLY A 474 -28.66 5.88 45.30
C GLY A 474 -27.21 6.31 45.18
N VAL A 475 -26.33 5.54 45.83
CA VAL A 475 -24.90 5.83 45.85
C VAL A 475 -24.05 4.63 45.44
N GLY A 476 -22.90 4.91 44.82
CA GLY A 476 -21.92 3.89 44.46
C GLY A 476 -20.51 4.44 44.56
N LEU A 477 -19.55 3.57 44.82
CA LEU A 477 -18.16 3.99 45.06
C LEU A 477 -17.16 3.23 44.20
N GLY A 478 -16.14 3.93 43.73
CA GLY A 478 -15.18 3.31 42.82
C GLY A 478 -13.72 3.57 43.09
N VAL A 479 -13.01 2.54 43.57
CA VAL A 479 -11.57 2.45 43.40
C VAL A 479 -11.36 1.79 42.04
N LEU A 480 -10.21 2.06 41.44
CA LEU A 480 -9.85 1.38 40.21
C LEU A 480 -8.37 1.01 40.25
N MET A 481 -8.08 -0.24 39.94
CA MET A 481 -6.73 -0.63 39.58
C MET A 481 -6.56 -0.16 38.13
N ASP A 482 -6.39 1.16 37.95
CA ASP A 482 -6.13 1.72 36.63
C ASP A 482 -4.73 1.30 36.17
N LYS A 483 -3.76 2.20 36.28
CA LYS A 483 -2.33 1.90 36.53
C LYS A 483 -1.66 0.62 36.03
N ALA A 484 -2.44 -0.43 35.84
CA ALA A 484 -2.00 -1.86 35.92
C ALA A 484 -0.57 -2.24 35.49
N GLY A 485 0.42 -1.42 35.86
CA GLY A 485 1.78 -1.51 35.33
C GLY A 485 2.17 -2.85 34.76
N LEU A 486 2.03 -3.10 33.44
CA LEU A 486 1.56 -2.20 32.34
C LEU A 486 2.54 -1.85 31.21
N GLY A 487 3.76 -1.45 31.54
CA GLY A 487 4.34 -1.76 32.83
C GLY A 487 5.05 -3.05 32.52
N LEU A 488 6.34 -3.09 32.77
CA LEU A 488 7.00 -2.09 33.58
C LEU A 488 7.16 -0.68 32.96
N PHE A 489 7.00 -0.56 31.63
CA PHE A 489 7.34 0.68 30.91
C PHE A 489 6.33 1.14 29.85
N GLU A 490 6.72 2.22 29.13
CA GLU A 490 6.13 2.60 27.84
C GLU A 490 6.98 3.57 27.02
N THR A 491 7.43 3.11 25.86
CA THR A 491 8.33 3.86 24.97
C THR A 491 7.74 5.19 24.49
N GLY A 492 8.63 6.14 24.21
CA GLY A 492 8.27 7.44 23.65
C GLY A 492 9.44 8.00 22.87
N GLY A 493 9.24 9.18 22.29
CA GLY A 493 10.29 9.84 21.52
C GLY A 493 9.87 11.19 20.99
N VAL A 494 10.84 12.10 20.85
CA VAL A 494 10.58 13.46 20.40
C VAL A 494 11.54 13.88 19.29
N GLU A 495 10.98 14.34 18.17
CA GLU A 495 11.78 14.84 17.05
C GLU A 495 11.44 16.26 16.66
N VAL A 496 12.42 17.14 16.76
CA VAL A 496 12.31 18.51 16.24
C VAL A 496 13.19 18.58 15.00
N SER A 497 12.65 19.15 13.92
CA SER A 497 13.39 19.26 12.67
C SER A 497 12.86 20.34 11.74
N ARG A 498 13.80 21.01 11.06
CA ARG A 498 13.51 21.93 9.95
C ARG A 498 12.19 22.68 10.05
N ALA A 499 11.28 22.38 9.12
CA ALA A 499 9.94 22.98 9.07
C ALA A 499 9.32 22.98 10.46
N GLY A 500 8.79 24.14 10.85
CA GLY A 500 8.38 24.41 12.22
C GLY A 500 7.40 23.46 12.88
N ARG A 501 7.77 22.19 12.96
CA ARG A 501 6.94 21.17 13.60
C ARG A 501 7.77 20.17 14.39
N VAL A 502 7.13 19.57 15.40
CA VAL A 502 7.75 18.54 16.24
C VAL A 502 6.96 17.25 16.08
N THR A 503 7.66 16.12 15.98
CA THR A 503 7.02 14.82 15.81
C THR A 503 7.29 13.92 17.01
N VAL A 504 6.20 13.46 17.64
CA VAL A 504 6.31 12.64 18.85
C VAL A 504 5.84 11.20 18.58
N LYS A 505 6.75 10.26 18.76
CA LYS A 505 6.45 8.85 18.61
C LYS A 505 6.12 8.26 19.98
N THR A 506 5.07 7.45 20.04
CA THR A 506 4.66 6.82 21.29
C THR A 506 4.28 5.36 21.12
N GLY A 507 4.45 4.58 22.19
CA GLY A 507 4.06 3.18 22.18
C GLY A 507 2.56 2.99 22.32
N GLY A 508 1.88 4.01 22.85
CA GLY A 508 0.44 3.96 23.06
C GLY A 508 -0.37 3.82 21.79
N SER A 509 -1.70 3.89 21.93
CA SER A 509 -2.59 3.76 20.80
C SER A 509 -3.76 4.74 20.90
N SER A 510 -4.06 5.40 19.77
CA SER A 510 -5.23 6.26 19.69
C SER A 510 -6.46 5.41 19.44
N VAL A 511 -7.36 5.42 20.41
CA VAL A 511 -8.55 4.60 20.35
C VAL A 511 -9.79 5.49 20.44
N GLY A 512 -9.57 6.76 20.80
CA GLY A 512 -10.63 7.75 20.86
C GLY A 512 -10.56 8.66 22.07
N GLN A 513 -9.67 8.33 22.99
CA GLN A 513 -9.53 9.05 24.26
C GLN A 513 -8.72 10.35 24.13
N GLY A 514 -8.27 10.65 22.92
CA GLY A 514 -7.47 11.85 22.67
C GLY A 514 -6.07 11.75 23.24
N ILE A 515 -5.45 10.59 23.05
CA ILE A 515 -4.07 10.34 23.51
C ILE A 515 -3.07 11.23 22.76
N GLU A 516 -3.29 11.38 21.46
CA GLU A 516 -2.41 12.19 20.61
C GLU A 516 -2.44 13.66 21.03
N THR A 517 -3.45 14.04 21.80
CA THR A 517 -3.59 15.40 22.30
C THR A 517 -2.93 15.57 23.67
N VAL A 518 -3.23 14.66 24.58
CA VAL A 518 -2.65 14.66 25.93
C VAL A 518 -1.13 14.78 25.85
N LEU A 519 -0.52 13.94 25.01
CA LEU A 519 0.91 13.99 24.77
C LEU A 519 1.32 15.33 24.16
N ALA A 520 0.52 15.81 23.20
CA ALA A 520 0.78 17.09 22.53
C ALA A 520 0.88 18.24 23.54
N GLN A 521 0.07 18.19 24.59
CA GLN A 521 0.13 19.18 25.67
C GLN A 521 1.40 18.98 26.50
N ILE A 522 1.54 17.77 27.07
CA ILE A 522 2.70 17.40 27.88
C ILE A 522 4.02 17.83 27.24
N VAL A 523 4.18 17.50 25.97
CA VAL A 523 5.37 17.88 25.20
C VAL A 523 5.44 19.39 25.05
N ALA A 524 4.36 20.00 24.57
CA ALA A 524 4.28 21.44 24.34
C ALA A 524 4.70 22.24 25.58
N GLU A 525 4.20 21.84 26.75
CA GLU A 525 4.57 22.48 28.01
C GLU A 525 6.07 22.42 28.26
N GLU A 526 6.65 21.23 28.10
CA GLU A 526 8.07 21.02 28.38
C GLU A 526 8.97 21.59 27.29
N LEU A 527 8.40 21.86 26.12
CA LEU A 527 9.17 22.33 24.96
C LEU A 527 8.94 23.79 24.58
N GLN A 528 7.95 24.43 25.19
CA GLN A 528 7.76 25.87 25.04
C GLN A 528 7.30 26.22 23.61
N ILE A 529 6.38 25.41 23.09
CA ILE A 529 5.91 25.51 21.72
C ILE A 529 4.46 25.07 21.59
N ALA A 530 3.65 25.88 20.89
CA ALA A 530 2.23 25.61 20.68
C ALA A 530 1.95 24.15 20.25
N PRO A 531 0.88 23.54 20.80
CA PRO A 531 0.55 22.15 20.48
C PRO A 531 0.02 21.96 19.05
N GLU A 532 -0.40 23.06 18.42
CA GLU A 532 -0.80 23.06 17.01
C GLU A 532 0.37 22.70 16.10
N ASN A 533 1.57 22.68 16.68
CA ASN A 533 2.80 22.38 15.96
C ASN A 533 3.31 20.97 16.21
N ILE A 534 2.77 20.31 17.23
CA ILE A 534 3.14 18.93 17.52
C ILE A 534 2.25 17.97 16.73
N ASP A 535 2.89 17.06 16.01
CA ASP A 535 2.20 15.93 15.40
C ASP A 535 2.61 14.68 16.18
N ILE A 536 1.69 13.74 16.30
CA ILE A 536 1.96 12.53 17.08
C ILE A 536 1.83 11.28 16.22
N VAL A 537 2.86 10.43 16.28
CA VAL A 537 2.90 9.17 15.56
C VAL A 537 2.88 8.01 16.55
N HIS A 538 2.06 7.01 16.26
CA HIS A 538 1.99 5.78 17.05
C HIS A 538 1.71 4.60 16.18
N SER A 539 1.85 3.41 16.77
CA SER A 539 1.38 2.15 16.17
C SER A 539 1.83 1.91 14.72
N ASP A 540 2.99 2.48 14.38
CA ASP A 540 3.70 2.14 13.16
C ASP A 540 4.97 1.42 13.60
N THR A 541 4.91 0.09 13.62
CA THR A 541 5.94 -0.74 14.26
C THR A 541 7.32 -0.71 13.60
N GLU A 542 7.37 -0.31 12.34
CA GLU A 542 8.64 -0.09 11.66
C GLU A 542 9.36 1.07 12.36
N LEU A 543 8.61 2.17 12.51
CA LEU A 543 9.08 3.36 13.22
C LEU A 543 9.27 3.13 14.70
N ILE A 544 8.31 2.43 15.32
CA ILE A 544 8.34 2.18 16.75
C ILE A 544 8.56 0.69 16.99
N PRO A 545 9.84 0.30 17.19
CA PRO A 545 10.26 -1.10 17.24
C PRO A 545 9.70 -1.83 18.45
N ASP A 546 9.40 -1.08 19.51
CA ASP A 546 8.91 -1.68 20.75
C ASP A 546 7.98 -0.75 21.51
N GLY A 547 7.04 -1.36 22.22
CA GLY A 547 6.12 -0.62 23.05
C GLY A 547 5.01 -1.50 23.58
N VAL A 548 4.42 -1.03 24.68
CA VAL A 548 3.20 -1.61 25.22
C VAL A 548 2.05 -0.84 24.55
N GLY A 549 0.81 -1.30 24.74
CA GLY A 549 -0.35 -0.60 24.21
C GLY A 549 -0.95 0.37 25.20
N SER A 550 -2.26 0.54 25.13
CA SER A 550 -2.99 1.34 26.09
C SER A 550 -4.06 0.48 26.76
N TRP A 551 -3.76 0.02 27.96
CA TRP A 551 -4.67 -0.82 28.73
C TRP A 551 -5.14 -0.12 29.97
N SER A 552 -5.83 -0.88 30.82
CA SER A 552 -6.28 -0.42 32.14
C SER A 552 -5.74 0.96 32.50
N SER A 553 -6.47 1.98 32.04
CA SER A 553 -6.19 3.40 32.26
C SER A 553 -4.72 3.72 32.58
N ARG A 554 -3.86 3.54 31.58
CA ARG A 554 -2.43 3.50 31.81
C ARG A 554 -1.59 4.67 31.32
N SER A 555 -1.74 4.99 30.04
CA SER A 555 -0.68 5.63 29.26
C SER A 555 -0.29 7.06 29.61
N THR A 556 -1.22 7.87 30.12
CA THR A 556 -0.89 9.27 30.39
C THR A 556 0.28 9.43 31.37
N VAL A 557 0.26 8.66 32.46
CA VAL A 557 1.40 8.63 33.38
C VAL A 557 2.60 7.95 32.73
N LEU A 558 2.36 6.82 32.06
CA LEU A 558 3.42 6.02 31.46
C LEU A 558 3.94 6.62 30.16
N ALA A 559 3.15 6.55 29.09
CA ALA A 559 3.53 7.08 27.79
C ALA A 559 3.73 8.60 27.78
N GLY A 560 3.12 9.29 28.74
CA GLY A 560 3.35 10.72 28.94
C GLY A 560 4.68 10.97 29.63
N GLY A 561 5.02 10.10 30.58
CA GLY A 561 6.30 10.14 31.27
C GLY A 561 7.46 9.85 30.34
N ALA A 562 7.17 9.17 29.23
CA ALA A 562 8.13 8.94 28.16
C ALA A 562 8.35 10.24 27.40
N ALA A 563 7.24 10.81 26.94
CA ALA A 563 7.24 12.06 26.18
C ALA A 563 7.92 13.18 26.94
N ARG A 564 7.70 13.23 28.25
CA ARG A 564 8.41 14.18 29.09
C ARG A 564 9.90 13.87 29.07
N LYS A 565 10.26 12.62 29.36
CA LYS A 565 11.67 12.20 29.42
C LYS A 565 12.44 12.51 28.13
N ALA A 566 11.78 12.32 26.99
CA ALA A 566 12.36 12.64 25.69
C ALA A 566 12.45 14.15 25.48
N ALA A 567 11.35 14.85 25.71
CA ALA A 567 11.31 16.31 25.57
C ALA A 567 12.25 17.00 26.56
N LEU A 568 12.52 16.33 27.69
CA LEU A 568 13.49 16.80 28.67
C LEU A 568 14.93 16.51 28.24
N ALA A 569 15.09 15.60 27.28
CA ALA A 569 16.40 15.27 26.74
C ALA A 569 16.79 16.20 25.59
N VAL A 570 15.83 16.50 24.71
CA VAL A 570 16.08 17.41 23.59
C VAL A 570 16.44 18.81 24.08
N VAL A 571 15.79 19.25 25.16
CA VAL A 571 16.08 20.56 25.73
C VAL A 571 17.52 20.63 26.24
N GLU A 572 18.00 19.54 26.83
CA GLU A 572 19.41 19.49 27.25
C GLU A 572 20.35 19.30 26.06
N LYS A 573 19.87 18.67 24.99
CA LYS A 573 20.65 18.60 23.75
C LYS A 573 20.80 20.00 23.16
N ALA A 574 19.72 20.79 23.23
CA ALA A 574 19.73 22.17 22.76
C ALA A 574 20.45 23.08 23.75
N ARG A 575 19.83 23.34 24.90
CA ARG A 575 20.34 24.28 25.90
C ARG A 575 21.72 23.94 26.47
N ARG A 576 22.42 23.01 25.83
CA ARG A 576 23.83 22.74 26.12
C ARG A 576 24.70 22.64 24.86
N LEU A 577 24.13 22.16 23.75
CA LEU A 577 24.84 22.17 22.46
C LEU A 577 24.31 23.23 21.50
N ALA A 578 23.43 24.10 22.01
CA ALA A 578 23.10 25.35 21.35
C ALA A 578 23.84 26.45 22.11
N SER A 579 24.43 26.07 23.24
CA SER A 579 25.31 26.94 24.00
C SER A 579 26.59 27.18 23.22
N GLU A 580 27.02 26.16 22.47
CA GLU A 580 28.26 26.23 21.70
C GLU A 580 28.09 26.88 20.32
N MET A 581 26.88 26.76 19.77
CA MET A 581 26.56 27.33 18.45
C MET A 581 26.77 28.84 18.41
N LEU A 582 26.42 29.50 19.51
CA LEU A 582 26.78 30.88 19.74
C LEU A 582 27.75 30.92 20.92
N GLU A 583 28.04 32.13 21.40
CA GLU A 583 28.61 32.30 22.73
C GLU A 583 27.41 32.52 23.66
N ALA A 584 27.53 32.17 24.95
CA ALA A 584 28.64 31.44 25.54
C ALA A 584 28.03 30.25 26.27
N ASP A 585 28.60 29.84 27.40
CA ASP A 585 28.04 28.74 28.20
C ASP A 585 26.51 28.90 28.33
N PRO A 586 26.02 30.09 28.74
CA PRO A 586 26.70 31.19 29.46
C PRO A 586 27.07 30.87 30.93
N ASP A 587 26.29 30.05 31.65
CA ASP A 587 24.96 29.61 31.24
C ASP A 587 23.88 30.38 32.00
N ASP A 588 22.71 30.46 31.39
CA ASP A 588 22.04 31.73 31.28
C ASP A 588 20.70 31.92 31.99
N LEU A 589 20.29 33.18 32.04
CA LEU A 589 18.92 33.58 32.34
C LEU A 589 18.05 33.29 31.11
N GLU A 590 16.73 33.49 31.26
CA GLU A 590 15.71 33.18 30.24
C GLU A 590 15.92 31.85 29.49
N LEU A 591 15.32 30.78 29.98
CA LEU A 591 15.53 29.47 29.34
C LEU A 591 14.83 29.27 27.99
N THR A 592 13.56 29.67 27.86
CA THR A 592 12.85 29.49 26.58
C THR A 592 11.59 30.36 26.43
N ALA A 593 11.36 30.81 25.20
CA ALA A 593 10.09 31.37 24.76
C ALA A 593 9.78 30.79 23.38
N GLY A 594 10.38 29.63 23.12
CA GLY A 594 10.35 28.98 21.82
C GLY A 594 11.75 28.87 21.27
N SER A 595 12.65 29.67 21.84
CA SER A 595 14.02 29.80 21.38
C SER A 595 14.98 29.91 22.57
N PHE A 596 15.84 30.92 22.57
CA PHE A 596 16.68 31.27 23.72
C PHE A 596 17.34 32.62 23.49
N LYS A 597 16.66 33.69 23.91
CA LYS A 597 17.30 35.01 23.92
C LYS A 597 18.45 34.90 24.91
N VAL A 598 19.61 35.44 24.56
CA VAL A 598 20.83 35.21 25.34
C VAL A 598 21.20 36.38 26.26
N LYS A 599 21.54 36.04 27.50
CA LYS A 599 22.08 36.96 28.52
C LYS A 599 21.48 38.37 28.51
N GLY A 600 20.16 38.43 28.44
CA GLY A 600 19.44 39.66 28.18
C GLY A 600 18.55 39.40 26.98
N THR A 601 17.90 40.44 26.47
CA THR A 601 16.94 40.21 25.38
C THR A 601 17.52 40.39 23.97
N ASP A 602 18.82 40.68 23.87
CA ASP A 602 19.48 40.75 22.56
C ASP A 602 19.61 39.35 21.96
N GLN A 603 19.48 39.27 20.65
CA GLN A 603 18.87 38.10 20.00
C GLN A 603 19.57 36.73 20.03
N GLN A 604 18.92 35.77 19.37
CA GLN A 604 18.99 34.38 19.77
C GLN A 604 18.93 33.37 18.63
N ILE A 605 19.08 32.10 18.98
CA ILE A 605 18.81 31.01 18.07
C ILE A 605 17.44 30.39 18.38
N SER A 606 16.64 30.22 17.33
CA SER A 606 15.39 29.48 17.40
C SER A 606 15.68 28.02 17.73
N LEU A 607 14.64 27.26 18.07
CA LEU A 607 14.81 25.85 18.41
C LEU A 607 14.82 24.95 17.17
N TYR A 608 14.13 25.37 16.11
CA TYR A 608 14.15 24.66 14.84
C TYR A 608 15.46 24.88 14.09
N GLU A 609 16.07 26.03 14.30
CA GLU A 609 17.30 26.40 13.60
C GLU A 609 18.48 25.56 14.06
N ILE A 610 18.51 25.22 15.34
CA ILE A 610 19.47 24.27 15.90
C ILE A 610 19.34 22.94 15.15
N ALA A 611 18.12 22.43 15.11
CA ALA A 611 17.81 21.16 14.44
C ALA A 611 18.14 21.18 12.96
N ALA A 612 17.86 22.32 12.31
CA ALA A 612 18.18 22.51 10.89
C ALA A 612 19.67 22.41 10.62
N ALA A 613 20.48 22.81 11.60
CA ALA A 613 21.93 22.85 11.44
C ALA A 613 22.63 21.50 11.54
N ARG A 614 22.12 20.61 12.39
CA ARG A 614 22.88 19.46 12.83
C ARG A 614 22.40 18.10 12.28
N ASP A 615 22.51 17.92 10.96
CA ASP A 615 22.04 16.68 10.33
C ASP A 615 23.07 15.93 9.45
N PRO A 616 23.66 16.61 8.44
CA PRO A 616 24.75 15.93 7.74
C PRO A 616 26.09 16.15 8.47
N PHE A 617 26.11 17.18 9.31
CA PHE A 617 27.30 17.57 10.06
C PHE A 617 27.52 16.68 11.26
N THR A 618 27.95 15.43 10.99
CA THR A 618 28.52 14.56 12.02
C THR A 618 27.53 13.94 13.04
N ALA A 619 26.32 14.48 13.13
CA ALA A 619 25.29 13.92 14.03
C ALA A 619 23.84 14.20 13.62
N ARG A 620 22.89 13.72 14.43
CA ARG A 620 21.47 13.82 14.16
C ARG A 620 20.77 14.61 15.28
N ALA A 621 19.71 15.33 14.95
CA ALA A 621 19.19 16.40 15.82
C ALA A 621 17.91 16.12 16.63
N ASP A 622 17.92 15.05 17.42
CA ASP A 622 16.80 14.76 18.35
C ASP A 622 17.11 13.67 19.40
N ASN A 623 16.09 12.88 19.74
CA ASN A 623 16.09 12.06 20.94
C ASN A 623 14.91 11.09 21.02
N ASP A 624 15.19 9.87 21.50
CA ASP A 624 14.15 8.90 21.85
C ASP A 624 14.58 8.25 23.17
N GLU A 625 14.83 9.10 24.17
CA GLU A 625 15.45 8.68 25.45
C GLU A 625 14.79 7.53 26.24
N PRO A 626 13.48 7.29 26.05
CA PRO A 626 12.95 6.09 26.67
C PRO A 626 12.95 4.86 25.75
N GLY A 627 13.85 3.89 25.95
CA GLY A 627 14.89 3.90 26.99
C GLY A 627 16.11 3.09 26.60
N LEU A 628 16.83 2.54 27.60
CA LEU A 628 18.01 1.70 27.33
C LEU A 628 17.89 0.29 27.92
N ALA A 629 18.99 -0.46 27.93
CA ALA A 629 19.03 -1.84 28.47
C ALA A 629 18.55 -1.90 29.92
N ALA A 630 18.85 -0.85 30.68
CA ALA A 630 18.19 -0.61 31.95
C ALA A 630 17.03 0.38 31.76
N ASP A 631 16.09 -0.01 30.88
CA ASP A 631 14.73 0.54 30.80
C ASP A 631 14.51 2.07 30.82
N ALA A 632 13.31 2.45 30.36
CA ALA A 632 12.78 3.83 30.42
C ALA A 632 11.77 4.08 29.30
N VAL A 633 10.76 4.93 29.53
CA VAL A 633 10.38 5.42 30.84
C VAL A 633 9.66 4.27 31.51
N TYR A 634 9.87 4.09 32.80
CA TYR A 634 9.04 3.15 33.53
C TYR A 634 8.70 3.62 34.93
N MET A 635 7.39 3.65 35.20
CA MET A 635 6.88 4.12 36.47
C MET A 635 6.54 2.95 37.39
N ASN A 636 7.07 1.77 37.03
CA ASN A 636 7.33 0.67 37.96
C ASN A 636 6.16 0.30 38.88
N ASN A 637 5.51 -0.82 38.58
CA ASN A 637 4.42 -1.36 39.41
C ASN A 637 3.42 -0.28 39.84
N ALA A 638 3.41 0.83 39.11
CA ALA A 638 2.68 2.02 39.50
C ALA A 638 1.36 1.64 40.15
N MET A 639 1.24 1.97 41.43
CA MET A 639 -0.04 1.90 42.12
C MET A 639 -0.91 2.97 41.46
N ASN A 640 -1.35 3.97 42.22
CA ASN A 640 -2.09 5.10 41.63
C ASN A 640 -3.61 4.83 41.51
N TYR A 641 -4.26 4.69 42.66
CA TYR A 641 -5.68 4.35 42.73
C TYR A 641 -6.59 5.58 42.74
N PRO A 642 -7.39 5.78 41.68
CA PRO A 642 -8.35 6.87 41.71
C PRO A 642 -9.56 6.44 42.53
N TYR A 643 -10.48 7.36 42.79
CA TYR A 643 -11.65 7.05 43.60
C TYR A 643 -12.76 8.08 43.45
N GLY A 644 -13.98 7.68 43.82
CA GLY A 644 -15.12 8.58 43.79
C GLY A 644 -16.47 7.95 44.07
N VAL A 645 -17.52 8.72 43.81
CA VAL A 645 -18.90 8.36 44.09
C VAL A 645 -19.72 8.55 42.81
N THR A 646 -20.88 7.91 42.74
CA THR A 646 -21.89 8.21 41.73
C THR A 646 -23.22 8.48 42.42
N LEU A 647 -23.92 9.51 41.95
CA LEU A 647 -25.16 9.94 42.60
C LEU A 647 -26.32 9.93 41.61
N VAL A 648 -27.39 9.24 41.97
CA VAL A 648 -28.46 8.91 41.03
C VAL A 648 -29.84 9.18 41.60
N GLN A 649 -30.67 9.87 40.81
CA GLN A 649 -32.09 10.03 41.11
C GLN A 649 -32.90 9.62 39.89
N ILE A 650 -33.62 8.51 40.01
CA ILE A 650 -34.48 8.01 38.94
C ILE A 650 -35.92 8.36 39.27
N GLU A 651 -36.75 8.47 38.25
CA GLU A 651 -38.20 8.43 38.41
C GLU A 651 -38.68 7.12 37.81
N LEU A 652 -39.65 6.49 38.47
CA LEU A 652 -40.26 5.27 37.95
C LEU A 652 -41.72 5.51 37.58
N ASP A 653 -42.20 4.75 36.61
CA ASP A 653 -43.62 4.73 36.28
C ASP A 653 -44.19 3.39 36.73
N PRO A 654 -44.73 3.33 37.96
CA PRO A 654 -45.22 2.07 38.53
C PRO A 654 -46.33 1.52 37.66
N ASP A 655 -45.97 0.54 36.81
CA ASP A 655 -46.75 0.22 35.63
C ASP A 655 -46.95 1.53 34.84
N THR A 656 -46.12 1.80 33.83
CA THR A 656 -45.42 0.81 32.99
C THR A 656 -44.15 0.09 33.48
N GLY A 657 -43.35 0.74 34.33
CA GLY A 657 -42.05 0.19 34.69
C GLY A 657 -40.94 0.79 33.84
N GLY A 658 -41.31 1.77 33.02
CA GLY A 658 -40.33 2.63 32.37
C GLY A 658 -39.68 3.48 33.43
N HIS A 659 -38.70 4.28 33.03
CA HIS A 659 -37.98 5.10 33.99
C HIS A 659 -37.38 6.30 33.34
N ARG A 660 -37.23 7.36 34.12
CA ARG A 660 -36.58 8.57 33.67
C ARG A 660 -35.57 9.00 34.73
N ILE A 661 -34.29 8.80 34.43
CA ILE A 661 -33.22 9.23 35.33
C ILE A 661 -33.19 10.74 35.34
N LEU A 662 -33.76 11.33 36.39
CA LEU A 662 -33.92 12.77 36.49
C LEU A 662 -32.59 13.48 36.74
N ARG A 663 -31.78 12.92 37.64
CA ARG A 663 -30.50 13.50 38.01
C ARG A 663 -29.40 12.45 38.09
N PHE A 664 -28.22 12.79 37.57
CA PHE A 664 -27.05 11.90 37.59
C PHE A 664 -25.77 12.71 37.79
N SER A 665 -24.91 12.24 38.70
CA SER A 665 -23.62 12.86 38.94
C SER A 665 -22.60 11.88 39.51
N THR A 666 -21.60 11.54 38.69
CA THR A 666 -20.49 10.68 39.12
C THR A 666 -19.30 11.54 39.57
N SER A 667 -18.64 11.14 40.65
CA SER A 667 -17.53 11.90 41.23
C SER A 667 -16.18 11.21 41.08
N THR A 668 -15.11 11.99 40.99
CA THR A 668 -13.76 11.44 40.81
C THR A 668 -12.66 12.35 41.36
N GLU A 669 -11.80 11.78 42.21
CA GLU A 669 -10.54 12.42 42.55
C GLU A 669 -9.46 11.75 41.72
N ALA A 670 -8.67 12.57 41.00
CA ALA A 670 -7.62 12.05 40.15
C ALA A 670 -6.48 13.05 39.91
N GLY A 671 -5.30 12.68 40.40
CA GLY A 671 -4.04 13.38 40.14
C GLY A 671 -4.10 14.83 39.72
N ARG A 672 -3.75 15.10 38.47
CA ARG A 672 -3.61 16.46 37.98
C ARG A 672 -4.68 16.83 36.96
N VAL A 673 -5.22 15.81 36.26
CA VAL A 673 -6.16 16.00 35.15
C VAL A 673 -5.52 16.82 34.04
N ILE A 674 -5.00 16.13 33.02
CA ILE A 674 -4.21 16.76 31.96
C ILE A 674 -5.06 17.69 31.08
N ASN A 675 -6.24 17.24 30.70
CA ASN A 675 -7.14 18.05 29.88
C ASN A 675 -8.57 17.97 30.41
N PRO A 676 -9.11 19.11 30.89
CA PRO A 676 -10.45 19.11 31.47
C PRO A 676 -11.57 18.80 30.46
N LEU A 677 -11.40 19.25 29.23
CA LEU A 677 -12.41 19.06 28.18
C LEU A 677 -12.57 17.59 27.78
N THR A 678 -11.45 16.94 27.48
CA THR A 678 -11.46 15.55 27.02
C THR A 678 -11.69 14.57 28.17
N THR A 679 -11.25 14.95 29.37
CA THR A 679 -11.49 14.15 30.58
C THR A 679 -12.99 14.08 30.89
N ARG A 680 -13.68 15.19 30.66
CA ARG A 680 -15.13 15.24 30.80
C ARG A 680 -15.81 14.26 29.85
N GLY A 681 -15.33 14.19 28.61
CA GLY A 681 -15.84 13.23 27.63
C GLY A 681 -15.73 11.80 28.12
N GLN A 682 -14.54 11.44 28.62
CA GLN A 682 -14.27 10.10 29.14
C GLN A 682 -15.21 9.73 30.28
N ILE A 683 -15.32 10.62 31.27
CA ILE A 683 -16.16 10.41 32.44
C ILE A 683 -17.63 10.25 32.05
N ILE A 684 -18.17 11.24 31.33
CA ILE A 684 -19.57 11.19 30.87
C ILE A 684 -19.80 9.96 30.01
N GLY A 685 -18.95 9.78 29.00
CA GLY A 685 -19.02 8.64 28.10
C GLY A 685 -19.03 7.30 28.82
N ALA A 686 -18.09 7.14 29.76
CA ALA A 686 -17.98 5.89 30.51
C ALA A 686 -19.27 5.58 31.28
N ALA A 687 -19.86 6.60 31.91
CA ALA A 687 -21.09 6.43 32.69
C ALA A 687 -22.24 5.85 31.86
N VAL A 688 -22.51 6.46 30.71
CA VAL A 688 -23.58 6.03 29.79
C VAL A 688 -23.44 4.56 29.41
N GLN A 689 -22.20 4.08 29.25
CA GLN A 689 -21.91 2.67 29.01
C GLN A 689 -22.35 1.82 30.20
N GLY A 690 -22.10 2.35 31.40
CA GLY A 690 -22.45 1.69 32.65
C GLY A 690 -23.93 1.70 32.90
N ILE A 691 -24.56 2.86 32.68
CA ILE A 691 -26.02 2.99 32.76
C ILE A 691 -26.67 2.05 31.75
N GLY A 692 -26.07 1.97 30.57
CA GLY A 692 -26.49 1.01 29.56
C GLY A 692 -26.44 -0.41 30.09
N GLY A 693 -25.37 -0.72 30.83
CA GLY A 693 -25.23 -2.03 31.45
C GLY A 693 -26.20 -2.25 32.60
N ALA A 694 -26.58 -1.16 33.26
CA ALA A 694 -27.46 -1.23 34.42
C ALA A 694 -28.93 -1.50 34.06
N LEU A 695 -29.38 -1.00 32.91
CA LEU A 695 -30.81 -1.07 32.58
C LEU A 695 -31.14 -1.44 31.11
N TYR A 696 -30.14 -1.79 30.31
CA TYR A 696 -30.39 -1.98 28.88
C TYR A 696 -29.73 -3.21 28.25
N GLU A 697 -28.51 -3.53 28.64
CA GLU A 697 -27.68 -4.46 27.90
C GLU A 697 -27.49 -5.81 28.57
N GLU A 698 -27.85 -6.87 27.85
CA GLU A 698 -27.55 -8.23 28.27
C GLU A 698 -27.56 -9.18 27.08
N PHE A 699 -26.51 -10.01 26.99
CA PHE A 699 -26.42 -11.05 25.98
C PHE A 699 -27.27 -12.24 26.39
N LEU A 700 -28.35 -12.49 25.63
CA LEU A 700 -29.29 -13.54 25.99
C LEU A 700 -29.17 -14.80 25.14
N TYR A 701 -29.42 -15.93 25.80
CA TYR A 701 -29.20 -17.25 25.21
C TYR A 701 -30.36 -18.18 25.49
N GLU A 702 -30.82 -18.87 24.45
CA GLU A 702 -31.86 -19.88 24.60
C GLU A 702 -31.25 -21.17 25.15
N GLU A 703 -32.10 -22.03 25.69
CA GLU A 703 -31.69 -23.28 26.37
C GLU A 703 -30.63 -24.12 25.65
N ASP A 704 -30.63 -24.06 24.32
CA ASP A 704 -29.72 -24.84 23.50
C ASP A 704 -28.40 -24.13 23.21
N GLY A 705 -28.19 -22.98 23.87
CA GLY A 705 -26.95 -22.23 23.76
C GLY A 705 -26.91 -21.21 22.63
N GLN A 706 -28.00 -21.13 21.87
CA GLN A 706 -28.10 -20.19 20.75
C GLN A 706 -28.14 -18.75 21.25
N PRO A 707 -27.30 -17.88 20.69
CA PRO A 707 -27.34 -16.46 21.06
C PRO A 707 -28.60 -15.83 20.49
N ILE A 708 -29.25 -14.98 21.28
CA ILE A 708 -30.49 -14.35 20.87
C ILE A 708 -30.26 -12.89 20.49
N THR A 709 -29.59 -12.15 21.37
CA THR A 709 -29.29 -10.74 21.13
C THR A 709 -28.11 -10.59 20.18
N THR A 710 -28.38 -10.71 18.89
CA THR A 710 -27.33 -10.71 17.86
C THR A 710 -27.37 -9.47 16.97
N SER A 711 -28.57 -8.97 16.69
CA SER A 711 -28.73 -7.73 15.94
C SER A 711 -28.63 -6.54 16.90
N PHE A 712 -29.04 -5.36 16.44
CA PHE A 712 -29.04 -4.18 17.29
C PHE A 712 -30.40 -3.88 17.92
N MET A 713 -31.46 -4.48 17.38
CA MET A 713 -32.80 -4.29 17.94
C MET A 713 -32.99 -5.04 19.27
N ASP A 714 -32.21 -6.11 19.46
CA ASP A 714 -32.31 -6.91 20.68
C ASP A 714 -31.30 -6.44 21.72
N TYR A 715 -30.07 -6.15 21.28
CA TYR A 715 -29.06 -5.57 22.15
C TYR A 715 -29.18 -4.05 22.14
N LEU A 716 -29.76 -3.51 23.21
CA LEU A 716 -30.14 -2.10 23.25
C LEU A 716 -29.01 -1.22 23.77
N LEU A 717 -28.36 -0.50 22.87
CA LEU A 717 -27.42 0.53 23.24
C LEU A 717 -28.20 1.79 23.61
N PRO A 718 -27.68 2.58 24.58
CA PRO A 718 -28.35 3.82 24.99
C PRO A 718 -28.44 4.82 23.84
N SER A 719 -29.56 5.55 23.78
CA SER A 719 -29.75 6.58 22.77
C SER A 719 -29.94 7.98 23.37
N ALA A 720 -29.99 8.98 22.51
CA ALA A 720 -29.97 10.39 22.92
C ALA A 720 -31.08 10.81 23.88
N GLN A 721 -32.27 10.24 23.73
CA GLN A 721 -33.44 10.68 24.49
C GLN A 721 -33.49 10.17 25.92
N GLU A 722 -33.04 8.94 26.13
CA GLU A 722 -33.18 8.27 27.42
C GLU A 722 -32.14 8.72 28.43
N MET A 723 -30.97 9.09 27.93
CA MET A 723 -29.84 9.43 28.78
C MET A 723 -30.00 10.80 29.43
N PRO A 724 -29.46 10.97 30.65
CA PRO A 724 -29.64 12.24 31.33
C PRO A 724 -28.99 13.40 30.58
N ASN A 725 -29.79 14.42 30.26
CA ASN A 725 -29.28 15.70 29.76
C ASN A 725 -28.18 16.19 30.67
N VAL A 726 -28.07 15.51 31.80
CA VAL A 726 -27.24 15.91 32.93
C VAL A 726 -26.16 14.88 33.21
N ASP A 727 -24.94 15.37 33.40
CA ASP A 727 -23.83 14.61 33.95
C ASP A 727 -22.87 15.62 34.54
N CYS A 728 -22.71 15.59 35.86
CA CYS A 728 -21.88 16.59 36.51
C CYS A 728 -20.44 16.14 36.65
N PHE A 729 -19.55 16.82 35.92
CA PHE A 729 -18.12 16.68 36.12
C PHE A 729 -17.78 17.27 37.48
N VAL A 730 -17.01 16.53 38.26
CA VAL A 730 -16.94 16.69 39.71
C VAL A 730 -15.54 16.41 40.22
N THR A 731 -14.56 16.66 39.36
CA THR A 731 -13.21 16.21 39.64
C THR A 731 -12.44 17.11 40.60
N GLU A 732 -11.59 16.48 41.39
CA GLU A 732 -10.85 17.13 42.45
C GLU A 732 -9.40 16.74 42.32
N ASP A 733 -8.52 17.74 42.40
CA ASP A 733 -7.09 17.49 42.43
C ASP A 733 -6.62 17.59 43.88
N ALA A 734 -6.58 16.44 44.55
CA ALA A 734 -6.03 16.35 45.89
C ALA A 734 -4.59 15.87 45.79
N LYS A 735 -4.06 15.27 46.86
CA LYS A 735 -2.68 14.78 46.85
C LYS A 735 -2.38 14.03 45.55
N SER A 736 -1.35 14.50 44.85
CA SER A 736 -0.85 13.82 43.67
C SER A 736 -0.06 12.60 44.11
N PRO A 737 -0.07 11.51 43.31
CA PRO A 737 0.74 10.34 43.65
C PRO A 737 2.24 10.59 43.48
N ASP A 738 3.04 9.53 43.51
CA ASP A 738 4.48 9.69 43.34
C ASP A 738 4.97 9.24 41.95
N ASN A 739 4.35 9.83 40.93
CA ASN A 739 4.67 9.58 39.53
C ASN A 739 4.48 10.91 38.80
N PRO A 740 5.59 11.51 38.29
CA PRO A 740 5.81 12.94 38.01
C PRO A 740 4.56 13.71 37.58
N PHE A 741 4.53 15.00 37.88
CA PHE A 741 3.32 15.82 37.82
C PHE A 741 2.10 15.10 38.42
N GLY A 742 2.37 14.10 39.25
CA GLY A 742 1.37 13.27 39.93
C GLY A 742 0.00 13.19 39.29
N ALA A 743 -0.20 12.19 38.43
CA ALA A 743 -1.47 12.01 37.74
C ALA A 743 -2.09 10.64 38.01
N LYS A 744 -3.32 10.46 37.52
CA LYS A 744 -4.06 9.21 37.69
C LYS A 744 -4.69 8.75 36.39
N GLY A 745 -5.14 7.50 36.35
CA GLY A 745 -5.92 6.98 35.22
C GLY A 745 -7.38 7.32 35.40
N LEU A 746 -8.04 7.75 34.31
CA LEU A 746 -9.40 8.30 34.40
C LEU A 746 -10.43 7.68 33.45
N GLY A 747 -9.97 7.05 32.38
CA GLY A 747 -10.84 6.57 31.31
C GLY A 747 -11.72 5.38 31.68
N GLU A 748 -11.74 5.02 32.95
CA GLU A 748 -12.49 3.86 33.41
C GLU A 748 -13.31 4.10 34.66
N ILE A 749 -13.20 5.29 35.26
CA ILE A 749 -13.88 5.56 36.52
C ILE A 749 -15.34 5.99 36.34
N GLY A 750 -15.66 6.54 35.18
CA GLY A 750 -17.03 6.96 34.86
C GLY A 750 -18.01 5.81 34.95
N ILE A 751 -17.59 4.63 34.51
CA ILE A 751 -18.45 3.45 34.46
C ILE A 751 -18.64 2.73 35.81
N ILE A 752 -17.55 2.57 36.56
CA ILE A 752 -17.50 1.73 37.76
C ILE A 752 -18.82 1.54 38.50
N ALA A 753 -19.33 2.62 39.07
CA ALA A 753 -20.43 2.53 40.04
C ALA A 753 -21.84 2.64 39.43
N ALA A 754 -21.90 2.87 38.12
CA ALA A 754 -23.18 3.03 37.42
C ALA A 754 -24.15 1.86 37.65
N GLY A 755 -23.62 0.71 38.06
CA GLY A 755 -24.44 -0.44 38.42
C GLY A 755 -25.03 -0.31 39.82
N ALA A 756 -24.14 -0.17 40.81
CA ALA A 756 -24.52 -0.17 42.22
C ALA A 756 -25.49 0.95 42.61
N ALA A 757 -25.26 2.15 42.07
CA ALA A 757 -26.05 3.33 42.42
C ALA A 757 -27.49 3.26 41.90
N ILE A 758 -27.65 2.83 40.65
CA ILE A 758 -28.96 2.66 40.03
C ILE A 758 -29.82 1.67 40.83
N ALA A 759 -29.23 0.52 41.14
CA ALA A 759 -29.94 -0.55 41.86
C ALA A 759 -30.42 -0.09 43.24
N SER A 760 -29.54 0.59 43.98
CA SER A 760 -29.91 1.10 45.29
C SER A 760 -30.95 2.21 45.16
N ALA A 761 -30.80 3.04 44.13
CA ALA A 761 -31.77 4.08 43.81
C ALA A 761 -33.15 3.47 43.54
N ILE A 762 -33.17 2.39 42.77
CA ILE A 762 -34.43 1.70 42.43
C ILE A 762 -35.11 1.10 43.67
N ASP A 763 -34.33 0.45 44.53
CA ASP A 763 -34.90 -0.20 45.71
C ASP A 763 -35.39 0.78 46.77
N ASP A 764 -34.72 1.92 46.86
CA ASP A 764 -35.19 3.06 47.63
C ASP A 764 -36.49 3.58 47.00
N ALA A 765 -36.67 3.26 45.71
CA ALA A 765 -37.74 3.81 44.90
C ALA A 765 -39.04 2.98 44.86
N ILE A 766 -39.30 2.18 45.89
CA ILE A 766 -40.54 1.38 45.91
C ILE A 766 -41.38 1.44 47.21
N ALA A 767 -40.80 1.13 48.38
CA ALA A 767 -39.39 0.79 48.57
C ALA A 767 -39.15 -0.71 48.75
N ASP A 768 -39.62 -1.24 49.89
CA ASP A 768 -39.36 -2.62 50.36
C ASP A 768 -37.91 -3.17 50.36
N GLY A 769 -36.95 -2.27 50.23
CA GLY A 769 -35.56 -2.48 50.69
C GLY A 769 -34.57 -3.34 49.92
N VAL A 770 -33.62 -2.66 49.26
CA VAL A 770 -32.35 -3.20 48.74
C VAL A 770 -32.19 -4.69 48.41
N HIS A 771 -33.28 -5.34 48.01
CA HIS A 771 -33.31 -6.78 47.82
C HIS A 771 -33.14 -7.21 46.37
N THR A 772 -32.55 -6.34 45.55
CA THR A 772 -32.31 -6.66 44.14
C THR A 772 -30.88 -7.14 43.86
N ASP A 773 -30.79 -8.21 43.09
CA ASP A 773 -29.50 -8.83 42.77
C ASP A 773 -29.25 -8.81 41.27
N ARG A 774 -29.98 -9.68 40.57
CA ARG A 774 -29.77 -9.92 39.15
C ARG A 774 -29.92 -8.64 38.33
N LEU A 775 -28.83 -8.25 37.68
CA LEU A 775 -28.86 -7.16 36.72
C LEU A 775 -29.15 -7.73 35.33
N PRO A 776 -29.62 -6.88 34.39
CA PRO A 776 -29.95 -5.46 34.53
C PRO A 776 -31.28 -5.29 35.25
N VAL A 777 -31.90 -4.14 35.12
CA VAL A 777 -33.23 -3.95 35.72
C VAL A 777 -34.27 -3.71 34.64
N THR A 778 -34.97 -4.78 34.27
CA THR A 778 -36.01 -4.72 33.25
C THR A 778 -37.29 -4.12 33.85
N PRO A 779 -38.15 -3.50 33.00
CA PRO A 779 -39.45 -2.97 33.45
C PRO A 779 -40.39 -4.05 33.97
N GLU A 780 -40.29 -5.25 33.37
CA GLU A 780 -40.96 -6.45 33.87
C GLU A 780 -40.56 -6.73 35.32
N GLN A 781 -39.31 -6.45 35.65
CA GLN A 781 -38.86 -6.54 37.05
C GLN A 781 -39.45 -5.40 37.88
N ILE A 782 -39.61 -4.22 37.27
CA ILE A 782 -40.27 -3.09 37.92
C ILE A 782 -41.78 -3.36 38.01
N PHE A 783 -42.16 -4.60 37.71
CA PHE A 783 -43.50 -5.09 38.02
C PHE A 783 -43.51 -5.71 39.42
N SER A 784 -42.95 -4.95 40.36
CA SER A 784 -43.24 -5.09 41.77
C SER A 784 -44.37 -4.10 42.04
N ARG A 785 -44.74 -3.39 40.98
CA ARG A 785 -45.84 -2.40 40.90
C ARG A 785 -46.92 -2.45 41.99
N CYS A 786 -47.66 -3.55 42.05
CA CYS A 786 -48.85 -3.69 42.88
C CYS A 786 -48.75 -4.97 43.71
N GLN A 787 -47.65 -5.69 43.49
CA GLN A 787 -47.14 -6.59 44.51
C GLN A 787 -46.60 -5.68 45.62
N GLY A 788 -46.75 -4.38 45.39
CA GLY A 788 -46.58 -3.35 46.42
C GLY A 788 -47.89 -2.93 47.05
N LEU A 789 -49.01 -3.41 46.51
CA LEU A 789 -50.34 -3.17 47.10
C LEU A 789 -51.03 -4.45 47.57
N ASN A 790 -51.08 -5.46 46.69
CA ASN A 790 -51.70 -6.76 46.97
C ASN A 790 -53.17 -6.66 47.41
N MET B 1 -23.66 -9.89 5.89
CA MET B 1 -23.93 -8.46 5.57
C MET B 1 -24.40 -8.28 4.12
N LYS B 2 -23.81 -9.04 3.20
CA LYS B 2 -24.05 -8.85 1.78
C LYS B 2 -25.26 -9.63 1.29
N PRO B 3 -26.09 -9.00 0.44
CA PRO B 3 -27.28 -9.65 -0.15
C PRO B 3 -26.90 -10.78 -1.12
N PRO B 4 -27.88 -11.61 -1.51
CA PRO B 4 -27.65 -12.54 -2.60
C PRO B 4 -27.81 -11.83 -3.94
N SER B 5 -27.43 -12.49 -5.03
CA SER B 5 -27.58 -11.92 -6.36
C SER B 5 -29.04 -11.95 -6.80
N PHE B 6 -29.48 -10.86 -7.43
CA PHE B 6 -30.82 -10.74 -7.96
C PHE B 6 -30.86 -9.68 -9.05
N ASP B 7 -31.87 -9.75 -9.90
CA ASP B 7 -32.01 -8.81 -11.01
C ASP B 7 -32.98 -7.69 -10.65
N TYR B 8 -32.90 -6.58 -11.37
CA TYR B 8 -33.55 -5.34 -10.97
C TYR B 8 -34.10 -4.60 -12.18
N VAL B 9 -35.38 -4.20 -12.10
CA VAL B 9 -36.04 -3.46 -13.18
C VAL B 9 -36.85 -2.30 -12.61
N VAL B 10 -36.61 -1.10 -13.16
CA VAL B 10 -37.34 0.09 -12.75
C VAL B 10 -38.71 0.16 -13.43
N ALA B 11 -39.76 0.15 -12.61
CA ALA B 11 -41.14 0.21 -13.10
C ALA B 11 -41.50 1.62 -13.55
N ASP B 12 -42.07 1.73 -14.74
CA ASP B 12 -42.43 3.02 -15.32
C ASP B 12 -43.85 3.43 -14.97
N SER B 13 -44.74 2.45 -14.81
CA SER B 13 -46.13 2.69 -14.40
C SER B 13 -46.72 1.45 -13.72
N VAL B 14 -47.98 1.55 -13.30
CA VAL B 14 -48.67 0.52 -12.52
C VAL B 14 -48.82 -0.81 -13.27
N GLU B 15 -49.44 -0.76 -14.44
CA GLU B 15 -49.66 -1.96 -15.26
C GLU B 15 -48.35 -2.58 -15.71
N HIS B 16 -47.47 -1.75 -16.28
CA HIS B 16 -46.15 -2.18 -16.73
C HIS B 16 -45.37 -2.84 -15.63
N ALA B 17 -45.55 -2.36 -14.40
CA ALA B 17 -44.96 -2.99 -13.21
C ALA B 17 -45.59 -4.36 -12.95
N LEU B 18 -46.92 -4.38 -12.80
CA LEU B 18 -47.69 -5.60 -12.56
C LEU B 18 -47.35 -6.70 -13.56
N ARG B 19 -47.02 -6.30 -14.78
CA ARG B 19 -46.58 -7.21 -15.81
C ARG B 19 -45.17 -7.72 -15.51
N LEU B 20 -44.24 -6.80 -15.29
CA LEU B 20 -42.81 -7.09 -15.12
C LEU B 20 -42.47 -8.21 -14.13
N LEU B 21 -43.20 -8.27 -13.02
CA LEU B 21 -42.96 -9.28 -12.00
C LEU B 21 -43.67 -10.59 -12.32
N ALA B 22 -44.85 -10.49 -12.94
CA ALA B 22 -45.68 -11.66 -13.22
C ALA B 22 -44.92 -12.73 -14.00
N ASP B 23 -44.41 -12.34 -15.16
CA ASP B 23 -43.55 -13.19 -15.98
C ASP B 23 -42.15 -13.32 -15.40
N GLY B 24 -41.85 -12.47 -14.42
CA GLY B 24 -40.56 -12.44 -13.72
C GLY B 24 -39.91 -13.80 -13.54
N GLY B 25 -40.45 -14.65 -12.68
CA GLY B 25 -41.62 -14.34 -11.85
C GLY B 25 -41.63 -15.25 -10.65
N ASP B 26 -42.79 -15.86 -10.37
CA ASP B 26 -42.96 -16.84 -9.31
C ASP B 26 -42.53 -16.32 -7.93
N ASP B 27 -41.22 -16.13 -7.75
CA ASP B 27 -40.69 -15.52 -6.53
C ASP B 27 -39.95 -14.20 -6.80
N ALA B 28 -40.49 -13.43 -7.73
CA ALA B 28 -40.06 -12.05 -7.93
C ALA B 28 -40.83 -11.18 -6.96
N LYS B 29 -40.14 -10.20 -6.37
CA LYS B 29 -40.75 -9.34 -5.37
C LYS B 29 -40.64 -7.88 -5.79
N ILE B 30 -41.58 -7.07 -5.31
CA ILE B 30 -41.52 -5.62 -5.54
C ILE B 30 -40.75 -4.94 -4.41
N ILE B 31 -40.24 -3.75 -4.70
CA ILE B 31 -39.45 -2.98 -3.74
C ILE B 31 -39.80 -1.50 -3.79
N ALA B 32 -40.17 -0.95 -2.64
CA ALA B 32 -40.48 0.47 -2.53
C ALA B 32 -39.36 1.19 -1.78
N GLY B 33 -39.56 1.43 -0.48
CA GLY B 33 -38.55 2.09 0.34
C GLY B 33 -37.29 1.27 0.49
N GLY B 34 -37.47 -0.02 0.74
CA GLY B 34 -36.35 -0.93 1.01
C GLY B 34 -36.20 -1.23 2.50
N GLN B 35 -36.75 -0.37 3.35
CA GLN B 35 -36.53 -0.40 4.80
C GLN B 35 -36.88 -1.67 5.56
N SER B 36 -37.57 -2.61 4.90
CA SER B 36 -37.81 -3.94 5.47
C SER B 36 -37.23 -5.01 4.56
N LEU B 37 -37.33 -4.81 3.25
CA LEU B 37 -36.82 -5.75 2.27
C LEU B 37 -35.29 -5.78 2.26
N VAL B 38 -34.66 -4.60 2.20
CA VAL B 38 -33.20 -4.52 2.15
C VAL B 38 -32.51 -5.08 3.42
N PRO B 39 -33.00 -4.71 4.62
CA PRO B 39 -32.45 -5.35 5.82
C PRO B 39 -32.54 -6.88 5.76
N LEU B 40 -33.68 -7.39 5.27
CA LEU B 40 -33.89 -8.83 5.11
C LEU B 40 -32.88 -9.47 4.16
N LEU B 41 -32.51 -8.73 3.11
CA LEU B 41 -31.53 -9.19 2.13
C LEU B 41 -30.12 -9.22 2.72
N ASN B 42 -29.80 -8.21 3.54
CA ASN B 42 -28.52 -8.13 4.23
C ASN B 42 -28.32 -9.30 5.19
N PHE B 43 -29.44 -9.83 5.71
CA PHE B 43 -29.42 -11.01 6.55
C PHE B 43 -29.60 -12.29 5.74
N ARG B 44 -29.78 -12.12 4.43
CA ARG B 44 -30.07 -13.23 3.51
C ARG B 44 -31.27 -14.05 4.01
N MET B 45 -32.30 -13.32 4.44
CA MET B 45 -33.49 -13.91 5.03
C MET B 45 -34.64 -13.88 4.01
N SER B 46 -34.30 -13.53 2.78
CA SER B 46 -35.22 -13.55 1.64
C SER B 46 -34.37 -13.47 0.37
N ARG B 47 -34.51 -14.47 -0.50
CA ARG B 47 -33.72 -14.51 -1.73
C ARG B 47 -34.60 -14.55 -2.98
N PRO B 48 -34.99 -13.37 -3.49
CA PRO B 48 -35.86 -13.28 -4.66
C PRO B 48 -35.10 -13.52 -5.97
N SER B 49 -35.86 -13.58 -7.06
CA SER B 49 -35.30 -13.80 -8.38
C SER B 49 -35.01 -12.48 -9.10
N LEU B 50 -35.93 -11.52 -8.97
CA LEU B 50 -35.74 -10.17 -9.49
C LEU B 50 -36.57 -9.15 -8.73
N LEU B 51 -36.08 -7.92 -8.63
CA LEU B 51 -36.79 -6.85 -7.97
C LEU B 51 -37.39 -5.88 -8.98
N VAL B 52 -38.60 -5.41 -8.69
CA VAL B 52 -39.25 -4.40 -9.51
C VAL B 52 -39.49 -3.13 -8.70
N ASP B 53 -38.66 -2.12 -8.98
CA ASP B 53 -38.68 -0.87 -8.24
C ASP B 53 -39.85 0.01 -8.69
N ILE B 54 -40.96 -0.09 -7.97
CA ILE B 54 -42.15 0.71 -8.27
C ILE B 54 -41.99 2.16 -7.79
N ASN B 55 -40.93 2.39 -7.03
CA ASN B 55 -40.69 3.66 -6.33
C ASN B 55 -40.70 4.92 -7.21
N ARG B 56 -40.69 4.73 -8.53
CA ARG B 56 -40.64 5.86 -9.46
C ARG B 56 -41.92 6.06 -10.28
N VAL B 57 -42.95 5.29 -9.96
CA VAL B 57 -44.26 5.42 -10.62
C VAL B 57 -44.93 6.72 -10.16
N PRO B 58 -45.29 7.60 -11.12
CA PRO B 58 -45.60 9.00 -10.81
C PRO B 58 -46.88 9.27 -10.03
N GLY B 59 -47.92 8.46 -10.22
CA GLY B 59 -49.23 8.78 -9.66
C GLY B 59 -49.58 8.08 -8.35
N LEU B 60 -48.58 7.82 -7.52
CA LEU B 60 -48.77 6.97 -6.34
C LEU B 60 -48.44 7.56 -4.97
N ALA B 61 -48.00 8.82 -4.93
CA ALA B 61 -47.62 9.45 -3.67
C ALA B 61 -48.56 10.60 -3.28
N ASN B 62 -49.81 10.52 -3.74
CA ASN B 62 -50.77 11.61 -3.59
C ASN B 62 -51.48 11.62 -2.23
N ILE B 63 -51.93 12.81 -1.83
CA ILE B 63 -52.80 13.00 -0.69
C ILE B 63 -54.05 13.73 -1.18
N ARG B 64 -55.22 13.26 -0.76
CA ARG B 64 -56.50 13.73 -1.32
C ARG B 64 -57.62 13.64 -0.29
N LYS B 65 -58.50 14.64 -0.30
CA LYS B 65 -59.63 14.72 0.63
C LYS B 65 -60.88 14.04 0.08
N SER B 66 -60.70 13.34 -1.03
CA SER B 66 -61.76 12.67 -1.80
C SER B 66 -63.03 12.30 -1.03
N ASP B 67 -64.12 12.99 -1.36
CA ASP B 67 -65.46 12.68 -0.85
C ASP B 67 -65.54 12.54 0.68
N GLN B 68 -66.12 11.43 1.12
CA GLN B 68 -66.34 11.13 2.53
C GLN B 68 -65.10 10.48 3.16
N THR B 69 -64.10 10.19 2.33
CA THR B 69 -62.88 9.52 2.79
C THR B 69 -61.67 10.44 2.64
N ILE B 70 -60.50 9.92 2.99
CA ILE B 70 -59.23 10.57 2.67
C ILE B 70 -58.33 9.56 1.96
N ALA B 71 -57.89 9.91 0.76
CA ALA B 71 -57.12 9.01 -0.09
C ALA B 71 -55.62 9.18 0.12
N ILE B 72 -54.93 8.06 0.30
CA ILE B 72 -53.48 8.05 0.48
C ILE B 72 -52.85 7.03 -0.46
N GLY B 73 -52.01 7.52 -1.36
CA GLY B 73 -51.26 6.65 -2.27
C GLY B 73 -50.30 5.75 -1.51
N ALA B 74 -50.03 4.57 -2.05
CA ALA B 74 -49.22 3.56 -1.38
C ALA B 74 -47.75 3.96 -1.19
N LEU B 75 -47.25 4.80 -2.09
CA LEU B 75 -45.85 5.26 -2.02
C LEU B 75 -45.65 6.45 -1.09
N THR B 76 -46.69 6.82 -0.35
CA THR B 76 -46.59 7.93 0.60
C THR B 76 -45.66 7.55 1.76
N ARG B 77 -44.59 8.32 1.90
CA ARG B 77 -43.63 8.13 2.97
C ARG B 77 -44.27 8.43 4.32
N HIS B 78 -43.76 7.83 5.39
CA HIS B 78 -44.23 8.18 6.73
C HIS B 78 -43.84 9.59 7.04
N ALA B 79 -42.66 9.99 6.56
CA ALA B 79 -42.14 11.35 6.75
C ALA B 79 -43.18 12.41 6.41
N LYS B 80 -43.98 12.15 5.37
CA LYS B 80 -45.04 13.06 4.98
C LYS B 80 -46.22 13.00 5.95
N LEU B 81 -46.55 11.81 6.42
CA LEU B 81 -47.65 11.59 7.36
C LEU B 81 -47.53 12.45 8.62
N THR B 82 -46.30 12.84 8.96
CA THR B 82 -46.02 13.70 10.10
C THR B 82 -46.32 15.17 9.79
N THR B 83 -46.13 15.56 8.53
CA THR B 83 -46.25 16.95 8.11
C THR B 83 -47.05 17.05 6.81
N SER B 84 -48.37 17.23 6.95
CA SER B 84 -49.27 17.16 5.80
C SER B 84 -50.58 17.91 5.98
N LYS B 85 -51.51 17.64 5.07
CA LYS B 85 -52.90 18.06 5.17
C LYS B 85 -53.47 17.84 6.56
N THR B 86 -53.09 16.71 7.17
CA THR B 86 -53.40 16.35 8.56
C THR B 86 -53.74 17.56 9.50
N ILE B 87 -54.97 18.07 9.35
CA ILE B 87 -55.49 19.23 10.10
C ILE B 87 -56.93 18.95 10.55
N SER B 88 -57.64 19.98 11.01
CA SER B 88 -59.12 20.01 11.08
C SER B 88 -59.81 19.07 12.09
N GLN B 89 -59.12 18.77 13.19
CA GLN B 89 -59.54 17.69 14.09
C GLN B 89 -59.69 16.40 13.26
N ASN B 90 -59.08 16.41 12.07
CA ASN B 90 -58.85 15.23 11.27
C ASN B 90 -57.35 15.06 10.92
N LEU B 91 -56.53 15.30 11.94
CA LEU B 91 -55.15 14.87 12.01
C LEU B 91 -54.97 13.48 11.35
N PRO B 92 -55.94 12.56 11.52
CA PRO B 92 -56.96 12.51 12.58
C PRO B 92 -56.30 11.99 13.84
N ILE B 93 -55.19 11.28 13.63
CA ILE B 93 -54.45 10.58 14.67
C ILE B 93 -53.08 10.16 14.13
N LEU B 94 -52.94 10.16 12.81
CA LEU B 94 -51.80 9.54 12.13
C LEU B 94 -50.42 10.11 12.47
N SER B 95 -50.27 11.43 12.38
CA SER B 95 -48.97 12.06 12.60
C SER B 95 -48.41 11.77 13.99
N GLU B 96 -49.31 11.54 14.95
CA GLU B 96 -48.92 11.13 16.30
C GLU B 96 -48.49 9.67 16.33
N ALA B 97 -49.18 8.84 15.55
CA ALA B 97 -48.92 7.40 15.51
C ALA B 97 -47.74 7.05 14.60
N ALA B 98 -47.56 7.84 13.54
CA ALA B 98 -46.42 7.68 12.64
C ALA B 98 -45.15 8.28 13.23
N ALA B 99 -45.31 9.07 14.29
CA ALA B 99 -44.18 9.68 14.99
C ALA B 99 -43.40 8.67 15.83
N TRP B 100 -44.04 7.55 16.13
CA TRP B 100 -43.42 6.50 16.94
C TRP B 100 -42.56 5.57 16.14
N ILE B 101 -42.71 5.62 14.82
CA ILE B 101 -41.95 4.75 13.91
C ILE B 101 -40.49 5.20 13.85
N ALA B 102 -39.63 4.39 14.47
CA ALA B 102 -38.18 4.57 14.46
C ALA B 102 -37.72 6.04 14.44
N HIS B 103 -36.97 6.39 13.40
CA HIS B 103 -36.32 7.69 13.33
C HIS B 103 -36.36 8.29 11.95
N PRO B 104 -36.36 9.64 11.87
CA PRO B 104 -36.49 10.42 10.63
C PRO B 104 -35.85 9.77 9.40
N GLN B 105 -34.64 9.25 9.55
CA GLN B 105 -33.88 8.67 8.45
C GLN B 105 -34.55 7.45 7.83
N ILE B 106 -35.32 6.72 8.64
CA ILE B 106 -36.11 5.58 8.17
C ILE B 106 -37.44 6.09 7.60
N ARG B 107 -38.10 6.97 8.35
CA ARG B 107 -39.37 7.59 7.93
C ARG B 107 -39.25 8.29 6.58
N ASN B 108 -38.03 8.69 6.24
CA ASN B 108 -37.77 9.42 4.99
C ASN B 108 -37.86 8.59 3.72
N ARG B 109 -37.82 7.26 3.86
CA ARG B 109 -37.89 6.39 2.69
C ARG B 109 -38.96 5.31 2.81
N GLY B 110 -39.40 5.04 4.03
CA GLY B 110 -40.48 4.09 4.27
C GLY B 110 -41.76 4.53 3.59
N THR B 111 -42.58 3.56 3.19
CA THR B 111 -43.87 3.85 2.56
C THR B 111 -45.01 3.20 3.31
N ILE B 112 -46.19 3.82 3.25
CA ILE B 112 -47.40 3.27 3.88
C ILE B 112 -47.82 1.94 3.25
N GLY B 113 -47.70 1.86 1.92
CA GLY B 113 -48.07 0.66 1.17
C GLY B 113 -47.31 -0.57 1.65
N GLY B 114 -45.99 -0.51 1.55
CA GLY B 114 -45.13 -1.61 1.96
C GLY B 114 -45.29 -2.03 3.40
N SER B 115 -45.31 -1.05 4.29
CA SER B 115 -45.46 -1.27 5.73
C SER B 115 -46.67 -2.14 6.06
N LEU B 116 -47.72 -2.02 5.23
CA LEU B 116 -48.94 -2.82 5.39
C LEU B 116 -48.76 -4.23 4.84
N ALA B 117 -48.24 -4.33 3.61
CA ALA B 117 -48.07 -5.61 2.94
C ALA B 117 -46.99 -6.46 3.61
N HIS B 118 -46.10 -5.82 4.35
CA HIS B 118 -45.16 -6.51 5.21
C HIS B 118 -45.86 -7.00 6.44
N ALA B 119 -46.45 -6.06 7.19
CA ALA B 119 -47.27 -6.34 8.38
C ALA B 119 -46.53 -7.05 9.52
N ASP B 120 -45.59 -6.35 10.15
CA ASP B 120 -44.97 -6.85 11.38
C ASP B 120 -46.02 -6.80 12.49
N ALA B 121 -45.98 -7.77 13.41
CA ALA B 121 -46.90 -7.82 14.54
C ALA B 121 -46.80 -6.57 15.43
N ALA B 122 -45.73 -5.80 15.25
CA ALA B 122 -45.52 -4.57 15.99
C ALA B 122 -45.59 -3.33 15.09
N ALA B 123 -46.02 -3.52 13.85
CA ALA B 123 -46.19 -2.40 12.91
C ALA B 123 -47.27 -1.47 13.41
N GLU B 124 -46.93 -0.19 13.54
CA GLU B 124 -47.80 0.80 14.18
C GLU B 124 -48.97 1.23 13.31
N LEU B 125 -48.68 1.61 12.06
CA LEU B 125 -49.70 2.09 11.13
C LEU B 125 -50.94 1.19 11.02
N PRO B 126 -50.75 -0.15 10.94
CA PRO B 126 -51.91 -1.04 10.95
C PRO B 126 -52.82 -0.87 12.19
N VAL B 127 -52.23 -0.80 13.38
CA VAL B 127 -52.99 -0.67 14.63
C VAL B 127 -53.86 0.58 14.61
N VAL B 128 -53.24 1.72 14.24
CA VAL B 128 -53.94 2.99 14.21
C VAL B 128 -54.97 3.09 13.08
N LEU B 129 -54.67 2.44 11.95
CA LEU B 129 -55.57 2.46 10.79
C LEU B 129 -56.82 1.61 10.99
N LEU B 130 -56.66 0.48 11.69
CA LEU B 130 -57.76 -0.43 11.98
C LEU B 130 -58.78 0.27 12.88
N ALA B 131 -58.28 1.14 13.75
CA ALA B 131 -59.12 1.99 14.58
C ALA B 131 -59.86 3.03 13.74
N LEU B 132 -59.34 3.32 12.55
CA LEU B 132 -59.99 4.25 11.63
C LEU B 132 -60.82 3.52 10.58
N ASP B 133 -60.97 2.21 10.74
CA ASP B 133 -61.73 1.34 9.82
C ASP B 133 -61.27 1.53 8.38
N ALA B 134 -60.02 1.14 8.13
CA ALA B 134 -59.35 1.43 6.86
C ALA B 134 -59.82 0.57 5.70
N TYR B 135 -59.36 0.95 4.51
CA TYR B 135 -59.94 0.51 3.26
C TYR B 135 -58.85 0.59 2.19
N VAL B 136 -58.25 -0.55 1.88
CA VAL B 136 -57.10 -0.61 0.99
C VAL B 136 -57.47 -1.16 -0.38
N THR B 137 -57.19 -0.38 -1.42
CA THR B 137 -57.47 -0.76 -2.79
C THR B 137 -56.22 -1.31 -3.48
N ALA B 138 -56.18 -2.63 -3.64
CA ALA B 138 -55.03 -3.31 -4.22
C ALA B 138 -55.28 -3.73 -5.67
N GLN B 139 -54.89 -2.86 -6.60
CA GLN B 139 -55.03 -3.12 -8.02
C GLN B 139 -54.09 -4.23 -8.48
N SER B 140 -54.64 -5.14 -9.29
CA SER B 140 -53.84 -6.19 -9.92
C SER B 140 -54.17 -6.26 -11.40
N LEU B 141 -53.50 -7.18 -12.11
CA LEU B 141 -53.69 -7.36 -13.55
C LEU B 141 -55.14 -7.67 -13.93
N GLN B 142 -55.75 -8.61 -13.21
CA GLN B 142 -57.09 -9.09 -13.54
C GLN B 142 -58.18 -8.07 -13.20
N GLY B 143 -58.08 -7.45 -12.02
CA GLY B 143 -59.08 -6.48 -11.59
C GLY B 143 -58.59 -5.43 -10.61
N GLU B 144 -59.46 -5.08 -9.66
CA GLU B 144 -59.14 -4.13 -8.61
C GLU B 144 -59.92 -4.49 -7.36
N ARG B 145 -59.24 -5.12 -6.41
CA ARG B 145 -59.86 -5.52 -5.15
C ARG B 145 -59.82 -4.38 -4.14
N LYS B 146 -60.72 -4.45 -3.17
CA LYS B 146 -60.73 -3.52 -2.05
C LYS B 146 -60.87 -4.30 -0.75
N ILE B 147 -59.79 -4.28 0.05
CA ILE B 147 -59.70 -5.09 1.25
C ILE B 147 -59.87 -4.22 2.48
N PRO B 148 -60.90 -4.53 3.31
CA PRO B 148 -61.02 -3.87 4.61
C PRO B 148 -59.82 -4.26 5.46
N LEU B 149 -59.44 -3.40 6.40
CA LEU B 149 -58.21 -3.64 7.15
C LEU B 149 -58.29 -4.83 8.10
N LYS B 150 -59.51 -5.23 8.47
CA LYS B 150 -59.70 -6.42 9.28
C LYS B 150 -59.27 -7.66 8.49
N GLU B 151 -59.52 -7.65 7.19
CA GLU B 151 -59.19 -8.78 6.32
C GLU B 151 -57.76 -8.75 5.82
N LEU B 152 -57.23 -7.55 5.58
CA LEU B 152 -55.86 -7.38 5.09
C LEU B 152 -54.86 -8.02 6.04
N LEU B 153 -54.91 -7.62 7.31
CA LEU B 153 -53.99 -8.13 8.32
C LEU B 153 -54.32 -9.59 8.64
N VAL B 154 -53.49 -10.49 8.10
CA VAL B 154 -53.67 -11.92 8.33
C VAL B 154 -52.91 -12.34 9.59
N SER B 155 -51.59 -12.26 9.52
CA SER B 155 -50.72 -12.78 10.56
C SER B 155 -49.45 -11.94 10.64
N HIS B 156 -48.51 -12.36 11.49
CA HIS B 156 -47.19 -11.76 11.55
C HIS B 156 -46.49 -11.94 10.24
N PHE B 157 -46.09 -10.83 9.63
CA PHE B 157 -45.37 -10.83 8.35
C PHE B 157 -46.20 -11.39 7.19
N VAL B 158 -47.51 -11.50 7.38
CA VAL B 158 -48.40 -12.10 6.38
C VAL B 158 -49.63 -11.23 6.14
N SER B 159 -49.90 -10.96 4.86
CA SER B 159 -51.08 -10.19 4.44
C SER B 159 -51.98 -11.02 3.52
N SER B 160 -53.21 -10.56 3.33
CA SER B 160 -54.19 -11.28 2.49
C SER B 160 -54.06 -10.93 1.01
N ILE B 161 -52.85 -10.58 0.60
CA ILE B 161 -52.55 -10.27 -0.79
C ILE B 161 -51.98 -11.49 -1.48
N LEU B 162 -52.71 -11.98 -2.49
CA LEU B 162 -52.19 -13.04 -3.36
C LEU B 162 -51.03 -12.49 -4.18
N PRO B 163 -50.00 -13.34 -4.44
CA PRO B 163 -48.79 -12.92 -5.16
C PRO B 163 -49.12 -12.10 -6.41
N GLY B 164 -48.54 -10.90 -6.48
CA GLY B 164 -48.99 -9.85 -7.39
C GLY B 164 -49.84 -8.91 -6.56
N GLU B 165 -50.90 -8.36 -7.17
CA GLU B 165 -51.93 -7.61 -6.44
C GLU B 165 -51.34 -6.48 -5.58
N LEU B 166 -50.81 -5.47 -6.25
CA LEU B 166 -50.09 -4.37 -5.61
C LEU B 166 -51.03 -3.35 -4.95
N ILE B 167 -50.81 -3.08 -3.66
CA ILE B 167 -51.51 -2.02 -2.94
C ILE B 167 -51.27 -0.70 -3.65
N VAL B 168 -52.35 -0.04 -4.04
CA VAL B 168 -52.24 1.23 -4.74
C VAL B 168 -52.62 2.40 -3.84
N GLU B 169 -53.69 2.23 -3.06
CA GLU B 169 -54.24 3.34 -2.27
C GLU B 169 -54.83 2.89 -0.94
N VAL B 170 -54.79 3.79 0.04
CA VAL B 170 -55.41 3.57 1.35
C VAL B 170 -56.41 4.69 1.61
N ASN B 171 -57.64 4.31 1.92
CA ASN B 171 -58.70 5.27 2.24
C ASN B 171 -59.18 5.15 3.67
N VAL B 172 -59.62 6.28 4.24
CA VAL B 172 -60.10 6.32 5.62
C VAL B 172 -61.41 7.10 5.77
N PRO B 173 -62.39 6.52 6.49
CA PRO B 173 -63.59 7.22 6.93
C PRO B 173 -63.22 8.45 7.74
N GLN B 174 -63.66 9.61 7.26
CA GLN B 174 -63.11 10.90 7.69
C GLN B 174 -63.29 11.26 9.16
N LEU B 175 -64.43 10.88 9.77
CA LEU B 175 -64.64 11.11 11.19
C LEU B 175 -64.86 12.63 11.40
N PRO B 176 -65.53 13.07 12.48
CA PRO B 176 -66.56 12.68 13.45
C PRO B 176 -67.36 13.92 13.88
N HIS B 177 -66.81 15.09 13.56
CA HIS B 177 -67.17 16.42 14.10
C HIS B 177 -68.20 16.49 15.21
N GLY B 178 -67.72 16.58 16.45
CA GLY B 178 -66.29 16.54 16.78
C GLY B 178 -65.98 15.37 17.68
N SER B 179 -64.69 15.12 17.92
CA SER B 179 -64.26 14.00 18.75
C SER B 179 -62.81 14.13 19.21
N GLY B 180 -62.32 13.10 19.89
CA GLY B 180 -60.95 13.05 20.36
C GLY B 180 -60.22 11.78 19.96
N ALA B 181 -58.95 11.93 19.59
CA ALA B 181 -58.13 10.82 19.14
C ALA B 181 -56.71 10.92 19.70
N ALA B 182 -56.24 9.80 20.25
CA ALA B 182 -54.90 9.74 20.83
C ALA B 182 -54.28 8.35 20.66
N PHE B 183 -52.95 8.32 20.51
CA PHE B 183 -52.21 7.08 20.39
C PHE B 183 -50.98 7.15 21.27
N ASP B 184 -50.71 6.08 22.01
CA ASP B 184 -49.50 5.99 22.83
C ASP B 184 -48.88 4.60 22.71
N GLU B 185 -47.63 4.51 23.14
CA GLU B 185 -46.81 3.33 22.93
C GLU B 185 -45.78 3.20 24.04
N PHE B 186 -45.49 1.97 24.46
CA PHE B 186 -44.41 1.73 25.40
C PHE B 186 -43.29 0.88 24.82
N SER B 187 -42.08 1.40 24.94
CA SER B 187 -40.87 0.75 24.45
C SER B 187 -39.71 1.16 25.34
N ARG B 188 -38.79 0.22 25.59
CA ARG B 188 -37.65 0.51 26.45
C ARG B 188 -36.82 1.67 25.91
N ARG B 189 -36.65 1.71 24.59
CA ARG B 189 -36.07 2.89 23.94
C ARG B 189 -37.08 3.50 22.98
N HIS B 190 -37.16 4.83 22.99
CA HIS B 190 -38.08 5.56 22.12
C HIS B 190 -37.82 5.25 20.68
N GLY B 191 -38.89 5.03 19.93
CA GLY B 191 -38.79 4.76 18.49
C GLY B 191 -38.62 3.29 18.17
N ASP B 192 -38.22 2.50 19.17
CA ASP B 192 -38.10 1.06 19.00
C ASP B 192 -39.46 0.41 18.82
N TYR B 193 -39.45 -0.84 18.36
CA TYR B 193 -40.66 -1.65 18.30
C TYR B 193 -41.19 -1.84 19.72
N ALA B 194 -42.46 -1.51 19.90
CA ALA B 194 -43.09 -1.47 21.21
C ALA B 194 -43.22 -2.84 21.89
N ILE B 195 -43.31 -2.81 23.21
CA ILE B 195 -43.73 -3.97 23.98
C ILE B 195 -45.25 -4.06 23.85
N GLY B 196 -45.94 -2.97 24.18
CA GLY B 196 -47.38 -2.85 24.03
C GLY B 196 -47.77 -1.41 23.79
N GLY B 197 -48.82 -1.21 23.00
CA GLY B 197 -49.33 0.12 22.69
C GLY B 197 -50.79 0.08 22.32
N ALA B 198 -51.46 1.23 22.39
CA ALA B 198 -52.90 1.30 22.10
C ALA B 198 -53.29 2.48 21.21
N ALA B 199 -54.38 2.29 20.47
CA ALA B 199 -54.95 3.32 19.63
C ALA B 199 -56.45 3.38 19.85
N SER B 200 -56.91 4.44 20.53
CA SER B 200 -58.32 4.57 20.87
C SER B 200 -58.89 5.92 20.47
N ILE B 201 -60.13 5.90 19.95
CA ILE B 201 -60.82 7.11 19.50
C ILE B 201 -62.25 7.12 20.03
N VAL B 202 -62.67 8.26 20.56
CA VAL B 202 -64.04 8.43 21.07
C VAL B 202 -64.74 9.66 20.48
N THR B 203 -66.03 9.52 20.19
CA THR B 203 -66.85 10.63 19.68
C THR B 203 -67.96 10.91 20.69
N LEU B 204 -68.11 12.18 21.07
CA LEU B 204 -69.04 12.52 22.14
C LEU B 204 -70.37 13.19 21.76
N ASP B 205 -71.43 12.74 22.44
CA ASP B 205 -72.79 13.23 22.26
C ASP B 205 -73.03 14.39 23.24
N GLU B 206 -73.44 15.54 22.69
CA GLU B 206 -73.62 16.78 23.45
C GLU B 206 -74.35 16.58 24.78
N GLN B 207 -73.64 16.79 25.89
CA GLN B 207 -72.22 17.17 25.87
C GLN B 207 -71.31 16.05 26.33
N GLY B 208 -71.70 15.38 27.42
CA GLY B 208 -70.84 14.39 28.07
C GLY B 208 -71.03 12.94 27.66
N LYS B 209 -72.15 12.63 27.04
CA LYS B 209 -72.40 11.26 26.57
C LYS B 209 -71.61 10.94 25.30
N CYS B 210 -71.52 9.65 24.98
CA CYS B 210 -70.73 9.18 23.85
C CYS B 210 -71.59 8.44 22.84
N SER B 211 -71.26 8.59 21.55
CA SER B 211 -72.05 8.01 20.47
C SER B 211 -71.34 6.91 19.68
N ARG B 212 -70.04 7.06 19.43
CA ARG B 212 -69.23 5.97 18.86
C ARG B 212 -67.76 6.01 19.26
N ALA B 213 -67.20 4.82 19.50
CA ALA B 213 -65.81 4.68 19.92
C ALA B 213 -65.20 3.40 19.35
N ARG B 214 -63.95 3.49 18.92
CA ARG B 214 -63.22 2.33 18.39
C ARG B 214 -61.81 2.21 18.96
N ILE B 215 -61.44 0.98 19.35
CA ILE B 215 -60.18 0.71 20.05
C ILE B 215 -59.39 -0.43 19.39
N THR B 216 -58.06 -0.26 19.32
CA THR B 216 -57.16 -1.29 18.79
C THR B 216 -55.92 -1.49 19.66
N VAL B 217 -55.19 -2.57 19.40
CA VAL B 217 -54.09 -3.02 20.27
C VAL B 217 -52.83 -3.38 19.48
N LEU B 218 -51.69 -2.90 19.96
CA LEU B 218 -50.39 -3.31 19.43
C LEU B 218 -49.76 -4.36 20.35
N GLY B 219 -49.17 -5.38 19.75
CA GLY B 219 -48.52 -6.45 20.49
C GLY B 219 -49.50 -7.41 21.15
N GLY B 220 -50.69 -7.53 20.55
CA GLY B 220 -51.73 -8.42 21.07
C GLY B 220 -51.50 -9.86 20.68
N GLY B 221 -51.79 -10.18 19.43
CA GLY B 221 -51.50 -11.50 18.87
C GLY B 221 -50.39 -11.39 17.86
N SER B 222 -50.65 -11.86 16.64
CA SER B 222 -49.71 -11.72 15.53
C SER B 222 -50.03 -10.46 14.70
N THR B 223 -51.11 -9.78 15.07
CA THR B 223 -51.58 -8.58 14.36
C THR B 223 -52.27 -7.58 15.29
N ALA B 224 -52.63 -6.43 14.71
CA ALA B 224 -53.49 -5.44 15.38
C ALA B 224 -54.85 -6.06 15.67
N ILE B 225 -55.44 -5.68 16.80
CA ILE B 225 -56.67 -6.33 17.27
C ILE B 225 -57.77 -5.33 17.67
N ARG B 226 -58.96 -5.55 17.13
CA ARG B 226 -60.15 -4.81 17.56
C ARG B 226 -60.56 -5.22 18.96
N CYS B 227 -60.73 -4.22 19.82
CA CYS B 227 -61.32 -4.43 21.14
C CYS B 227 -62.81 -4.10 21.05
N GLN B 228 -63.53 -4.89 20.26
CA GLN B 228 -64.93 -4.61 19.93
C GLN B 228 -65.85 -4.53 21.14
N GLU B 229 -65.73 -5.50 22.06
CA GLU B 229 -66.64 -5.61 23.19
C GLU B 229 -66.26 -4.68 24.33
N ALA B 230 -65.00 -4.24 24.33
CA ALA B 230 -64.56 -3.16 25.20
C ALA B 230 -65.17 -1.85 24.73
N GLU B 231 -65.42 -1.75 23.41
CA GLU B 231 -66.06 -0.58 22.81
C GLU B 231 -67.51 -0.42 23.27
N ASN B 232 -68.22 -1.53 23.45
CA ASN B 232 -69.61 -1.50 23.89
C ASN B 232 -69.73 -1.01 25.33
N ILE B 233 -68.73 -1.36 26.14
CA ILE B 233 -68.64 -0.88 27.53
C ILE B 233 -68.63 0.65 27.56
N LEU B 234 -67.89 1.24 26.63
CA LEU B 234 -67.77 2.69 26.53
C LEU B 234 -69.05 3.34 26.05
N ILE B 235 -69.71 2.74 25.06
CA ILE B 235 -70.75 3.45 24.32
C ILE B 235 -72.07 3.63 25.07
N ASP B 236 -72.54 4.89 25.09
CA ASP B 236 -73.69 5.39 25.86
C ASP B 236 -73.34 5.86 27.27
N SER B 237 -72.04 5.98 27.56
CA SER B 237 -71.55 6.17 28.92
C SER B 237 -71.09 7.59 29.27
N THR B 238 -70.87 7.79 30.58
CA THR B 238 -70.45 9.07 31.14
C THR B 238 -68.96 9.35 30.91
N LEU B 239 -68.21 8.29 30.57
CA LEU B 239 -66.76 8.36 30.39
C LEU B 239 -66.02 8.78 31.66
N SER B 240 -66.36 8.14 32.77
CA SER B 240 -65.70 8.37 34.05
C SER B 240 -64.37 7.63 34.11
N SER B 241 -63.80 7.52 35.31
CA SER B 241 -62.68 6.64 35.56
C SER B 241 -63.21 5.38 36.24
N HIS B 242 -64.29 4.85 35.68
CA HIS B 242 -65.00 3.71 36.25
C HIS B 242 -65.56 2.86 35.15
N ASP B 243 -65.32 3.32 33.92
CA ASP B 243 -65.74 2.64 32.70
C ASP B 243 -64.55 2.54 31.76
N ILE B 244 -63.71 3.57 31.76
CA ILE B 244 -62.42 3.53 31.05
C ILE B 244 -61.57 2.40 31.62
N ALA B 245 -61.39 2.41 32.93
CA ALA B 245 -60.65 1.35 33.63
C ALA B 245 -61.32 0.01 33.41
N ALA B 246 -62.65 0.00 33.44
CA ALA B 246 -63.44 -1.22 33.22
C ALA B 246 -63.37 -1.71 31.78
N ALA B 247 -63.36 -0.77 30.83
CA ALA B 247 -63.23 -1.10 29.40
C ALA B 247 -61.86 -1.72 29.13
N ALA B 248 -60.83 -1.07 29.64
CA ALA B 248 -59.44 -1.55 29.52
C ALA B 248 -59.27 -2.94 30.11
N HIS B 249 -59.78 -3.14 31.33
CA HIS B 249 -59.71 -4.44 32.01
C HIS B 249 -60.37 -5.54 31.21
N ALA B 250 -61.35 -5.17 30.41
CA ALA B 250 -62.02 -6.11 29.51
C ALA B 250 -61.47 -6.05 28.09
N ALA B 251 -60.68 -5.02 27.80
CA ALA B 251 -60.02 -4.88 26.50
C ALA B 251 -58.80 -5.78 26.39
N VAL B 252 -58.51 -6.50 27.46
CA VAL B 252 -57.31 -7.34 27.54
C VAL B 252 -57.64 -8.82 27.71
N GLN B 253 -58.66 -9.11 28.50
CA GLN B 253 -58.97 -10.47 29.00
C GLN B 253 -58.90 -11.61 27.97
N GLY B 254 -58.93 -11.28 26.68
CA GLY B 254 -58.93 -12.30 25.63
C GLY B 254 -57.64 -12.51 24.84
N LEU B 255 -56.58 -11.81 25.23
CA LEU B 255 -55.33 -11.78 24.44
C LEU B 255 -54.40 -12.97 24.65
N ASP B 256 -53.67 -13.30 23.59
CA ASP B 256 -52.60 -14.30 23.63
C ASP B 256 -51.29 -13.68 23.15
N PRO B 257 -50.63 -12.87 24.00
CA PRO B 257 -49.33 -12.33 23.60
C PRO B 257 -48.25 -13.41 23.53
N VAL B 258 -47.28 -13.22 22.64
CA VAL B 258 -46.14 -14.13 22.50
C VAL B 258 -44.94 -13.56 23.25
N PRO B 259 -44.32 -14.34 24.14
CA PRO B 259 -43.20 -13.81 24.91
C PRO B 259 -41.96 -13.46 24.07
N THR B 260 -41.31 -12.35 24.40
CA THR B 260 -40.03 -11.98 23.80
C THR B 260 -38.97 -11.78 24.89
N VAL B 261 -37.75 -11.45 24.46
CA VAL B 261 -36.64 -11.20 25.38
C VAL B 261 -36.93 -9.98 26.26
N HIS B 262 -37.79 -9.09 25.76
CA HIS B 262 -38.18 -7.88 26.48
C HIS B 262 -39.52 -8.03 27.15
N GLY B 263 -40.24 -9.09 26.81
CA GLY B 263 -41.62 -9.24 27.29
C GLY B 263 -42.06 -10.62 27.72
N SER B 264 -42.59 -10.69 28.94
CA SER B 264 -43.27 -11.90 29.41
C SER B 264 -44.74 -11.84 29.00
N ALA B 265 -45.33 -13.01 28.75
CA ALA B 265 -46.68 -13.14 28.18
C ALA B 265 -47.72 -12.26 28.87
N GLN B 266 -47.88 -12.45 30.18
CA GLN B 266 -48.82 -11.67 30.98
C GLN B 266 -48.44 -10.20 31.08
N TYR B 267 -47.15 -9.94 31.31
CA TYR B 267 -46.61 -8.58 31.33
C TYR B 267 -47.02 -7.83 30.07
N ARG B 268 -46.70 -8.41 28.91
CA ARG B 268 -47.09 -7.90 27.60
C ARG B 268 -48.58 -7.56 27.53
N ALA B 269 -49.40 -8.50 27.97
CA ALA B 269 -50.85 -8.32 28.03
C ALA B 269 -51.22 -7.29 29.09
N GLN B 270 -50.51 -7.33 30.22
CA GLN B 270 -50.68 -6.34 31.28
C GLN B 270 -50.05 -5.02 30.86
N VAL B 271 -49.30 -5.04 29.76
CA VAL B 271 -48.80 -3.81 29.12
C VAL B 271 -49.61 -3.51 27.84
N ILE B 272 -50.79 -4.11 27.74
CA ILE B 272 -51.81 -3.66 26.77
C ILE B 272 -52.83 -2.74 27.47
N ARG B 273 -52.96 -2.96 28.77
CA ARG B 273 -52.52 -1.90 29.68
C ARG B 273 -53.41 -0.90 30.39
N THR B 274 -53.25 0.31 29.89
CA THR B 274 -53.11 1.57 30.61
C THR B 274 -52.51 2.37 29.47
N MET B 275 -52.12 1.66 28.41
CA MET B 275 -51.93 2.23 27.08
C MET B 275 -53.34 2.53 26.62
N VAL B 276 -54.25 1.57 26.82
CA VAL B 276 -55.68 1.79 26.59
C VAL B 276 -56.18 2.88 27.52
N GLU B 277 -55.88 2.75 28.82
CA GLU B 277 -56.38 3.67 29.85
C GLU B 277 -55.98 5.14 29.63
N ARG B 278 -54.71 5.39 29.31
CA ARG B 278 -54.27 6.78 29.08
C ARG B 278 -54.49 7.26 27.65
N THR B 279 -54.64 6.35 26.69
CA THR B 279 -55.04 6.74 25.33
C THR B 279 -56.48 7.21 25.30
N LEU B 280 -57.35 6.46 25.99
CA LEU B 280 -58.75 6.85 26.15
C LEU B 280 -58.85 8.16 26.92
N ALA B 281 -57.96 8.33 27.90
CA ALA B 281 -57.88 9.55 28.68
C ALA B 281 -57.55 10.75 27.78
N LYS B 282 -56.49 10.62 26.98
CA LYS B 282 -56.06 11.67 26.06
C LYS B 282 -56.99 11.88 24.86
N ALA B 283 -57.83 10.90 24.57
CA ALA B 283 -58.88 11.06 23.57
C ALA B 283 -59.80 12.20 24.02
N LEU B 284 -60.17 12.17 25.31
CA LEU B 284 -60.97 13.23 25.91
C LEU B 284 -60.12 14.37 26.46
N HIS B 285 -60.11 15.49 25.75
CA HIS B 285 -59.86 16.78 26.40
C HIS B 285 -60.41 17.91 25.57
N ARG B 286 -61.67 18.23 25.86
CA ARG B 286 -62.48 19.14 25.03
C ARG B 286 -62.56 18.64 23.59
N ALA B 287 -61.92 17.50 23.34
CA ALA B 287 -61.89 16.88 22.03
C ALA B 287 -62.87 15.72 21.96
N MET C 1 -27.75 -12.19 -13.23
CA MET C 1 -26.38 -11.70 -13.53
C MET C 1 -26.34 -10.86 -14.81
N ASN C 2 -26.73 -9.59 -14.68
CA ASN C 2 -26.49 -8.60 -15.72
C ASN C 2 -26.44 -7.20 -15.13
N ALA C 3 -25.27 -6.58 -15.25
CA ALA C 3 -24.97 -5.30 -14.61
C ALA C 3 -25.88 -4.17 -15.11
N PHE C 4 -26.13 -3.23 -14.21
CA PHE C 4 -27.01 -2.10 -14.47
C PHE C 4 -26.18 -0.82 -14.62
N ARG C 5 -26.48 -0.03 -15.66
CA ARG C 5 -25.77 1.23 -15.84
C ARG C 5 -26.37 2.37 -15.02
N LEU C 6 -25.61 2.79 -14.02
CA LEU C 6 -26.04 3.77 -13.04
C LEU C 6 -25.45 5.15 -13.33
N THR C 7 -26.25 6.19 -13.10
CA THR C 7 -25.79 7.56 -13.26
C THR C 7 -26.20 8.38 -12.03
N VAL C 8 -25.21 8.82 -11.25
CA VAL C 8 -25.45 9.51 -9.99
C VAL C 8 -24.53 10.72 -9.83
N GLU C 9 -25.07 11.81 -9.29
CA GLU C 9 -24.29 12.99 -8.96
C GLU C 9 -23.88 12.97 -7.48
N VAL C 10 -22.59 12.71 -7.23
CA VAL C 10 -22.05 12.68 -5.87
C VAL C 10 -21.24 13.94 -5.60
N ASN C 11 -21.66 14.71 -4.60
CA ASN C 11 -20.99 15.94 -4.18
C ASN C 11 -20.77 16.93 -5.32
N GLY C 12 -21.74 17.02 -6.22
CA GLY C 12 -21.63 17.85 -7.41
C GLY C 12 -21.09 17.10 -8.61
N VAL C 13 -20.17 16.16 -8.34
CA VAL C 13 -19.54 15.36 -9.40
C VAL C 13 -20.48 14.28 -9.90
N THR C 14 -20.71 14.27 -11.21
CA THR C 14 -21.50 13.23 -11.86
C THR C 14 -20.67 11.96 -12.08
N HIS C 15 -21.34 10.82 -12.14
CA HIS C 15 -20.67 9.54 -12.35
C HIS C 15 -21.49 8.63 -13.23
N ALA C 16 -20.81 7.83 -14.04
CA ALA C 16 -21.47 6.82 -14.88
C ALA C 16 -20.72 5.49 -14.74
N THR C 17 -21.40 4.47 -14.23
CA THR C 17 -20.78 3.17 -13.95
C THR C 17 -21.77 2.02 -13.96
N ASP C 18 -21.32 0.87 -14.45
CA ASP C 18 -22.05 -0.38 -14.30
C ASP C 18 -21.86 -0.90 -12.88
N VAL C 19 -22.97 -1.23 -12.23
CA VAL C 19 -22.95 -1.93 -10.95
C VAL C 19 -23.91 -3.12 -11.01
N GLU C 20 -23.59 -4.19 -10.30
CA GLU C 20 -24.57 -5.25 -10.09
C GLU C 20 -25.60 -4.73 -9.09
N PRO C 21 -26.88 -5.11 -9.26
CA PRO C 21 -27.96 -4.48 -8.52
C PRO C 21 -27.85 -4.65 -7.00
N ARG C 22 -27.34 -5.81 -6.58
CA ARG C 22 -27.34 -6.18 -5.16
C ARG C 22 -26.37 -5.38 -4.28
N ARG C 23 -25.48 -4.61 -4.91
CA ARG C 23 -24.53 -3.80 -4.17
C ARG C 23 -25.23 -2.68 -3.41
N LEU C 24 -24.98 -2.62 -2.10
CA LEU C 24 -25.56 -1.58 -1.24
C LEU C 24 -24.89 -0.24 -1.53
N LEU C 25 -25.70 0.83 -1.49
CA LEU C 25 -25.22 2.19 -1.76
C LEU C 25 -23.99 2.56 -0.94
N ALA C 26 -23.98 2.16 0.32
CA ALA C 26 -22.86 2.41 1.22
C ALA C 26 -21.55 1.89 0.64
N ASP C 27 -21.57 0.64 0.19
CA ASP C 27 -20.40 0.00 -0.39
C ASP C 27 -20.02 0.60 -1.74
N PHE C 28 -21.02 1.10 -2.47
CA PHE C 28 -20.80 1.82 -3.73
C PHE C 28 -20.03 3.12 -3.48
N LEU C 29 -20.46 3.85 -2.46
CA LEU C 29 -19.87 5.13 -2.12
C LEU C 29 -18.45 4.97 -1.61
N ARG C 30 -18.21 3.90 -0.87
CA ARG C 30 -16.87 3.64 -0.37
C ARG C 30 -16.01 3.06 -1.48
N ASP C 31 -16.61 2.23 -2.33
CA ASP C 31 -15.90 1.57 -3.44
C ASP C 31 -16.70 1.56 -4.74
N ASP C 32 -16.13 2.09 -5.82
CA ASP C 32 -14.77 2.64 -5.82
C ASP C 32 -14.78 4.16 -5.73
N LEU C 33 -15.67 4.70 -4.90
CA LEU C 33 -15.87 6.14 -4.91
C LEU C 33 -15.48 6.94 -3.67
N HIS C 34 -14.20 7.17 -3.37
CA HIS C 34 -13.42 6.21 -2.57
C HIS C 34 -13.59 6.95 -1.26
N LEU C 35 -14.82 7.42 -1.05
CA LEU C 35 -15.17 8.40 -0.02
C LEU C 35 -15.46 7.69 1.28
N ARG C 36 -14.40 7.25 1.93
CA ARG C 36 -14.47 6.50 3.18
C ARG C 36 -15.15 7.24 4.32
N GLY C 37 -15.50 8.51 4.09
CA GLY C 37 -16.18 9.36 5.07
C GLY C 37 -17.43 8.72 5.64
N THR C 38 -18.25 8.15 4.76
CA THR C 38 -19.42 7.36 5.17
C THR C 38 -18.94 6.09 5.86
N ARG C 39 -19.43 5.85 7.07
CA ARG C 39 -18.98 4.71 7.87
C ARG C 39 -20.12 3.76 8.20
N VAL C 40 -19.80 2.47 8.37
CA VAL C 40 -20.81 1.43 8.56
C VAL C 40 -20.58 0.65 9.86
N GLY C 41 -21.58 0.67 10.75
CA GLY C 41 -21.44 0.10 12.09
C GLY C 41 -22.39 -1.03 12.44
N CYS C 42 -23.68 -0.73 12.42
CA CYS C 42 -24.74 -1.73 12.48
C CYS C 42 -24.84 -2.31 11.07
N GLU C 43 -25.95 -2.97 10.76
CA GLU C 43 -26.20 -3.42 9.38
C GLU C 43 -27.68 -3.37 8.99
N HIS C 44 -28.45 -2.57 9.72
CA HIS C 44 -29.91 -2.59 9.59
C HIS C 44 -30.54 -1.30 10.03
N GLY C 45 -29.97 -0.19 9.57
CA GLY C 45 -30.55 1.13 9.78
C GLY C 45 -30.61 1.63 11.21
N VAL C 46 -29.64 1.27 12.04
CA VAL C 46 -29.66 1.66 13.45
C VAL C 46 -28.47 2.52 13.87
N CYS C 47 -27.26 2.03 13.62
CA CYS C 47 -26.02 2.66 14.10
C CYS C 47 -25.97 4.17 13.87
N GLY C 48 -26.28 4.61 12.66
CA GLY C 48 -26.32 6.04 12.37
C GLY C 48 -25.25 6.49 11.41
N SER C 49 -23.99 6.16 11.71
CA SER C 49 -22.84 6.49 10.87
C SER C 49 -23.18 6.37 9.38
N CYS C 50 -23.70 5.20 9.02
CA CYS C 50 -24.37 4.92 7.75
C CYS C 50 -24.98 6.10 7.00
N THR C 51 -25.51 7.07 7.75
CA THR C 51 -26.39 8.11 7.21
C THR C 51 -25.74 9.02 6.17
N VAL C 52 -26.48 9.26 5.09
CA VAL C 52 -26.08 10.18 4.03
C VAL C 52 -27.27 11.02 3.58
N ILE C 53 -26.98 12.17 2.98
CA ILE C 53 -28.01 12.99 2.35
C ILE C 53 -28.36 12.39 0.99
N LEU C 54 -29.60 11.94 0.85
CA LEU C 54 -30.13 11.56 -0.46
C LEU C 54 -31.19 12.57 -0.87
N ASP C 55 -30.97 13.20 -2.03
CA ASP C 55 -31.90 14.19 -2.59
C ASP C 55 -32.41 15.22 -1.56
N GLY C 56 -31.56 15.60 -0.61
CA GLY C 56 -31.93 16.57 0.41
C GLY C 56 -32.43 15.96 1.71
N GLN C 57 -32.85 14.70 1.65
CA GLN C 57 -33.36 13.99 2.82
C GLN C 57 -32.30 13.03 3.35
N PRO C 58 -32.03 13.07 4.67
CA PRO C 58 -31.09 12.12 5.24
C PRO C 58 -31.67 10.71 5.29
N VAL C 59 -31.02 9.78 4.62
CA VAL C 59 -31.41 8.38 4.63
C VAL C 59 -30.19 7.50 4.91
N ARG C 60 -30.44 6.26 5.28
CA ARG C 60 -29.36 5.31 5.58
C ARG C 60 -28.82 4.73 4.28
N SER C 61 -27.52 4.88 4.06
CA SER C 61 -26.86 4.38 2.85
C SER C 61 -26.76 2.86 2.86
N CYS C 62 -27.47 2.23 3.80
CA CYS C 62 -27.23 0.82 4.13
C CYS C 62 -28.51 -0.02 4.06
N THR C 63 -29.62 0.68 3.80
CA THR C 63 -30.93 0.05 3.62
C THR C 63 -31.41 0.43 2.23
N VAL C 64 -30.45 0.86 1.41
CA VAL C 64 -30.69 1.29 0.04
C VAL C 64 -29.66 0.63 -0.87
N LEU C 65 -30.13 -0.14 -1.83
CA LEU C 65 -29.27 -0.68 -2.88
C LEU C 65 -28.78 0.49 -3.73
N ALA C 66 -27.52 0.43 -4.16
CA ALA C 66 -26.89 1.52 -4.93
C ALA C 66 -27.67 1.90 -6.18
N VAL C 67 -28.17 0.88 -6.87
CA VAL C 67 -28.98 1.03 -8.08
C VAL C 67 -30.23 1.90 -7.86
N GLN C 68 -30.70 1.96 -6.61
CA GLN C 68 -31.88 2.76 -6.28
C GLN C 68 -31.62 4.26 -6.26
N ALA C 69 -30.34 4.66 -6.36
CA ALA C 69 -29.95 6.06 -6.30
C ALA C 69 -29.79 6.70 -7.68
N ASN C 70 -30.08 5.93 -8.73
CA ASN C 70 -29.90 6.38 -10.11
C ASN C 70 -30.60 7.70 -10.41
N ASN C 71 -29.88 8.60 -11.08
CA ASN C 71 -30.36 9.94 -11.40
C ASN C 71 -30.80 10.72 -10.15
N SER C 72 -29.94 10.74 -9.14
CA SER C 72 -30.23 11.43 -7.89
C SER C 72 -28.99 12.05 -7.27
N ARG C 73 -29.21 13.12 -6.51
CA ARG C 73 -28.13 13.84 -5.85
C ARG C 73 -27.84 13.23 -4.49
N ILE C 74 -26.56 12.96 -4.24
CA ILE C 74 -26.12 12.41 -2.96
C ILE C 74 -24.98 13.24 -2.40
N GLU C 75 -25.02 13.49 -1.10
CA GLU C 75 -23.99 14.26 -0.41
C GLU C 75 -23.51 13.52 0.83
N THR C 76 -22.20 13.57 1.04
CA THR C 76 -21.56 12.90 2.16
C THR C 76 -20.81 13.90 3.02
N VAL C 77 -20.31 13.44 4.17
CA VAL C 77 -19.55 14.28 5.09
C VAL C 77 -18.35 14.96 4.39
N GLU C 78 -17.87 14.36 3.31
CA GLU C 78 -16.80 14.92 2.49
C GLU C 78 -17.16 16.29 1.90
N SER C 79 -18.45 16.51 1.65
CA SER C 79 -18.92 17.72 0.97
C SER C 79 -19.09 18.93 1.90
N LEU C 80 -18.91 18.73 3.20
CA LEU C 80 -19.09 19.79 4.19
C LEU C 80 -18.02 20.88 4.07
N GLN C 81 -16.76 20.50 4.28
CA GLN C 81 -15.65 21.45 4.23
C GLN C 81 -15.55 22.01 2.81
N LYS C 82 -15.49 23.32 2.72
CA LYS C 82 -15.29 23.99 1.44
C LYS C 82 -14.11 24.94 1.52
N ASP C 83 -13.10 24.68 0.69
CA ASP C 83 -11.89 25.49 0.62
C ASP C 83 -11.18 25.57 1.98
N GLY C 84 -10.71 24.44 2.46
CA GLY C 84 -9.95 24.36 3.70
C GLY C 84 -10.74 24.58 4.98
N GLN C 85 -11.74 25.46 4.91
CA GLN C 85 -12.57 25.77 6.07
C GLN C 85 -13.52 24.63 6.40
N LEU C 86 -13.65 24.34 7.69
CA LEU C 86 -14.62 23.35 8.14
C LEU C 86 -15.98 24.02 8.25
N HIS C 87 -17.00 23.37 7.69
CA HIS C 87 -18.37 23.84 7.80
C HIS C 87 -18.75 23.98 9.25
N PRO C 88 -19.40 25.12 9.61
CA PRO C 88 -19.82 25.46 10.97
C PRO C 88 -20.14 24.30 11.90
N LEU C 89 -20.87 23.31 11.40
CA LEU C 89 -21.22 22.12 12.19
C LEU C 89 -19.99 21.37 12.69
N GLN C 90 -19.04 21.11 11.78
CA GLN C 90 -17.77 20.46 12.12
C GLN C 90 -16.95 21.30 13.09
N ARG C 91 -16.97 22.62 12.87
CA ARG C 91 -16.21 23.56 13.69
C ARG C 91 -16.69 23.53 15.14
N SER C 92 -18.01 23.56 15.32
CA SER C 92 -18.59 23.53 16.67
C SER C 92 -18.53 22.14 17.30
N PHE C 93 -18.54 21.09 16.46
CA PHE C 93 -18.37 19.72 16.93
C PHE C 93 -17.01 19.51 17.60
N SER C 94 -16.01 20.24 17.11
CA SER C 94 -14.68 20.23 17.73
C SER C 94 -14.62 21.15 18.94
N LYS C 95 -15.33 22.28 18.85
CA LYS C 95 -15.38 23.28 19.94
C LYS C 95 -15.94 22.70 21.24
N CYS C 96 -16.81 21.71 21.11
CA CYS C 96 -17.47 21.11 22.26
C CYS C 96 -17.04 19.66 22.50
N HIS C 97 -16.05 19.19 21.72
CA HIS C 97 -15.53 17.83 21.84
C HIS C 97 -16.67 16.84 21.73
N ALA C 98 -17.35 16.89 20.59
CA ALA C 98 -18.56 16.09 20.38
C ALA C 98 -18.29 14.76 19.69
N LEU C 99 -17.04 14.34 19.69
CA LEU C 99 -16.63 13.10 19.03
C LEU C 99 -15.36 12.54 19.67
N GLN C 100 -15.19 11.23 19.61
CA GLN C 100 -14.02 10.59 20.20
C GLN C 100 -13.37 9.55 19.29
N CYS C 101 -14.14 8.59 18.80
CA CYS C 101 -13.61 7.59 17.87
C CYS C 101 -13.57 8.17 16.45
N GLY C 102 -14.74 8.59 15.97
CA GLY C 102 -14.89 9.11 14.62
C GLY C 102 -16.11 8.56 13.90
N PHE C 103 -16.52 7.35 14.24
CA PHE C 103 -17.60 6.64 13.53
C PHE C 103 -18.94 7.38 13.51
N CYS C 104 -19.44 7.72 14.68
CA CYS C 104 -20.70 8.43 14.80
C CYS C 104 -20.51 9.92 14.51
N THR C 105 -19.89 10.24 13.38
CA THR C 105 -19.64 11.63 13.02
C THR C 105 -20.20 11.98 11.65
N SER C 106 -19.98 11.11 10.66
CA SER C 106 -20.65 11.25 9.37
C SER C 106 -22.16 11.22 9.61
N GLY C 107 -22.60 10.19 10.32
CA GLY C 107 -24.01 9.97 10.63
C GLY C 107 -24.72 11.18 11.21
N PHE C 108 -24.25 11.65 12.36
CA PHE C 108 -24.83 12.82 13.02
C PHE C 108 -24.76 14.06 12.14
N LEU C 109 -23.56 14.36 11.63
CA LEU C 109 -23.32 15.57 10.85
C LEU C 109 -24.24 15.70 9.64
N MET C 110 -24.43 14.59 8.92
CA MET C 110 -25.29 14.59 7.74
C MET C 110 -26.77 14.63 8.09
N THR C 111 -27.14 14.06 9.23
CA THR C 111 -28.50 14.16 9.75
C THR C 111 -28.82 15.63 10.08
N LEU C 112 -27.84 16.31 10.64
CA LEU C 112 -28.01 17.71 11.08
C LEU C 112 -27.94 18.72 9.95
N LYS C 113 -27.32 18.33 8.83
CA LYS C 113 -27.01 19.28 7.75
C LYS C 113 -28.22 20.01 7.13
N PRO C 114 -29.23 19.27 6.61
CA PRO C 114 -30.35 19.99 5.99
C PRO C 114 -31.14 20.80 7.03
N LEU C 115 -31.16 20.29 8.26
CA LEU C 115 -31.80 20.96 9.39
C LEU C 115 -31.12 22.31 9.64
N TYR C 116 -29.79 22.31 9.56
CA TYR C 116 -29.01 23.54 9.66
C TYR C 116 -29.35 24.49 8.51
N ASP C 117 -29.16 24.02 7.28
CA ASP C 117 -29.29 24.86 6.07
C ASP C 117 -30.65 25.53 5.89
N ASP C 118 -31.70 24.90 6.40
CA ASP C 118 -33.04 25.49 6.40
C ASP C 118 -33.22 26.39 7.61
N GLU C 119 -33.89 27.53 7.40
CA GLU C 119 -33.89 28.65 8.34
C GLU C 119 -34.48 28.37 9.73
N ASP C 120 -35.15 27.23 9.89
CA ASP C 120 -35.79 26.86 11.15
C ASP C 120 -35.53 25.38 11.47
N VAL C 121 -35.52 25.03 12.76
CA VAL C 121 -35.80 25.94 13.85
C VAL C 121 -34.51 26.25 14.60
N THR C 122 -34.67 26.93 15.73
CA THR C 122 -33.70 26.87 16.82
C THR C 122 -33.50 25.40 17.17
N LEU C 123 -32.40 25.08 17.83
CA LEU C 123 -32.27 23.78 18.46
C LEU C 123 -31.85 23.94 19.91
N ASP C 124 -32.81 23.77 20.82
CA ASP C 124 -32.54 23.78 22.24
C ASP C 124 -32.29 22.35 22.73
N ALA C 125 -31.52 22.25 23.82
CA ALA C 125 -31.07 20.95 24.36
C ALA C 125 -32.08 19.82 24.25
N THR C 126 -33.34 20.10 24.57
CA THR C 126 -34.41 19.11 24.50
C THR C 126 -34.76 18.73 23.07
N SER C 127 -34.97 19.73 22.22
CA SER C 127 -35.26 19.51 20.80
C SER C 127 -34.03 19.07 20.03
N ALA C 128 -32.85 19.38 20.59
CA ALA C 128 -31.57 18.95 20.01
C ALA C 128 -31.40 17.45 20.16
N ARG C 129 -31.69 16.94 21.36
CA ARG C 129 -31.59 15.50 21.66
C ARG C 129 -32.46 14.66 20.73
N GLU C 130 -33.69 15.11 20.52
CA GLU C 130 -34.63 14.41 19.65
C GLU C 130 -34.16 14.37 18.20
N ALA C 131 -33.43 15.41 17.79
CA ALA C 131 -32.94 15.50 16.41
C ALA C 131 -31.88 14.45 16.10
N ILE C 132 -30.86 14.33 16.96
CA ILE C 132 -29.75 13.40 16.76
C ILE C 132 -30.11 11.96 17.12
N SER C 133 -31.18 11.79 17.91
CA SER C 133 -31.59 10.50 18.45
C SER C 133 -31.58 9.34 17.46
N GLY C 134 -31.73 9.66 16.17
CA GLY C 134 -31.65 8.66 15.11
C GLY C 134 -30.27 8.10 14.86
N ASN C 135 -29.30 8.54 15.67
CA ASN C 135 -27.92 8.11 15.54
C ASN C 135 -27.36 7.69 16.90
N LEU C 136 -26.62 6.58 16.92
CA LEU C 136 -26.05 6.06 18.15
C LEU C 136 -24.56 6.35 18.27
N CYS C 137 -24.11 6.56 19.50
CA CYS C 137 -22.70 6.77 19.80
C CYS C 137 -22.35 6.08 21.10
N ARG C 138 -21.14 5.53 21.16
CA ARG C 138 -20.70 4.77 22.34
C ARG C 138 -19.51 5.40 23.06
N CYS C 139 -19.39 6.73 23.02
CA CYS C 139 -18.19 7.37 23.55
C CYS C 139 -18.42 8.69 24.28
N THR C 140 -19.40 9.46 23.81
CA THR C 140 -19.58 10.83 24.28
C THR C 140 -20.71 10.99 25.30
N GLY C 141 -21.71 10.11 25.21
CA GLY C 141 -22.89 10.23 26.05
C GLY C 141 -23.85 11.28 25.53
N TYR C 142 -23.61 11.72 24.29
CA TYR C 142 -24.44 12.69 23.57
C TYR C 142 -24.41 14.09 24.21
N GLN C 143 -24.22 14.13 25.53
CA GLN C 143 -24.18 15.38 26.29
C GLN C 143 -23.44 16.50 25.56
N GLN C 144 -22.23 16.18 25.10
CA GLN C 144 -21.40 17.14 24.38
C GLN C 144 -21.87 17.36 22.95
N ILE C 145 -22.41 16.31 22.32
CA ILE C 145 -23.01 16.42 20.98
C ILE C 145 -24.21 17.37 21.05
N VAL C 146 -25.09 17.13 22.01
CA VAL C 146 -26.25 17.98 22.27
C VAL C 146 -25.79 19.42 22.52
N GLU C 147 -24.72 19.56 23.30
CA GLU C 147 -24.09 20.86 23.52
C GLU C 147 -23.46 21.41 22.25
N ALA C 148 -22.88 20.53 21.43
CA ALA C 148 -22.23 20.93 20.19
C ALA C 148 -23.22 21.48 19.17
N THR C 149 -24.33 20.76 18.96
CA THR C 149 -25.34 21.17 17.99
C THR C 149 -25.90 22.54 18.34
N VAL C 150 -26.26 22.72 19.62
CA VAL C 150 -26.83 23.99 20.11
C VAL C 150 -25.90 25.17 19.77
N ASP C 151 -24.62 25.02 20.10
CA ASP C 151 -23.61 26.04 19.82
C ASP C 151 -23.63 26.44 18.34
N ALA C 152 -23.68 25.43 17.46
CA ALA C 152 -23.71 25.64 16.01
C ALA C 152 -24.89 26.51 15.58
N PHE C 153 -26.01 26.37 16.28
CA PHE C 153 -27.24 27.08 15.92
C PHE C 153 -27.33 28.49 16.52
N HIS C 154 -26.44 28.80 17.45
CA HIS C 154 -26.42 30.14 18.03
C HIS C 154 -25.56 31.10 17.27
N CYS C 155 -24.38 30.63 16.83
CA CYS C 155 -23.55 31.41 15.93
C CYS C 155 -24.23 31.53 14.57
N ARG C 156 -25.18 30.64 14.31
CA ARG C 156 -25.99 30.64 13.10
C ARG C 156 -26.97 31.82 13.10
N ASP C 157 -27.87 31.85 14.09
CA ASP C 157 -28.97 32.82 14.14
C ASP C 157 -28.64 34.08 14.92
N HIS C 158 -28.82 33.98 16.25
CA HIS C 158 -28.73 35.11 17.17
C HIS C 158 -27.32 35.66 17.27
N ASN C 159 -26.43 35.05 16.48
CA ASN C 159 -25.12 35.58 16.12
C ASN C 159 -24.81 36.99 16.62
N ASP C 160 -24.27 37.06 17.84
CA ASP C 160 -23.83 38.31 18.47
C ASP C 160 -25.01 39.21 18.81
N MET D 1 5.04 4.81 -25.68
CA MET D 1 4.03 3.73 -25.46
C MET D 1 2.63 4.14 -25.89
N LYS D 2 1.65 3.51 -25.24
CA LYS D 2 0.24 3.89 -25.30
C LYS D 2 -0.33 4.11 -26.71
N PRO D 3 -0.82 3.04 -27.34
CA PRO D 3 -1.39 3.23 -28.68
C PRO D 3 -2.74 3.95 -28.64
N PRO D 4 -3.14 4.58 -29.75
CA PRO D 4 -4.43 5.28 -29.82
C PRO D 4 -5.62 4.32 -29.73
N SER D 5 -6.80 4.88 -29.50
CA SER D 5 -8.03 4.10 -29.41
C SER D 5 -8.50 3.67 -30.79
N PHE D 6 -9.02 2.44 -30.86
CA PHE D 6 -9.58 1.89 -32.09
C PHE D 6 -10.56 0.76 -31.80
N ASP D 7 -11.42 0.48 -32.78
CA ASP D 7 -12.27 -0.70 -32.73
C ASP D 7 -11.54 -1.85 -33.41
N TYR D 8 -11.85 -3.07 -33.00
CA TYR D 8 -11.08 -4.23 -33.41
C TYR D 8 -11.96 -5.44 -33.72
N VAL D 9 -11.65 -6.11 -34.83
CA VAL D 9 -12.39 -7.28 -35.28
C VAL D 9 -11.46 -8.33 -35.88
N VAL D 10 -11.90 -9.59 -35.82
CA VAL D 10 -11.20 -10.69 -36.46
C VAL D 10 -12.03 -11.15 -37.66
N ALA D 11 -11.40 -11.16 -38.84
CA ALA D 11 -12.07 -11.59 -40.07
C ALA D 11 -12.18 -13.11 -40.13
N ASP D 12 -13.30 -13.58 -40.67
CA ASP D 12 -13.55 -15.01 -40.85
C ASP D 12 -12.99 -15.53 -42.19
N SER D 13 -13.08 -14.70 -43.21
CA SER D 13 -12.61 -15.09 -44.55
C SER D 13 -11.98 -13.94 -45.33
N VAL D 14 -11.35 -14.29 -46.45
CA VAL D 14 -10.58 -13.35 -47.28
C VAL D 14 -11.41 -12.20 -47.86
N GLU D 15 -12.68 -12.49 -48.15
CA GLU D 15 -13.59 -11.45 -48.65
C GLU D 15 -14.39 -10.82 -47.52
N HIS D 16 -14.50 -11.53 -46.40
CA HIS D 16 -15.07 -10.98 -45.16
C HIS D 16 -14.23 -9.83 -44.72
N ALA D 17 -12.91 -10.00 -44.77
CA ALA D 17 -11.95 -8.96 -44.44
C ALA D 17 -12.12 -7.74 -45.33
N LEU D 18 -12.14 -7.97 -46.65
CA LEU D 18 -12.38 -6.93 -47.63
C LEU D 18 -13.73 -6.25 -47.42
N ARG D 19 -14.74 -7.07 -47.16
CA ARG D 19 -16.11 -6.59 -46.94
C ARG D 19 -16.21 -5.60 -45.80
N LEU D 20 -15.56 -5.90 -44.68
CA LEU D 20 -15.75 -5.12 -43.47
C LEU D 20 -14.95 -3.81 -43.42
N LEU D 21 -13.65 -3.87 -43.72
CA LEU D 21 -12.80 -2.67 -43.64
C LEU D 21 -13.18 -1.65 -44.72
N ALA D 22 -13.82 -2.14 -45.78
CA ALA D 22 -14.31 -1.28 -46.86
C ALA D 22 -15.30 -0.25 -46.33
N ASP D 23 -16.44 -0.70 -45.82
CA ASP D 23 -17.43 0.19 -45.22
C ASP D 23 -17.06 0.58 -43.78
N GLY D 24 -16.08 -0.12 -43.22
CA GLY D 24 -15.63 0.11 -41.85
C GLY D 24 -14.86 1.40 -41.66
N GLY D 25 -14.03 1.75 -42.64
CA GLY D 25 -13.25 2.97 -42.55
C GLY D 25 -12.54 3.37 -43.82
N ASP D 26 -12.65 4.67 -44.13
CA ASP D 26 -11.74 5.34 -45.05
C ASP D 26 -10.33 5.11 -44.51
N ASP D 27 -10.22 5.17 -43.19
CA ASP D 27 -8.96 4.99 -42.48
C ASP D 27 -9.00 3.77 -41.53
N ALA D 28 -9.49 2.65 -42.03
CA ALA D 28 -9.43 1.37 -41.32
C ALA D 28 -8.18 0.62 -41.78
N LYS D 29 -7.49 -0.02 -40.84
CA LYS D 29 -6.25 -0.71 -41.15
C LYS D 29 -6.27 -2.21 -40.83
N ILE D 30 -5.42 -2.95 -41.55
CA ILE D 30 -5.29 -4.39 -41.39
C ILE D 30 -4.12 -4.63 -40.44
N ILE D 31 -4.07 -5.80 -39.79
CA ILE D 31 -3.00 -6.04 -38.82
C ILE D 31 -2.09 -7.25 -39.08
N ALA D 32 -2.66 -8.44 -39.21
CA ALA D 32 -1.87 -9.67 -39.36
C ALA D 32 -0.79 -9.81 -38.27
N GLY D 33 0.47 -9.56 -38.65
CA GLY D 33 1.62 -9.76 -37.76
C GLY D 33 1.69 -8.82 -36.57
N GLY D 34 1.69 -7.52 -36.84
CA GLY D 34 1.73 -6.51 -35.79
C GLY D 34 3.07 -5.83 -35.59
N GLN D 35 4.16 -6.55 -35.89
CA GLN D 35 5.53 -6.11 -35.56
C GLN D 35 5.95 -4.79 -36.22
N SER D 36 5.14 -4.31 -37.16
CA SER D 36 5.33 -2.99 -37.74
C SER D 36 4.20 -2.04 -37.38
N LEU D 37 2.97 -2.56 -37.34
CA LEU D 37 1.82 -1.72 -37.03
C LEU D 37 1.76 -1.34 -35.56
N VAL D 38 1.84 -2.34 -34.68
CA VAL D 38 1.76 -2.12 -33.23
C VAL D 38 2.82 -1.12 -32.71
N PRO D 39 4.09 -1.25 -33.15
CA PRO D 39 5.06 -0.24 -32.73
C PRO D 39 4.76 1.15 -33.31
N LEU D 40 4.28 1.21 -34.54
CA LEU D 40 3.86 2.48 -35.14
C LEU D 40 2.71 3.11 -34.35
N LEU D 41 2.04 2.28 -33.54
CA LEU D 41 0.95 2.74 -32.67
C LEU D 41 1.45 3.30 -31.35
N ASN D 42 2.42 2.61 -30.72
CA ASN D 42 3.01 3.07 -29.48
C ASN D 42 3.80 4.36 -29.66
N PHE D 43 4.22 4.63 -30.90
CA PHE D 43 4.83 5.90 -31.23
C PHE D 43 3.78 6.91 -31.69
N ARG D 44 2.54 6.46 -31.75
CA ARG D 44 1.42 7.29 -32.20
C ARG D 44 1.68 7.86 -33.58
N MET D 45 2.27 7.03 -34.43
CA MET D 45 2.59 7.41 -35.81
C MET D 45 1.53 6.89 -36.78
N SER D 46 0.46 6.30 -36.23
CA SER D 46 -0.66 5.84 -37.02
C SER D 46 -1.95 5.94 -36.22
N ARG D 47 -3.02 6.36 -36.88
CA ARG D 47 -4.31 6.57 -36.21
C ARG D 47 -5.43 5.76 -36.87
N PRO D 48 -5.35 4.42 -36.81
CA PRO D 48 -6.48 3.69 -37.38
C PRO D 48 -7.72 3.89 -36.52
N SER D 49 -8.88 3.94 -37.17
CA SER D 49 -10.15 3.96 -36.45
C SER D 49 -10.57 2.52 -36.19
N LEU D 50 -10.41 1.70 -37.22
CA LEU D 50 -10.75 0.29 -37.14
C LEU D 50 -9.54 -0.56 -37.52
N LEU D 51 -9.25 -1.55 -36.68
CA LEU D 51 -8.23 -2.55 -36.99
C LEU D 51 -8.86 -3.89 -37.33
N VAL D 52 -8.45 -4.44 -38.47
CA VAL D 52 -9.00 -5.72 -38.92
C VAL D 52 -7.95 -6.80 -38.76
N ASP D 53 -8.17 -7.69 -37.79
CA ASP D 53 -7.25 -8.80 -37.58
C ASP D 53 -7.55 -9.93 -38.55
N ILE D 54 -6.63 -10.12 -39.50
CA ILE D 54 -6.72 -11.19 -40.48
C ILE D 54 -5.82 -12.36 -40.09
N ASN D 55 -5.05 -12.17 -39.02
CA ASN D 55 -4.06 -13.16 -38.59
C ASN D 55 -4.65 -14.54 -38.32
N ARG D 56 -5.98 -14.64 -38.41
CA ARG D 56 -6.71 -15.87 -38.15
C ARG D 56 -7.69 -16.19 -39.28
N VAL D 57 -7.15 -16.22 -40.51
CA VAL D 57 -7.91 -16.53 -41.72
C VAL D 57 -7.27 -17.77 -42.35
N PRO D 58 -8.09 -18.76 -42.77
CA PRO D 58 -7.58 -20.10 -43.11
C PRO D 58 -6.47 -20.21 -44.17
N GLY D 59 -6.82 -19.98 -45.43
CA GLY D 59 -5.98 -20.34 -46.58
C GLY D 59 -4.54 -19.85 -46.62
N LEU D 60 -4.32 -18.58 -46.29
CA LEU D 60 -3.04 -17.92 -46.53
C LEU D 60 -1.98 -18.27 -45.48
N ALA D 61 -1.51 -19.52 -45.51
CA ALA D 61 -0.55 -19.98 -44.49
C ALA D 61 0.42 -21.06 -44.98
N ASN D 62 0.22 -21.52 -46.22
CA ASN D 62 0.94 -22.69 -46.72
C ASN D 62 1.89 -22.40 -47.89
N ILE D 63 2.69 -23.40 -48.25
CA ILE D 63 3.70 -23.26 -49.29
C ILE D 63 3.57 -24.37 -50.33
N ARG D 64 3.30 -23.97 -51.58
CA ARG D 64 3.06 -24.92 -52.67
C ARG D 64 4.09 -24.80 -53.79
N LYS D 65 4.33 -25.91 -54.47
CA LYS D 65 5.22 -25.95 -55.64
C LYS D 65 4.38 -26.08 -56.91
N SER D 66 3.45 -25.13 -57.10
CA SER D 66 2.56 -25.15 -58.26
C SER D 66 3.28 -24.77 -59.54
N ASP D 67 3.04 -25.55 -60.58
CA ASP D 67 3.57 -25.29 -61.93
C ASP D 67 5.07 -25.07 -61.98
N GLN D 68 5.46 -23.98 -62.65
CA GLN D 68 6.84 -23.57 -62.83
C GLN D 68 7.15 -22.45 -61.85
N THR D 69 6.33 -22.34 -60.80
CA THR D 69 6.48 -21.31 -59.79
C THR D 69 6.39 -21.91 -58.39
N ILE D 70 6.37 -21.05 -57.36
CA ILE D 70 6.22 -21.46 -55.97
C ILE D 70 5.29 -20.48 -55.24
N ALA D 71 4.16 -20.98 -54.75
CA ALA D 71 3.16 -20.15 -54.08
C ALA D 71 3.40 -20.05 -52.57
N ILE D 72 3.30 -18.83 -52.04
CA ILE D 72 3.47 -18.58 -50.61
C ILE D 72 2.33 -17.71 -50.09
N GLY D 73 1.59 -18.22 -49.10
CA GLY D 73 0.51 -17.46 -48.47
C GLY D 73 1.04 -16.21 -47.78
N ALA D 74 0.22 -15.16 -47.77
CA ALA D 74 0.63 -13.86 -47.22
C ALA D 74 0.89 -13.89 -45.72
N LEU D 75 0.19 -14.77 -45.00
CA LEU D 75 0.36 -14.86 -43.54
C LEU D 75 1.48 -15.82 -43.13
N THR D 76 2.34 -16.19 -44.09
CA THR D 76 3.48 -17.07 -43.80
C THR D 76 4.51 -16.35 -42.94
N ARG D 77 4.83 -16.97 -41.81
CA ARG D 77 5.74 -16.38 -40.83
C ARG D 77 7.19 -16.46 -41.29
N HIS D 78 7.97 -15.43 -40.92
CA HIS D 78 9.40 -15.37 -41.23
C HIS D 78 10.14 -16.58 -40.78
N ALA D 79 9.75 -17.11 -39.62
CA ALA D 79 10.36 -18.31 -39.05
C ALA D 79 10.14 -19.51 -39.97
N LYS D 80 8.90 -19.66 -40.45
CA LYS D 80 8.57 -20.69 -41.44
C LYS D 80 9.08 -20.28 -42.83
N LEU D 81 10.21 -19.59 -42.86
CA LEU D 81 11.00 -19.39 -44.08
C LEU D 81 12.41 -19.91 -43.83
N THR D 82 12.89 -19.73 -42.60
CA THR D 82 14.11 -20.39 -42.13
C THR D 82 13.85 -21.89 -42.02
N THR D 83 12.57 -22.24 -41.98
CA THR D 83 12.10 -23.62 -41.95
C THR D 83 11.03 -23.73 -43.05
N SER D 84 10.83 -24.88 -43.67
CA SER D 84 11.55 -26.14 -43.43
C SER D 84 11.73 -26.90 -44.74
N LYS D 85 10.91 -26.59 -45.74
CA LYS D 85 10.89 -27.31 -47.02
C LYS D 85 12.23 -27.35 -47.80
N THR D 86 12.94 -26.23 -47.99
CA THR D 86 12.64 -24.88 -47.49
C THR D 86 13.10 -23.80 -48.48
N ILE D 87 12.44 -23.64 -49.63
CA ILE D 87 11.21 -24.33 -50.03
C ILE D 87 11.53 -25.51 -50.97
N SER D 88 11.50 -25.26 -52.28
CA SER D 88 12.20 -26.13 -53.23
C SER D 88 13.48 -25.36 -53.51
N GLN D 89 14.47 -26.00 -54.16
CA GLN D 89 15.78 -25.38 -54.41
C GLN D 89 16.48 -24.98 -53.08
N ASN D 90 16.23 -25.80 -52.06
CA ASN D 90 16.06 -25.29 -50.69
C ASN D 90 17.09 -25.72 -49.65
N LEU D 91 17.92 -24.80 -49.12
CA LEU D 91 17.88 -23.32 -49.19
C LEU D 91 17.70 -22.56 -50.52
N PRO D 92 16.56 -21.87 -50.72
CA PRO D 92 16.80 -20.71 -51.56
C PRO D 92 17.18 -19.55 -50.67
N ILE D 93 18.08 -18.72 -51.19
CA ILE D 93 18.31 -17.34 -50.74
C ILE D 93 17.49 -16.81 -49.54
N LEU D 94 16.20 -17.14 -49.48
CA LEU D 94 15.29 -16.62 -48.46
C LEU D 94 15.63 -17.08 -47.04
N SER D 95 15.77 -18.39 -46.85
CA SER D 95 16.19 -18.93 -45.57
C SER D 95 17.56 -18.36 -45.18
N GLU D 96 18.35 -17.98 -46.19
CA GLU D 96 19.59 -17.26 -45.97
C GLU D 96 19.32 -15.78 -45.71
N ALA D 97 18.22 -15.26 -46.25
CA ALA D 97 17.87 -13.84 -46.13
C ALA D 97 17.01 -13.53 -44.90
N ALA D 98 16.01 -14.39 -44.64
CA ALA D 98 15.11 -14.22 -43.50
C ALA D 98 15.88 -14.34 -42.17
N ALA D 99 16.93 -15.15 -42.18
CA ALA D 99 17.81 -15.34 -41.02
C ALA D 99 18.44 -14.03 -40.56
N TRP D 100 18.23 -12.96 -41.32
CA TRP D 100 18.72 -11.63 -40.98
C TRP D 100 17.66 -10.76 -40.37
N ILE D 101 16.40 -11.06 -40.67
CA ILE D 101 15.26 -10.29 -40.19
C ILE D 101 15.20 -10.31 -38.66
N ALA D 102 15.65 -9.22 -38.04
CA ALA D 102 15.66 -9.08 -36.58
C ALA D 102 16.07 -10.39 -35.89
N HIS D 103 15.21 -10.88 -34.99
CA HIS D 103 15.52 -12.05 -34.18
C HIS D 103 14.38 -13.04 -34.15
N PRO D 104 14.58 -14.22 -33.55
CA PRO D 104 13.52 -15.24 -33.49
C PRO D 104 12.20 -14.74 -32.92
N GLN D 105 12.27 -13.94 -31.84
CA GLN D 105 11.08 -13.40 -31.20
C GLN D 105 10.19 -12.59 -32.15
N ILE D 106 10.84 -11.83 -33.03
CA ILE D 106 10.12 -11.03 -34.02
C ILE D 106 9.74 -11.88 -35.23
N ARG D 107 10.67 -12.71 -35.69
CA ARG D 107 10.43 -13.62 -36.81
C ARG D 107 9.27 -14.58 -36.55
N ASN D 108 8.99 -14.82 -35.27
CA ASN D 108 7.91 -15.73 -34.86
C ASN D 108 6.50 -15.21 -35.15
N ARG D 109 6.38 -13.90 -35.43
CA ARG D 109 5.06 -13.30 -35.65
C ARG D 109 4.96 -12.41 -36.88
N GLY D 110 6.10 -12.05 -37.45
CA GLY D 110 6.14 -11.20 -38.65
C GLY D 110 5.80 -11.99 -39.90
N THR D 111 4.83 -11.49 -40.66
CA THR D 111 4.41 -12.17 -41.89
C THR D 111 5.10 -11.60 -43.12
N ILE D 112 5.23 -12.45 -44.14
CA ILE D 112 5.73 -12.02 -45.45
C ILE D 112 4.78 -11.00 -46.08
N GLY D 113 3.48 -11.23 -45.92
CA GLY D 113 2.45 -10.32 -46.44
C GLY D 113 2.53 -8.93 -45.84
N GLY D 114 2.96 -8.86 -44.58
CA GLY D 114 3.13 -7.59 -43.91
C GLY D 114 4.29 -6.77 -44.42
N SER D 115 5.48 -7.38 -44.39
CA SER D 115 6.72 -6.70 -44.80
C SER D 115 6.66 -6.13 -46.22
N LEU D 116 5.92 -6.79 -47.10
CA LEU D 116 5.77 -6.33 -48.48
C LEU D 116 4.80 -5.16 -48.60
N ALA D 117 3.72 -5.20 -47.83
CA ALA D 117 2.74 -4.11 -47.80
C ALA D 117 3.26 -2.93 -46.99
N HIS D 118 4.07 -3.23 -45.97
CA HIS D 118 4.69 -2.20 -45.16
C HIS D 118 5.81 -1.56 -45.92
N ALA D 119 6.66 -2.39 -46.51
CA ALA D 119 7.72 -1.95 -47.43
C ALA D 119 8.70 -0.93 -46.86
N ASP D 120 9.38 -1.31 -45.78
CA ASP D 120 10.49 -0.51 -45.24
C ASP D 120 11.59 -0.51 -46.28
N ALA D 121 12.23 0.66 -46.45
CA ALA D 121 13.34 0.83 -47.39
C ALA D 121 14.45 -0.21 -47.18
N ALA D 122 14.62 -0.64 -45.93
CA ALA D 122 15.67 -1.58 -45.57
C ALA D 122 15.14 -3.00 -45.32
N ALA D 123 13.90 -3.26 -45.73
CA ALA D 123 13.29 -4.58 -45.57
C ALA D 123 14.03 -5.62 -46.42
N GLU D 124 14.47 -6.69 -45.78
CA GLU D 124 15.29 -7.71 -46.41
C GLU D 124 14.56 -8.56 -47.45
N LEU D 125 13.25 -8.74 -47.25
CA LEU D 125 12.44 -9.59 -48.14
C LEU D 125 12.28 -9.05 -49.57
N PRO D 126 11.77 -7.81 -49.74
CA PRO D 126 11.55 -7.29 -51.10
C PRO D 126 12.82 -7.29 -51.95
N VAL D 127 13.94 -6.88 -51.34
CA VAL D 127 15.25 -6.89 -52.00
C VAL D 127 15.52 -8.26 -52.62
N VAL D 128 15.29 -9.31 -51.85
CA VAL D 128 15.44 -10.67 -52.32
C VAL D 128 14.39 -10.99 -53.39
N LEU D 129 13.13 -10.77 -53.05
CA LEU D 129 12.01 -11.17 -53.90
C LEU D 129 12.00 -10.50 -55.27
N LEU D 130 12.64 -9.34 -55.38
CA LEU D 130 12.78 -8.66 -56.67
C LEU D 130 13.80 -9.37 -57.55
N ALA D 131 14.84 -9.90 -56.92
CA ALA D 131 15.86 -10.68 -57.64
C ALA D 131 15.30 -12.02 -58.15
N LEU D 132 14.22 -12.47 -57.53
CA LEU D 132 13.56 -13.72 -57.93
C LEU D 132 12.43 -13.46 -58.92
N ASP D 133 12.15 -12.19 -59.18
CA ASP D 133 11.03 -11.76 -60.02
C ASP D 133 9.70 -12.25 -59.45
N ALA D 134 9.32 -11.68 -58.31
CA ALA D 134 8.10 -12.07 -57.63
C ALA D 134 6.84 -11.60 -58.35
N TYR D 135 5.71 -12.15 -57.92
CA TYR D 135 4.41 -11.93 -58.53
C TYR D 135 3.37 -11.98 -57.41
N VAL D 136 2.78 -10.83 -57.11
CA VAL D 136 1.90 -10.71 -55.93
C VAL D 136 0.43 -10.57 -56.31
N THR D 137 -0.35 -11.59 -55.97
CA THR D 137 -1.79 -11.59 -56.23
C THR D 137 -2.52 -10.80 -55.15
N ALA D 138 -3.26 -9.78 -55.56
CA ALA D 138 -3.99 -8.93 -54.62
C ALA D 138 -5.49 -8.92 -54.89
N GLN D 139 -6.23 -9.66 -54.07
CA GLN D 139 -7.69 -9.68 -54.13
C GLN D 139 -8.27 -8.35 -53.65
N SER D 140 -9.33 -7.91 -54.31
CA SER D 140 -10.09 -6.74 -53.89
C SER D 140 -11.58 -7.08 -53.96
N LEU D 141 -12.41 -6.21 -53.40
CA LEU D 141 -13.87 -6.41 -53.43
C LEU D 141 -14.38 -6.53 -54.85
N GLN D 142 -13.81 -5.71 -55.74
CA GLN D 142 -14.20 -5.67 -57.15
C GLN D 142 -13.70 -6.88 -57.92
N GLY D 143 -12.41 -7.20 -57.76
CA GLY D 143 -11.80 -8.33 -58.45
C GLY D 143 -10.47 -8.73 -57.84
N GLU D 144 -9.60 -9.33 -58.65
CA GLU D 144 -8.29 -9.77 -58.20
C GLU D 144 -7.20 -9.36 -59.18
N ARG D 145 -6.15 -8.72 -58.66
CA ARG D 145 -4.99 -8.34 -59.45
C ARG D 145 -3.82 -9.30 -59.20
N LYS D 146 -2.88 -9.29 -60.14
CA LYS D 146 -1.55 -9.87 -59.91
C LYS D 146 -0.51 -8.81 -60.28
N ILE D 147 0.28 -8.39 -59.29
CA ILE D 147 1.29 -7.36 -59.51
C ILE D 147 2.72 -7.88 -59.32
N PRO D 148 3.57 -7.73 -60.35
CA PRO D 148 4.99 -8.05 -60.24
C PRO D 148 5.68 -7.16 -59.20
N LEU D 149 6.82 -7.60 -58.69
CA LEU D 149 7.45 -6.90 -57.59
C LEU D 149 8.07 -5.55 -57.97
N LYS D 150 8.36 -5.37 -59.26
CA LYS D 150 9.00 -4.15 -59.75
C LYS D 150 8.12 -2.90 -59.60
N GLU D 151 6.83 -3.02 -59.88
CA GLU D 151 5.93 -1.87 -59.77
C GLU D 151 5.46 -1.70 -58.33
N LEU D 152 5.43 -2.81 -57.59
CA LEU D 152 4.88 -2.83 -56.24
C LEU D 152 5.58 -1.83 -55.32
N LEU D 153 6.90 -1.95 -55.22
CA LEU D 153 7.71 -1.10 -54.35
C LEU D 153 7.75 0.34 -54.87
N VAL D 154 7.03 1.21 -54.17
CA VAL D 154 6.96 2.62 -54.54
C VAL D 154 8.09 3.41 -53.89
N SER D 155 7.99 3.60 -52.58
CA SER D 155 8.99 4.32 -51.81
C SER D 155 9.25 3.58 -50.51
N HIS D 156 10.01 4.22 -49.63
CA HIS D 156 10.14 3.77 -48.25
C HIS D 156 8.78 3.87 -47.61
N PHE D 157 8.33 2.76 -47.03
CA PHE D 157 7.06 2.70 -46.28
C PHE D 157 5.83 2.98 -47.15
N VAL D 158 6.01 2.88 -48.47
CA VAL D 158 4.93 3.03 -49.44
C VAL D 158 4.92 1.84 -50.39
N SER D 159 3.74 1.26 -50.58
CA SER D 159 3.54 0.23 -51.60
C SER D 159 2.45 0.70 -52.56
N SER D 160 2.32 0.00 -53.68
CA SER D 160 1.33 0.37 -54.69
C SER D 160 -0.02 -0.32 -54.43
N ILE D 161 -0.20 -0.84 -53.23
CA ILE D 161 -1.44 -1.48 -52.82
C ILE D 161 -2.54 -0.42 -52.65
N LEU D 162 -3.65 -0.62 -53.34
CA LEU D 162 -4.81 0.24 -53.23
C LEU D 162 -5.43 0.12 -51.84
N PRO D 163 -5.92 1.24 -51.28
CA PRO D 163 -6.59 1.16 -49.97
C PRO D 163 -7.76 0.18 -50.05
N GLY D 164 -7.94 -0.61 -49.00
CA GLY D 164 -9.00 -1.62 -48.99
C GLY D 164 -8.52 -3.00 -49.39
N GLU D 165 -7.88 -3.09 -50.55
CA GLU D 165 -7.45 -4.39 -51.09
C GLU D 165 -6.40 -5.09 -50.21
N LEU D 166 -6.22 -6.38 -50.46
CA LEU D 166 -5.48 -7.25 -49.55
C LEU D 166 -4.52 -8.16 -50.32
N ILE D 167 -3.26 -8.16 -49.90
CA ILE D 167 -2.26 -9.08 -50.46
C ILE D 167 -2.58 -10.50 -49.99
N VAL D 168 -2.80 -11.39 -50.95
CA VAL D 168 -3.27 -12.76 -50.67
C VAL D 168 -2.13 -13.78 -50.66
N GLU D 169 -1.35 -13.82 -51.73
CA GLU D 169 -0.22 -14.74 -51.82
C GLU D 169 0.87 -14.22 -52.74
N VAL D 170 2.10 -14.64 -52.45
CA VAL D 170 3.25 -14.32 -53.27
C VAL D 170 3.71 -15.60 -53.97
N ASN D 171 3.84 -15.54 -55.29
CA ASN D 171 4.42 -16.65 -56.02
C ASN D 171 5.70 -16.30 -56.77
N VAL D 172 6.74 -17.08 -56.50
CA VAL D 172 8.04 -16.86 -57.12
C VAL D 172 8.30 -17.96 -58.16
N PRO D 173 8.82 -17.57 -59.35
CA PRO D 173 9.12 -18.56 -60.38
C PRO D 173 10.38 -19.34 -59.97
N GLN D 174 10.34 -20.66 -60.13
CA GLN D 174 11.44 -21.51 -59.66
C GLN D 174 12.66 -21.51 -60.58
N LEU D 175 12.93 -20.33 -61.16
CA LEU D 175 14.19 -19.99 -61.85
C LEU D 175 14.74 -21.07 -62.80
N PRO D 176 16.07 -21.22 -62.93
CA PRO D 176 16.47 -22.43 -63.65
C PRO D 176 16.79 -23.57 -62.67
N HIS D 177 17.67 -24.46 -63.08
CA HIS D 177 18.18 -25.52 -62.24
C HIS D 177 19.66 -25.37 -62.06
N GLY D 178 20.15 -25.74 -60.88
CA GLY D 178 21.58 -25.67 -60.57
C GLY D 178 22.16 -24.29 -60.80
N SER D 179 21.59 -23.30 -60.11
CA SER D 179 22.10 -21.93 -60.15
C SER D 179 22.57 -21.52 -58.77
N GLY D 180 23.30 -20.41 -58.70
CA GLY D 180 23.85 -19.94 -57.43
C GLY D 180 23.05 -18.81 -56.82
N ALA D 181 22.76 -18.96 -55.52
CA ALA D 181 22.00 -17.97 -54.77
C ALA D 181 22.70 -17.65 -53.47
N ALA D 182 22.91 -16.35 -53.22
CA ALA D 182 23.57 -15.88 -52.01
C ALA D 182 23.03 -14.52 -51.57
N PHE D 183 23.19 -14.22 -50.28
CA PHE D 183 22.71 -12.98 -49.71
C PHE D 183 23.55 -12.58 -48.49
N ASP D 184 24.04 -11.35 -48.52
CA ASP D 184 24.82 -10.81 -47.42
C ASP D 184 24.47 -9.34 -47.18
N GLU D 185 24.58 -8.93 -45.92
CA GLU D 185 24.33 -7.56 -45.52
C GLU D 185 25.34 -7.13 -44.47
N PHE D 186 25.51 -5.82 -44.32
CA PHE D 186 26.36 -5.29 -43.27
C PHE D 186 25.57 -4.40 -42.32
N SER D 187 25.77 -4.63 -41.03
CA SER D 187 25.10 -3.87 -39.98
C SER D 187 25.92 -3.94 -38.69
N ARG D 188 25.85 -2.88 -37.90
CA ARG D 188 26.62 -2.76 -36.65
C ARG D 188 26.46 -3.98 -35.74
N ARG D 189 25.23 -4.47 -35.62
CA ARG D 189 24.94 -5.71 -34.89
C ARG D 189 24.08 -6.63 -35.76
N HIS D 190 24.26 -7.93 -35.58
CA HIS D 190 23.59 -8.94 -36.38
C HIS D 190 22.10 -8.92 -36.20
N GLY D 191 21.39 -8.36 -37.18
CA GLY D 191 19.94 -8.32 -37.14
C GLY D 191 19.32 -6.93 -37.24
N ASP D 192 20.14 -5.91 -37.02
CA ASP D 192 19.71 -4.52 -37.20
C ASP D 192 19.38 -4.27 -38.67
N TYR D 193 18.60 -3.22 -38.93
CA TYR D 193 18.38 -2.77 -40.29
C TYR D 193 19.74 -2.42 -40.90
N ALA D 194 20.10 -3.17 -41.95
CA ALA D 194 21.44 -3.10 -42.54
C ALA D 194 21.76 -1.75 -43.16
N ILE D 195 23.03 -1.38 -43.14
CA ILE D 195 23.52 -0.19 -43.83
C ILE D 195 23.46 -0.45 -45.33
N GLY D 196 24.11 -1.54 -45.75
CA GLY D 196 24.08 -1.99 -47.13
C GLY D 196 24.03 -3.50 -47.18
N GLY D 197 23.35 -4.01 -48.21
CA GLY D 197 23.23 -5.44 -48.43
C GLY D 197 22.93 -5.70 -49.89
N ALA D 198 23.18 -6.93 -50.33
CA ALA D 198 22.91 -7.31 -51.72
C ALA D 198 22.49 -8.76 -51.82
N ALA D 199 21.67 -9.04 -52.83
CA ALA D 199 21.26 -10.39 -53.17
C ALA D 199 21.57 -10.60 -54.65
N SER D 200 22.54 -11.46 -54.93
CA SER D 200 22.92 -11.76 -56.31
C SER D 200 22.71 -13.23 -56.62
N LEU D 201 22.22 -13.49 -57.83
CA LEU D 201 21.89 -14.84 -58.27
C LEU D 201 22.39 -15.10 -59.68
N VAL D 202 23.20 -16.15 -59.82
CA VAL D 202 23.87 -16.48 -61.08
C VAL D 202 23.45 -17.86 -61.54
N THR D 203 23.22 -17.99 -62.85
CA THR D 203 22.88 -19.27 -63.47
C THR D 203 23.98 -19.67 -64.45
N LEU D 204 24.48 -20.90 -64.32
CA LEU D 204 25.59 -21.36 -65.16
C LEU D 204 25.14 -22.03 -66.44
N ASP D 205 25.99 -21.91 -67.46
CA ASP D 205 25.67 -22.31 -68.83
C ASP D 205 26.11 -23.75 -69.15
N GLU D 206 26.93 -24.33 -68.28
CA GLU D 206 27.60 -25.64 -68.51
C GLU D 206 27.31 -26.27 -69.89
N GLN D 207 28.18 -26.08 -70.89
CA GLN D 207 29.51 -25.45 -70.76
C GLN D 207 29.54 -24.06 -70.09
N GLY D 208 30.47 -23.90 -69.18
CA GLY D 208 30.39 -22.89 -68.11
C GLY D 208 30.54 -21.41 -68.39
N LYS D 209 29.72 -20.87 -69.30
CA LYS D 209 29.52 -19.44 -69.40
C LYS D 209 28.44 -19.06 -68.37
N CYS D 210 27.96 -17.81 -68.42
CA CYS D 210 26.84 -17.41 -67.58
C CYS D 210 25.61 -17.15 -68.44
N SER D 211 24.51 -17.81 -68.11
CA SER D 211 23.29 -17.77 -68.91
C SER D 211 22.31 -16.69 -68.48
N ARG D 212 22.21 -16.47 -67.16
CA ARG D 212 21.29 -15.49 -66.59
C ARG D 212 21.79 -15.01 -65.24
N ALA D 213 21.61 -13.72 -64.97
CA ALA D 213 22.00 -13.13 -63.69
C ALA D 213 21.01 -12.06 -63.25
N ARG D 214 20.63 -12.10 -61.98
CA ARG D 214 19.72 -11.11 -61.41
C ARG D 214 20.32 -10.55 -60.12
N ILE D 215 20.39 -9.22 -60.03
CA ILE D 215 21.04 -8.53 -58.94
C ILE D 215 20.13 -7.47 -58.32
N THR D 216 20.07 -7.44 -56.99
CA THR D 216 19.32 -6.42 -56.26
C THR D 216 20.14 -5.79 -55.14
N VAL D 217 19.69 -4.64 -54.67
CA VAL D 217 20.44 -3.84 -53.70
C VAL D 217 19.58 -3.39 -52.52
N LEU D 218 20.09 -3.65 -51.31
CA LEU D 218 19.45 -3.24 -50.07
C LEU D 218 19.98 -1.87 -49.64
N GLY D 219 19.13 -0.85 -49.73
CA GLY D 219 19.47 0.49 -49.26
C GLY D 219 20.23 1.36 -50.24
N GLY D 220 19.84 1.30 -51.51
CA GLY D 220 20.43 2.15 -52.54
C GLY D 220 19.67 3.43 -52.76
N GLY D 221 18.37 3.38 -52.47
CA GLY D 221 17.49 4.54 -52.56
C GLY D 221 16.39 4.46 -51.53
N SER D 222 15.15 4.51 -52.01
CA SER D 222 13.97 4.40 -51.13
C SER D 222 13.44 2.97 -51.12
N THR D 223 13.86 2.17 -52.09
CA THR D 223 13.42 0.79 -52.23
C THR D 223 14.54 -0.10 -52.78
N ALA D 224 14.24 -1.39 -52.93
CA ALA D 224 15.12 -2.35 -53.58
C ALA D 224 15.34 -1.93 -55.03
N ILE D 225 16.55 -2.18 -55.54
CA ILE D 225 16.92 -1.74 -56.89
C ILE D 225 17.59 -2.85 -57.70
N ARG D 226 16.99 -3.18 -58.83
CA ARG D 226 17.62 -4.04 -59.83
C ARG D 226 18.73 -3.27 -60.55
N CYS D 227 19.88 -3.91 -60.66
CA CYS D 227 20.99 -3.34 -61.44
C CYS D 227 21.02 -4.03 -62.80
N GLN D 228 19.95 -3.79 -63.58
CA GLN D 228 19.70 -4.47 -64.84
C GLN D 228 20.88 -4.41 -65.83
N GLU D 229 21.67 -3.34 -65.75
CA GLU D 229 22.81 -3.17 -66.64
C GLU D 229 24.10 -3.78 -66.10
N ALA D 230 24.25 -3.79 -64.77
CA ALA D 230 25.40 -4.44 -64.13
C ALA D 230 25.34 -5.95 -64.33
N GLU D 231 24.12 -6.46 -64.55
CA GLU D 231 23.89 -7.86 -64.86
C GLU D 231 24.36 -8.18 -66.28
N ASN D 232 24.10 -7.25 -67.21
CA ASN D 232 24.48 -7.41 -68.62
C ASN D 232 25.96 -7.74 -68.82
N ILE D 233 26.80 -7.25 -67.91
CA ILE D 233 28.24 -7.47 -67.94
C ILE D 233 28.58 -8.96 -67.78
N LEU D 234 27.93 -9.60 -66.80
CA LEU D 234 28.19 -11.01 -66.47
C LEU D 234 27.80 -11.97 -67.59
N ILE D 235 26.68 -11.67 -68.25
CA ILE D 235 26.16 -12.47 -69.37
C ILE D 235 27.26 -12.93 -70.33
N ASP D 236 27.23 -14.22 -70.68
CA ASP D 236 28.18 -14.85 -71.61
C ASP D 236 29.59 -15.01 -71.06
N SER D 237 30.03 -14.03 -70.26
CA SER D 237 31.33 -14.10 -69.62
C SER D 237 31.32 -15.16 -68.54
N THR D 238 32.49 -15.73 -68.28
CA THR D 238 32.63 -16.78 -67.28
C THR D 238 32.71 -16.19 -65.87
N LEU D 239 33.08 -17.08 -64.94
CA LEU D 239 33.79 -16.73 -63.72
C LEU D 239 34.63 -15.45 -63.77
N SER D 240 35.35 -15.19 -62.67
CA SER D 240 36.51 -14.29 -62.62
C SER D 240 36.35 -13.14 -61.64
N SER D 241 37.33 -13.04 -60.74
CA SER D 241 37.43 -11.96 -59.77
C SER D 241 37.19 -10.59 -60.42
N HIS D 242 37.63 -10.45 -61.67
CA HIS D 242 37.49 -9.19 -62.37
C HIS D 242 36.10 -8.92 -62.88
N ASP D 243 35.53 -9.85 -63.66
CA ASP D 243 34.15 -9.71 -64.13
C ASP D 243 33.21 -9.48 -62.95
N ILE D 244 33.45 -10.22 -61.86
CA ILE D 244 32.74 -10.02 -60.60
C ILE D 244 32.97 -8.59 -60.09
N ALA D 245 34.24 -8.21 -59.94
CA ALA D 245 34.61 -6.87 -59.48
C ALA D 245 34.08 -5.79 -60.43
N ALA D 246 34.17 -6.05 -61.73
CA ALA D 246 33.65 -5.14 -62.75
C ALA D 246 32.13 -5.02 -62.69
N ALA D 247 31.45 -6.12 -62.38
CA ALA D 247 29.99 -6.11 -62.23
C ALA D 247 29.58 -5.33 -60.99
N ALA D 248 30.19 -5.67 -59.85
CA ALA D 248 29.89 -5.03 -58.57
C ALA D 248 30.20 -3.54 -58.58
N HIS D 249 31.39 -3.18 -59.06
CA HIS D 249 31.82 -1.79 -59.15
C HIS D 249 30.99 -0.97 -60.12
N ALA D 250 30.13 -1.65 -60.89
CA ALA D 250 29.27 -0.98 -61.87
C ALA D 250 27.78 -1.06 -61.52
N ALA D 251 27.48 -1.61 -60.36
CA ALA D 251 26.11 -1.71 -59.87
C ALA D 251 25.77 -0.52 -58.97
N VAL D 252 26.81 0.07 -58.39
CA VAL D 252 26.66 1.13 -57.40
C VAL D 252 26.78 2.54 -57.98
N GLN D 253 27.34 2.65 -59.20
CA GLN D 253 27.52 3.94 -59.85
C GLN D 253 26.20 4.67 -60.13
N GLY D 254 25.10 3.93 -60.18
CA GLY D 254 23.79 4.52 -60.42
C GLY D 254 22.98 4.73 -59.15
N LEU D 255 23.66 4.84 -58.01
CA LEU D 255 22.99 4.85 -56.72
C LEU D 255 23.31 6.07 -55.85
N ASP D 256 22.26 6.75 -55.41
CA ASP D 256 22.36 7.80 -54.40
C ASP D 256 21.53 7.44 -53.17
N PRO D 257 22.19 6.94 -52.11
CA PRO D 257 21.48 6.54 -50.89
C PRO D 257 21.17 7.72 -49.96
N VAL D 258 20.44 7.43 -48.90
CA VAL D 258 20.16 8.41 -47.85
C VAL D 258 21.06 8.15 -46.62
N PRO D 259 21.47 9.22 -45.92
CA PRO D 259 22.25 9.11 -44.69
C PRO D 259 21.32 9.13 -43.45
N THR D 260 21.78 9.51 -42.24
CA THR D 260 23.16 9.86 -41.87
C THR D 260 23.66 9.00 -40.72
N VAL D 261 22.78 8.75 -39.73
CA VAL D 261 23.14 8.20 -38.41
C VAL D 261 24.12 7.01 -38.47
N HIS D 262 23.85 6.05 -39.34
CA HIS D 262 24.69 4.86 -39.44
C HIS D 262 25.74 4.96 -40.51
N GLY D 263 25.56 5.90 -41.44
CA GLY D 263 26.53 6.12 -42.52
C GLY D 263 26.13 7.22 -43.48
N SER D 264 27.11 7.73 -44.23
CA SER D 264 26.86 8.77 -45.22
C SER D 264 26.45 8.16 -46.56
N ALA D 265 26.15 9.02 -47.54
CA ALA D 265 25.66 8.59 -48.85
C ALA D 265 26.68 7.73 -49.62
N GLN D 266 27.81 8.34 -49.97
CA GLN D 266 28.87 7.65 -50.72
C GLN D 266 29.38 6.43 -49.97
N TYR D 267 29.38 6.50 -48.64
CA TYR D 267 29.77 5.38 -47.78
C TYR D 267 28.98 4.13 -48.12
N ARG D 268 27.66 4.23 -48.04
CA ARG D 268 26.75 3.11 -48.27
C ARG D 268 26.92 2.52 -49.66
N ALA D 269 27.16 3.39 -50.64
CA ALA D 269 27.42 2.97 -52.02
C ALA D 269 28.63 2.05 -52.13
N GLN D 270 29.59 2.20 -51.23
CA GLN D 270 30.80 1.39 -51.25
C GLN D 270 30.65 0.10 -50.45
N VAL D 271 29.78 0.12 -49.45
CA VAL D 271 29.45 -1.07 -48.67
C VAL D 271 28.61 -2.02 -49.51
N ILE D 272 27.59 -1.47 -50.16
CA ILE D 272 26.77 -2.19 -51.13
C ILE D 272 27.66 -2.79 -52.23
N ARG D 273 28.70 -2.05 -52.61
CA ARG D 273 29.62 -2.49 -53.64
C ARG D 273 30.35 -3.78 -53.26
N THR D 274 30.81 -3.87 -52.01
CA THR D 274 31.47 -5.09 -51.53
C THR D 274 30.44 -6.18 -51.25
N MET D 275 29.20 -5.79 -51.02
CA MET D 275 28.12 -6.75 -50.81
C MET D 275 27.76 -7.49 -52.10
N VAL D 276 27.79 -6.77 -53.22
CA VAL D 276 27.47 -7.35 -54.53
C VAL D 276 28.50 -8.41 -54.94
N GLU D 277 29.78 -8.03 -54.95
CA GLU D 277 30.83 -8.96 -55.34
C GLU D 277 30.92 -10.17 -54.40
N ARG D 278 30.76 -9.93 -53.10
CA ARG D 278 30.79 -11.00 -52.10
C ARG D 278 29.67 -12.01 -52.26
N THR D 279 28.48 -11.52 -52.59
CA THR D 279 27.35 -12.41 -52.85
C THR D 279 27.59 -13.18 -54.15
N LEU D 280 28.16 -12.50 -55.14
CA LEU D 280 28.54 -13.12 -56.41
C LEU D 280 29.57 -14.22 -56.23
N ALA D 281 30.39 -14.11 -55.18
CA ALA D 281 31.38 -15.15 -54.86
C ALA D 281 30.68 -16.47 -54.55
N LYS D 282 29.82 -16.48 -53.53
CA LYS D 282 29.07 -17.67 -53.20
C LYS D 282 27.91 -17.92 -54.18
N ALA D 283 27.62 -16.95 -55.03
CA ALA D 283 26.67 -17.15 -56.12
C ALA D 283 27.21 -18.12 -57.16
N LEU D 284 28.53 -18.34 -57.12
CA LEU D 284 29.12 -19.51 -57.76
C LEU D 284 29.04 -20.64 -56.76
N HIS D 285 29.98 -21.58 -56.79
CA HIS D 285 30.04 -22.68 -55.82
C HIS D 285 28.70 -23.38 -55.71
N ARG D 286 27.76 -22.75 -55.01
CA ARG D 286 26.36 -23.19 -54.97
C ARG D 286 25.78 -23.50 -56.36
N ALA D 287 26.40 -22.93 -57.39
CA ALA D 287 25.97 -23.14 -58.77
C ALA D 287 26.65 -24.36 -59.43
N ARG D 288 27.38 -25.14 -58.63
CA ARG D 288 28.16 -26.28 -59.15
C ARG D 288 27.37 -27.51 -59.62
N PRO D 289 26.29 -27.90 -58.91
CA PRO D 289 25.59 -29.14 -59.27
C PRO D 289 25.19 -29.16 -60.75
N THR D 290 25.28 -30.31 -61.45
CA THR D 290 25.66 -31.68 -61.02
C THR D 290 26.14 -32.00 -59.58
N LYS D 291 25.15 -32.31 -58.73
CA LYS D 291 25.27 -32.89 -57.38
C LYS D 291 26.52 -33.72 -56.97
N GLU D 292 26.40 -35.05 -57.06
CA GLU D 292 27.25 -36.05 -56.37
C GLU D 292 27.96 -35.71 -55.03
N SER D 293 27.58 -34.58 -54.41
CA SER D 293 28.19 -34.16 -53.14
C SER D 293 27.71 -35.03 -51.98
N MET E 1 -17.46 2.56 -25.96
CA MET E 1 -17.88 2.39 -27.38
C MET E 1 -17.66 0.96 -27.86
N ASN E 2 -16.51 0.37 -27.50
CA ASN E 2 -16.21 -1.01 -27.84
C ASN E 2 -15.42 -1.71 -26.73
N ALA E 3 -16.04 -2.73 -26.15
CA ALA E 3 -15.39 -3.62 -25.20
C ALA E 3 -15.18 -4.98 -25.86
N PHE E 4 -14.13 -5.67 -25.44
CA PHE E 4 -13.82 -6.99 -25.99
C PHE E 4 -13.60 -7.98 -24.86
N ARG E 5 -14.22 -9.16 -24.99
CA ARG E 5 -14.08 -10.19 -23.98
C ARG E 5 -12.98 -11.20 -24.33
N LEU E 6 -11.99 -11.29 -23.45
CA LEU E 6 -10.88 -12.21 -23.64
C LEU E 6 -11.14 -13.55 -22.98
N THR E 7 -10.84 -14.61 -23.73
CA THR E 7 -10.81 -15.95 -23.17
C THR E 7 -9.42 -16.51 -23.46
N VAL E 8 -8.53 -16.32 -22.49
CA VAL E 8 -7.12 -16.64 -22.65
C VAL E 8 -6.68 -17.58 -21.53
N GLU E 9 -5.81 -18.53 -21.88
CA GLU E 9 -5.15 -19.36 -20.87
C GLU E 9 -3.80 -18.73 -20.53
N VAL E 10 -3.61 -18.42 -19.25
CA VAL E 10 -2.36 -17.84 -18.77
C VAL E 10 -1.77 -18.72 -17.69
N ASN E 11 -0.56 -19.23 -17.95
CA ASN E 11 0.17 -20.10 -17.01
C ASN E 11 -0.71 -21.23 -16.46
N GLY E 12 -1.67 -21.69 -17.26
CA GLY E 12 -2.61 -22.72 -16.84
C GLY E 12 -4.00 -22.19 -16.55
N VAL E 13 -4.08 -21.16 -15.70
CA VAL E 13 -5.35 -20.56 -15.30
C VAL E 13 -5.99 -19.80 -16.47
N THR E 14 -7.22 -20.18 -16.80
CA THR E 14 -7.99 -19.51 -17.86
C THR E 14 -8.70 -18.28 -17.30
N HIS E 15 -8.70 -17.20 -18.07
CA HIS E 15 -9.31 -15.95 -17.64
C HIS E 15 -10.34 -15.44 -18.59
N ALA E 16 -11.39 -14.84 -18.03
CA ALA E 16 -12.43 -14.19 -18.81
C ALA E 16 -12.63 -12.78 -18.29
N THR E 17 -12.40 -11.80 -19.15
CA THR E 17 -12.43 -10.39 -18.77
C THR E 17 -12.64 -9.52 -20.00
N ASP E 18 -13.27 -8.35 -19.79
CA ASP E 18 -13.49 -7.38 -20.85
C ASP E 18 -12.40 -6.32 -20.83
N VAL E 19 -11.75 -6.14 -21.97
CA VAL E 19 -10.68 -5.14 -22.10
C VAL E 19 -10.86 -4.29 -23.35
N GLU E 20 -10.46 -3.03 -23.25
CA GLU E 20 -10.42 -2.13 -24.42
C GLU E 20 -9.31 -2.61 -25.36
N PRO E 21 -9.59 -2.60 -26.67
CA PRO E 21 -8.71 -3.26 -27.67
C PRO E 21 -7.27 -2.76 -27.65
N ARG E 22 -7.07 -1.48 -27.37
CA ARG E 22 -5.77 -0.85 -27.49
C ARG E 22 -4.75 -1.22 -26.39
N ARG E 23 -5.22 -1.84 -25.31
CA ARG E 23 -4.31 -2.27 -24.25
C ARG E 23 -3.40 -3.39 -24.76
N LEU E 24 -2.11 -3.19 -24.57
CA LEU E 24 -1.10 -4.15 -25.02
C LEU E 24 -1.05 -5.35 -24.09
N LEU E 25 -0.68 -6.50 -24.66
CA LEU E 25 -0.61 -7.76 -23.91
C LEU E 25 0.22 -7.66 -22.64
N ALA E 26 1.34 -6.95 -22.71
CA ALA E 26 2.21 -6.72 -21.57
C ALA E 26 1.45 -6.08 -20.41
N ASP E 27 0.73 -5.00 -20.71
CA ASP E 27 -0.08 -4.28 -19.72
C ASP E 27 -1.22 -5.13 -19.18
N PHE E 28 -1.77 -5.99 -20.03
CA PHE E 28 -2.83 -6.91 -19.64
C PHE E 28 -2.31 -8.00 -18.70
N LEU E 29 -1.10 -8.49 -18.99
CA LEU E 29 -0.49 -9.56 -18.20
C LEU E 29 0.06 -9.08 -16.87
N ARG E 30 -0.01 -7.77 -16.64
CA ARG E 30 0.43 -7.17 -15.39
C ARG E 30 -0.75 -6.55 -14.65
N ASP E 31 -1.83 -6.27 -15.41
CA ASP E 31 -3.07 -5.73 -14.87
C ASP E 31 -4.27 -6.26 -15.68
N ASP E 32 -5.22 -6.91 -15.02
CA ASP E 32 -5.19 -7.15 -13.58
C ASP E 32 -4.79 -8.59 -13.24
N LEU E 33 -4.20 -9.28 -14.20
CA LEU E 33 -3.60 -10.58 -13.94
C LEU E 33 -2.25 -10.31 -13.33
N HIS E 34 -2.26 -9.92 -12.05
CA HIS E 34 -1.08 -9.36 -11.37
C HIS E 34 0.12 -10.26 -11.39
N LEU E 35 0.62 -10.50 -12.59
CA LEU E 35 1.82 -11.32 -12.81
C LEU E 35 2.94 -10.39 -13.25
N ARG E 36 3.42 -9.59 -12.31
CA ARG E 36 4.47 -8.59 -12.56
C ARG E 36 5.78 -9.21 -13.08
N GLY E 37 5.83 -10.53 -13.13
CA GLY E 37 7.01 -11.25 -13.63
C GLY E 37 7.47 -10.78 -14.99
N THR E 38 6.52 -10.59 -15.90
CA THR E 38 6.80 -10.00 -17.21
C THR E 38 7.17 -8.53 -17.03
N ARG E 39 8.31 -8.12 -17.59
CA ARG E 39 8.84 -6.78 -17.39
C ARG E 39 8.97 -6.02 -18.71
N VAL E 40 8.85 -4.70 -18.65
CA VAL E 40 8.82 -3.87 -19.87
C VAL E 40 9.90 -2.77 -19.83
N GLY E 41 10.81 -2.82 -20.81
CA GLY E 41 11.99 -1.94 -20.84
C GLY E 41 12.09 -0.99 -22.03
N CYS E 42 12.23 -1.55 -23.23
CA CYS E 42 12.07 -0.79 -24.47
C CYS E 42 10.56 -0.65 -24.66
N GLU E 43 10.14 -0.29 -25.87
CA GLU E 43 8.71 -0.22 -26.18
C GLU E 43 8.36 -0.63 -27.60
N HIS E 44 9.27 -1.38 -28.22
CA HIS E 44 9.18 -1.65 -29.66
C HIS E 44 9.92 -2.91 -30.04
N GLY E 45 9.73 -3.96 -29.25
CA GLY E 45 10.25 -5.29 -29.56
C GLY E 45 11.76 -5.45 -29.53
N VAL E 46 12.42 -4.78 -28.60
CA VAL E 46 13.89 -4.83 -28.52
C VAL E 46 14.45 -5.27 -27.16
N CYS E 47 14.04 -4.60 -26.09
CA CYS E 47 14.65 -4.81 -24.76
C CYS E 47 14.80 -6.29 -24.37
N GLY E 48 13.74 -7.07 -24.58
CA GLY E 48 13.81 -8.50 -24.31
C GLY E 48 12.91 -8.93 -23.16
N SER E 49 13.07 -8.27 -22.01
CA SER E 49 12.29 -8.56 -20.81
C SER E 49 10.82 -8.86 -21.15
N CYS E 50 10.21 -7.92 -21.87
CA CYS E 50 8.93 -8.10 -22.58
C CYS E 50 8.49 -9.52 -22.90
N THR E 51 9.45 -10.37 -23.24
CA THR E 51 9.20 -11.67 -23.88
C THR E 51 8.39 -12.64 -23.03
N VAL E 52 7.40 -13.25 -23.68
CA VAL E 52 6.57 -14.30 -23.10
C VAL E 52 6.41 -15.44 -24.09
N ILE E 53 6.05 -16.62 -23.57
CA ILE E 53 5.65 -17.74 -24.40
C ILE E 53 4.21 -17.53 -24.86
N LEU E 54 4.02 -17.41 -26.18
CA LEU E 54 2.68 -17.44 -26.75
C LEU E 54 2.54 -18.70 -27.59
N ASP E 55 1.56 -19.54 -27.21
CA ASP E 55 1.28 -20.80 -27.91
C ASP E 55 2.52 -21.63 -28.21
N GLY E 56 3.48 -21.61 -27.29
CA GLY E 56 4.72 -22.38 -27.45
C GLY E 56 5.86 -21.58 -28.07
N GLN E 57 5.51 -20.51 -28.79
CA GLN E 57 6.50 -19.67 -29.46
C GLN E 57 6.78 -18.41 -28.63
N PRO E 58 8.06 -18.09 -28.41
CA PRO E 58 8.37 -16.87 -27.70
C PRO E 58 8.09 -15.64 -28.56
N VAL E 59 7.20 -14.77 -28.08
CA VAL E 59 6.91 -13.51 -28.75
C VAL E 59 6.92 -12.37 -27.73
N ARG E 60 7.02 -11.15 -28.22
CA ARG E 60 7.06 -9.97 -27.36
C ARG E 60 5.64 -9.60 -26.95
N SER E 61 5.39 -9.56 -25.64
CA SER E 61 4.07 -9.22 -25.09
C SER E 61 3.74 -7.75 -25.33
N CYS E 62 4.49 -7.12 -26.22
CA CYS E 62 4.58 -5.66 -26.27
C CYS E 62 4.34 -5.12 -27.68
N THR E 63 4.30 -6.06 -28.62
CA THR E 63 4.04 -5.76 -30.02
C THR E 63 2.77 -6.52 -30.39
N VAL E 64 2.07 -6.98 -29.35
CA VAL E 64 0.83 -7.72 -29.48
C VAL E 64 -0.21 -7.06 -28.59
N LEU E 65 -1.29 -6.58 -29.21
CA LEU E 65 -2.43 -6.10 -28.46
C LEU E 65 -3.01 -7.29 -27.69
N ALA E 66 -3.32 -7.07 -26.41
CA ALA E 66 -3.87 -8.11 -25.55
C ALA E 66 -5.01 -8.86 -26.23
N VAL E 67 -5.75 -8.14 -27.05
CA VAL E 67 -6.92 -8.66 -27.74
C VAL E 67 -6.58 -9.74 -28.80
N GLN E 68 -5.38 -9.64 -29.38
CA GLN E 68 -4.93 -10.59 -30.40
C GLN E 68 -4.63 -11.98 -29.85
N ALA E 69 -4.62 -12.09 -28.52
CA ALA E 69 -4.21 -13.32 -27.84
C ALA E 69 -5.38 -14.20 -27.40
N ASN E 70 -6.59 -13.83 -27.83
CA ASN E 70 -7.81 -14.58 -27.47
C ASN E 70 -7.70 -16.05 -27.89
N ASN E 71 -8.15 -16.94 -27.00
CA ASN E 71 -8.15 -18.39 -27.23
C ASN E 71 -6.77 -18.96 -27.53
N SER E 72 -5.84 -18.70 -26.62
CA SER E 72 -4.44 -19.11 -26.80
C SER E 72 -3.79 -19.38 -25.45
N ARG E 73 -2.78 -20.24 -25.45
CA ARG E 73 -2.02 -20.53 -24.25
C ARG E 73 -0.89 -19.52 -24.11
N ILE E 74 -0.77 -18.95 -22.92
CA ILE E 74 0.30 -18.00 -22.61
C ILE E 74 1.02 -18.43 -21.34
N GLU E 75 2.34 -18.31 -21.34
CA GLU E 75 3.16 -18.66 -20.19
C GLU E 75 4.18 -17.56 -19.90
N THR E 76 4.33 -17.22 -18.63
CA THR E 76 5.31 -16.21 -18.21
C THR E 76 6.34 -16.83 -17.25
N VAL E 77 7.27 -16.01 -16.79
CA VAL E 77 8.33 -16.45 -15.89
C VAL E 77 7.80 -17.05 -14.58
N GLU E 78 6.60 -16.64 -14.16
CA GLU E 78 5.96 -17.21 -12.99
C GLU E 78 5.72 -18.72 -13.10
N SER E 79 5.62 -19.21 -14.33
CA SER E 79 5.24 -20.60 -14.59
C SER E 79 6.40 -21.61 -14.61
N LEU E 80 7.63 -21.13 -14.44
CA LEU E 80 8.79 -22.03 -14.41
C LEU E 80 8.82 -22.83 -13.12
N GLN E 81 8.83 -22.13 -11.99
CA GLN E 81 8.85 -22.73 -10.67
C GLN E 81 7.67 -23.67 -10.46
N LYS E 82 7.97 -24.89 -10.04
CA LYS E 82 6.97 -25.92 -9.80
C LYS E 82 7.13 -26.47 -8.38
N ASP E 83 6.35 -25.94 -7.44
CA ASP E 83 6.42 -26.35 -6.02
C ASP E 83 7.81 -26.05 -5.43
N GLY E 84 8.07 -24.78 -5.15
CA GLY E 84 9.32 -24.37 -4.51
C GLY E 84 10.56 -24.56 -5.37
N GLN E 85 10.73 -25.77 -5.90
CA GLN E 85 11.88 -26.07 -6.75
C GLN E 85 11.90 -25.21 -8.01
N LEU E 86 12.92 -24.35 -8.08
CA LEU E 86 13.18 -23.51 -9.23
C LEU E 86 13.48 -24.38 -10.43
N HIS E 87 12.91 -24.03 -11.58
CA HIS E 87 13.19 -24.72 -12.83
C HIS E 87 14.67 -24.61 -13.13
N PRO E 88 15.31 -25.75 -13.50
CA PRO E 88 16.77 -25.84 -13.66
C PRO E 88 17.43 -24.64 -14.34
N LEU E 89 16.74 -24.07 -15.33
CA LEU E 89 17.21 -22.85 -15.99
C LEU E 89 17.44 -21.74 -14.97
N GLN E 90 16.49 -21.58 -14.04
CA GLN E 90 16.62 -20.61 -12.96
C GLN E 90 17.78 -20.93 -12.03
N ARG E 91 18.01 -22.22 -11.77
CA ARG E 91 19.10 -22.65 -10.89
C ARG E 91 20.49 -22.33 -11.46
N SER E 92 20.73 -22.74 -12.69
CA SER E 92 22.01 -22.51 -13.36
C SER E 92 22.28 -21.02 -13.57
N PHE E 93 21.22 -20.25 -13.74
CA PHE E 93 21.31 -18.79 -13.83
C PHE E 93 21.83 -18.16 -12.55
N SER E 94 21.49 -18.77 -11.41
CA SER E 94 22.01 -18.35 -10.12
C SER E 94 23.35 -19.01 -9.82
N LYS E 95 23.52 -20.25 -10.29
CA LYS E 95 24.78 -20.98 -10.12
C LYS E 95 25.93 -20.34 -10.89
N CYS E 96 25.60 -19.63 -11.97
CA CYS E 96 26.61 -18.98 -12.81
C CYS E 96 26.57 -17.45 -12.76
N HIS E 97 25.78 -16.91 -11.82
CA HIS E 97 25.55 -15.46 -11.72
C HIS E 97 25.22 -14.88 -13.07
N ALA E 98 24.11 -15.36 -13.66
CA ALA E 98 23.71 -14.92 -14.98
C ALA E 98 22.81 -13.69 -14.93
N LEU E 99 22.61 -13.16 -13.73
CA LEU E 99 21.75 -11.98 -13.55
C LEU E 99 22.23 -11.14 -12.37
N GLN E 100 22.26 -9.83 -12.57
CA GLN E 100 22.52 -8.93 -11.46
C GLN E 100 21.34 -8.02 -11.08
N CYS E 101 20.74 -7.31 -12.04
CA CYS E 101 19.61 -6.42 -11.74
C CYS E 101 18.29 -7.18 -11.57
N GLY E 102 17.93 -7.95 -12.60
CA GLY E 102 16.68 -8.70 -12.60
C GLY E 102 15.86 -8.57 -13.87
N PHE E 103 15.94 -7.41 -14.52
CA PHE E 103 15.09 -7.12 -15.69
C PHE E 103 15.22 -8.09 -16.85
N CYS E 104 16.46 -8.29 -17.32
CA CYS E 104 16.73 -9.20 -18.41
C CYS E 104 16.73 -10.65 -17.92
N THR E 105 15.68 -11.04 -17.20
CA THR E 105 15.63 -12.38 -16.66
C THR E 105 14.36 -13.12 -17.08
N SER E 106 13.22 -12.43 -17.05
CA SER E 106 12.01 -12.98 -17.66
C SER E 106 12.29 -13.24 -19.14
N GLY E 107 12.78 -12.19 -19.81
CA GLY E 107 13.07 -12.23 -21.24
C GLY E 107 13.90 -13.42 -21.69
N PHE E 108 15.10 -13.55 -21.13
CA PHE E 108 15.99 -14.65 -21.48
C PHE E 108 15.40 -16.00 -21.12
N LEU E 109 14.94 -16.15 -19.87
CA LEU E 109 14.41 -17.41 -19.36
C LEU E 109 13.28 -17.97 -20.22
N MET E 110 12.36 -17.09 -20.61
CA MET E 110 11.21 -17.49 -21.43
C MET E 110 11.59 -17.79 -22.87
N THR E 111 12.62 -17.10 -23.37
CA THR E 111 13.19 -17.38 -24.68
C THR E 111 13.80 -18.78 -24.69
N LEU E 112 14.50 -19.13 -23.60
CA LEU E 112 15.21 -20.39 -23.49
C LEU E 112 14.32 -21.58 -23.17
N LYS E 113 13.14 -21.31 -22.62
CA LYS E 113 12.26 -22.38 -22.10
C LYS E 113 11.84 -23.45 -23.11
N PRO E 114 11.20 -23.06 -24.24
CA PRO E 114 10.76 -24.12 -25.17
C PRO E 114 11.93 -24.84 -25.80
N LEU E 115 13.04 -24.11 -25.97
CA LEU E 115 14.29 -24.65 -26.46
C LEU E 115 14.81 -25.74 -25.53
N TYR E 116 14.71 -25.48 -24.22
CA TYR E 116 15.06 -26.45 -23.19
C TYR E 116 14.15 -27.67 -23.29
N ASP E 117 12.84 -27.44 -23.16
CA ASP E 117 11.84 -28.52 -23.06
C ASP E 117 11.82 -29.49 -24.24
N ASP E 118 12.22 -29.00 -25.42
CA ASP E 118 12.34 -29.85 -26.61
C ASP E 118 13.72 -30.51 -26.63
N GLU E 119 13.76 -31.77 -27.02
CA GLU E 119 14.92 -32.65 -26.82
C GLU E 119 16.23 -32.23 -27.51
N ASP E 120 16.13 -31.26 -28.41
CA ASP E 120 17.30 -30.77 -29.16
C ASP E 120 17.30 -29.24 -29.25
N VAL E 121 18.47 -28.63 -29.35
CA VAL E 121 19.75 -29.33 -29.45
C VAL E 121 20.52 -29.19 -28.15
N THR E 122 21.76 -29.66 -28.18
CA THR E 122 22.79 -29.16 -27.28
C THR E 122 22.84 -27.65 -27.45
N LEU E 123 23.41 -26.96 -26.47
CA LEU E 123 23.75 -25.56 -26.67
C LEU E 123 25.20 -25.32 -26.26
N ASP E 124 26.06 -25.17 -27.26
CA ASP E 124 27.45 -24.81 -27.03
C ASP E 124 27.63 -23.30 -27.12
N ALA E 125 28.65 -22.80 -26.43
CA ALA E 125 28.89 -21.35 -26.28
C ALA E 125 28.53 -20.51 -27.51
N THR E 126 28.92 -20.99 -28.68
CA THR E 126 28.65 -20.29 -29.94
C THR E 126 27.16 -20.30 -30.30
N SER E 127 26.55 -21.48 -30.26
CA SER E 127 25.12 -21.63 -30.53
C SER E 127 24.27 -21.11 -29.37
N ALA E 128 24.88 -21.04 -28.18
CA ALA E 128 24.22 -20.47 -27.01
C ALA E 128 24.04 -18.97 -27.17
N ARG E 129 25.10 -18.29 -27.63
CA ARG E 129 25.08 -16.85 -27.85
C ARG E 129 24.00 -16.42 -28.85
N GLU E 130 23.90 -17.18 -29.95
CA GLU E 130 22.91 -16.92 -31.00
C GLU E 130 21.48 -17.05 -30.48
N ALA E 131 21.29 -17.94 -29.52
CA ALA E 131 19.96 -18.21 -28.95
C ALA E 131 19.42 -17.03 -28.14
N ILE E 132 20.23 -16.55 -27.21
CA ILE E 132 19.84 -15.45 -26.31
C ILE E 132 19.87 -14.07 -26.97
N SER E 133 20.61 -13.98 -28.08
CA SER E 133 20.87 -12.72 -28.79
C SER E 133 19.66 -11.82 -28.98
N GLY E 134 18.47 -12.41 -29.02
CA GLY E 134 17.22 -11.66 -29.13
C GLY E 134 16.86 -10.88 -27.87
N ASN E 135 17.71 -10.95 -26.86
CA ASN E 135 17.49 -10.25 -25.61
C ASN E 135 18.71 -9.44 -25.19
N LEU E 136 18.49 -8.22 -24.72
CA LEU E 136 19.58 -7.33 -24.32
C LEU E 136 19.70 -7.23 -22.81
N CYS E 137 20.94 -7.16 -22.35
CA CYS E 137 21.25 -6.99 -20.93
C CYS E 137 22.38 -5.96 -20.80
N ARG E 138 22.29 -5.13 -19.76
CA ARG E 138 23.27 -4.08 -19.55
C ARG E 138 24.11 -4.28 -18.30
N CYS E 139 24.39 -5.54 -17.95
CA CYS E 139 25.01 -5.82 -16.66
C CYS E 139 26.01 -6.97 -16.63
N THR E 140 25.89 -7.90 -17.57
CA THR E 140 26.60 -9.18 -17.42
C THR E 140 27.99 -9.40 -18.05
N GLY E 141 28.32 -8.79 -19.21
CA GLY E 141 27.37 -8.84 -20.39
C GLY E 141 27.48 -10.22 -21.01
N TYR E 142 26.42 -11.01 -20.82
CA TYR E 142 26.17 -12.27 -21.53
C TYR E 142 27.13 -13.42 -21.21
N GLN E 143 28.41 -13.11 -21.02
CA GLN E 143 29.45 -14.11 -20.75
C GLN E 143 28.97 -15.18 -19.77
N GLN E 144 28.41 -14.74 -18.65
CA GLN E 144 27.93 -15.63 -17.61
C GLN E 144 26.60 -16.25 -18.00
N ILE E 145 25.76 -15.50 -18.71
CA ILE E 145 24.49 -16.00 -19.24
C ILE E 145 24.77 -17.16 -20.20
N VAL E 146 25.68 -16.92 -21.15
CA VAL E 146 26.13 -17.94 -22.09
C VAL E 146 26.70 -19.15 -21.33
N GLU E 147 27.47 -18.88 -20.28
CA GLU E 147 27.98 -19.92 -19.40
C GLU E 147 26.85 -20.58 -18.61
N ALA E 148 25.83 -19.80 -18.24
CA ALA E 148 24.69 -20.31 -17.49
C ALA E 148 23.84 -21.27 -18.32
N THR E 149 23.48 -20.86 -19.53
CA THR E 149 22.64 -21.67 -20.41
C THR E 149 23.28 -23.03 -20.69
N VAL E 150 24.57 -23.01 -21.04
CA VAL E 150 25.32 -24.23 -21.34
C VAL E 150 25.25 -25.23 -20.19
N ASP E 151 25.54 -24.75 -18.98
CA ASP E 151 25.47 -25.56 -17.76
C ASP E 151 24.11 -26.24 -17.63
N ALA E 152 23.05 -25.48 -17.86
CA ALA E 152 21.68 -25.98 -17.79
C ALA E 152 21.44 -27.15 -18.74
N PHE E 153 22.10 -27.12 -19.89
CA PHE E 153 21.90 -28.13 -20.93
C PHE E 153 22.79 -29.37 -20.75
N HIS E 154 23.76 -29.29 -19.84
CA HIS E 154 24.61 -30.45 -19.57
C HIS E 154 24.05 -31.32 -18.49
N CYS E 155 23.52 -30.72 -17.43
CA CYS E 155 22.80 -31.46 -16.40
C CYS E 155 21.49 -32.01 -16.99
N ARG E 156 21.07 -31.41 -18.10
CA ARG E 156 19.89 -31.86 -18.86
C ARG E 156 20.18 -33.20 -19.55
N ASP E 157 21.17 -33.19 -20.46
CA ASP E 157 21.45 -34.37 -21.30
C ASP E 157 22.48 -35.30 -20.69
N HIS E 158 23.76 -34.91 -20.76
CA HIS E 158 24.88 -35.79 -20.45
C HIS E 158 25.49 -35.67 -19.08
N ASN E 159 24.89 -35.00 -18.10
CA ASN E 159 24.08 -35.63 -17.02
C ASN E 159 24.80 -36.89 -16.56
N ASP E 160 25.92 -36.66 -15.86
CA ASP E 160 26.72 -37.71 -15.24
C ASP E 160 27.25 -38.74 -16.23
N ASN F 21 35.19 -25.70 14.51
CA ASN F 21 34.60 -25.26 13.21
C ASN F 21 34.59 -23.73 13.09
N ARG F 22 35.58 -23.21 12.38
CA ARG F 22 35.71 -21.77 12.17
C ARG F 22 35.41 -21.43 10.70
N GLN F 23 34.19 -21.77 10.28
CA GLN F 23 33.75 -21.58 8.89
C GLN F 23 33.89 -20.14 8.40
N ALA F 24 34.60 -19.98 7.29
CA ALA F 24 34.83 -18.66 6.70
C ALA F 24 33.90 -18.42 5.52
N TRP F 25 33.51 -17.15 5.32
CA TRP F 25 32.52 -16.79 4.33
C TRP F 25 32.94 -15.69 3.39
N ILE F 26 33.67 -14.71 3.93
CA ILE F 26 34.23 -13.64 3.11
C ILE F 26 35.29 -14.24 2.17
N GLY F 27 35.30 -13.78 0.93
CA GLY F 27 36.21 -14.32 -0.08
C GLY F 27 35.68 -15.57 -0.75
N GLN F 28 34.60 -16.14 -0.20
CA GLN F 28 33.98 -17.34 -0.77
C GLN F 28 32.99 -16.98 -1.87
N GLU F 29 32.85 -17.89 -2.83
CA GLU F 29 31.83 -17.76 -3.87
C GLU F 29 30.50 -18.31 -3.37
N VAL F 30 29.61 -17.42 -2.95
CA VAL F 30 28.28 -17.82 -2.51
C VAL F 30 27.25 -17.23 -3.46
N LEU F 31 26.27 -18.06 -3.84
CA LEU F 31 25.20 -17.63 -4.73
C LEU F 31 24.38 -16.53 -4.08
N ARG F 32 24.00 -15.54 -4.88
CA ARG F 32 23.36 -14.33 -4.38
C ARG F 32 22.06 -14.58 -3.63
N ARG F 33 21.78 -13.70 -2.67
CA ARG F 33 20.51 -13.73 -1.95
C ARG F 33 19.36 -13.10 -2.74
N GLU F 34 19.69 -12.14 -3.61
CA GLU F 34 18.69 -11.46 -4.43
C GLU F 34 18.10 -12.36 -5.51
N ASP F 35 18.89 -13.34 -5.95
CA ASP F 35 18.56 -14.19 -7.10
C ASP F 35 17.10 -14.62 -7.18
N ARG F 36 16.60 -15.26 -6.11
CA ARG F 36 15.28 -15.89 -6.13
C ARG F 36 14.11 -14.93 -6.36
N ARG F 37 14.19 -13.73 -5.77
CA ARG F 37 13.16 -12.72 -5.96
C ARG F 37 12.94 -12.44 -7.44
N LEU F 38 14.05 -12.24 -8.13
CA LEU F 38 14.06 -11.76 -9.51
C LEU F 38 13.78 -12.89 -10.50
N LEU F 39 14.20 -14.10 -10.15
CA LEU F 39 14.00 -15.28 -10.98
C LEU F 39 12.53 -15.72 -11.04
N THR F 40 11.91 -15.80 -9.86
CA THR F 40 10.51 -16.19 -9.75
C THR F 40 9.59 -15.04 -10.17
N GLY F 41 10.04 -13.82 -9.90
CA GLY F 41 9.25 -12.62 -10.18
C GLY F 41 8.39 -12.23 -9.00
N THR F 42 8.82 -12.60 -7.80
CA THR F 42 8.14 -12.22 -6.57
C THR F 42 8.49 -10.78 -6.19
N ALA F 43 9.68 -10.34 -6.63
CA ALA F 43 10.16 -9.00 -6.38
C ALA F 43 9.31 -7.95 -7.09
N THR F 44 9.07 -6.84 -6.41
CA THR F 44 8.28 -5.75 -6.98
C THR F 44 9.20 -4.61 -7.42
N PHE F 45 8.90 -4.06 -8.60
CA PHE F 45 9.59 -2.87 -9.09
C PHE F 45 8.64 -1.68 -9.08
N ALA F 46 9.21 -0.48 -9.25
CA ALA F 46 8.45 0.76 -9.14
C ALA F 46 7.22 0.80 -10.05
N GLY F 47 7.42 0.35 -11.30
CA GLY F 47 6.33 0.27 -12.28
C GLY F 47 5.31 -0.80 -11.93
N ASP F 48 5.74 -1.81 -11.17
CA ASP F 48 4.87 -2.93 -10.78
C ASP F 48 3.82 -2.53 -9.74
N LEU F 49 4.06 -1.41 -9.06
CA LEU F 49 3.18 -0.99 -7.96
C LEU F 49 1.84 -0.41 -8.39
N GLY F 50 0.79 -0.83 -7.68
CA GLY F 50 -0.57 -0.36 -7.91
C GLY F 50 -1.22 0.01 -6.60
N VAL F 51 -1.94 1.14 -6.61
CA VAL F 51 -2.64 1.64 -5.43
C VAL F 51 -4.03 2.11 -5.86
N PRO F 52 -5.09 1.64 -5.16
CA PRO F 52 -6.46 1.99 -5.53
C PRO F 52 -6.69 3.51 -5.48
N GLY F 53 -7.36 4.02 -6.50
CA GLY F 53 -7.61 5.46 -6.62
C GLY F 53 -6.47 6.19 -7.30
N GLN F 54 -5.49 5.43 -7.80
CA GLN F 54 -4.33 5.97 -8.50
C GLN F 54 -4.67 6.99 -9.57
N LEU F 55 -3.83 8.01 -9.67
CA LEU F 55 -3.82 8.87 -10.84
C LEU F 55 -2.53 8.64 -11.61
N HIS F 56 -2.63 8.72 -12.93
CA HIS F 56 -1.49 8.45 -13.81
C HIS F 56 -0.98 9.69 -14.45
N MET F 57 0.24 10.07 -14.07
CA MET F 57 0.88 11.25 -14.61
C MET F 57 1.53 10.95 -15.93
N ARG F 58 1.21 11.77 -16.93
CA ARG F 58 1.96 11.82 -18.16
C ARG F 58 2.52 13.22 -18.29
N ILE F 59 3.74 13.33 -18.82
CA ILE F 59 4.38 14.64 -18.92
C ILE F 59 4.49 15.14 -20.35
N VAL F 60 3.94 16.33 -20.58
CA VAL F 60 4.15 17.06 -21.83
C VAL F 60 5.54 17.67 -21.77
N ARG F 61 6.41 17.21 -22.67
CA ARG F 61 7.79 17.66 -22.70
C ARG F 61 8.04 18.61 -23.84
N SER F 62 9.21 19.23 -23.83
CA SER F 62 9.60 20.20 -24.84
C SER F 62 9.78 19.57 -26.22
N THR F 63 9.52 20.37 -27.25
CA THR F 63 9.76 19.99 -28.64
C THR F 63 10.72 20.98 -29.30
N GLN F 64 11.14 21.98 -28.54
CA GLN F 64 12.17 22.93 -28.96
C GLN F 64 13.41 22.72 -28.12
N ALA F 65 14.57 23.09 -28.66
CA ALA F 65 15.83 23.00 -27.93
C ALA F 65 16.09 24.24 -27.09
N HIS F 66 15.62 25.39 -27.56
CA HIS F 66 15.81 26.66 -26.89
C HIS F 66 14.69 27.59 -27.28
N ALA F 67 13.82 27.91 -26.32
CA ALA F 67 12.63 28.71 -26.60
C ALA F 67 11.93 29.25 -25.36
N ARG F 68 11.44 30.49 -25.44
CA ARG F 68 10.54 31.03 -24.43
C ARG F 68 9.10 30.85 -24.92
N ILE F 69 8.14 30.83 -24.00
CA ILE F 69 6.79 30.32 -24.30
C ILE F 69 5.61 31.20 -23.87
N VAL F 70 4.49 31.02 -24.58
CA VAL F 70 3.16 31.37 -24.08
C VAL F 70 2.32 30.09 -24.25
N SER F 71 1.86 29.54 -23.13
CA SER F 71 1.42 28.14 -23.07
C SER F 71 -0.08 27.91 -22.84
N ILE F 72 -0.82 28.99 -22.58
CA ILE F 72 -2.17 28.90 -22.03
C ILE F 72 -3.20 28.27 -22.97
N ASP F 73 -3.12 26.95 -23.13
CA ASP F 73 -4.18 26.16 -23.76
C ASP F 73 -4.07 24.69 -23.40
N ALA F 74 -4.66 24.34 -22.26
CA ALA F 74 -4.89 22.96 -21.87
C ALA F 74 -6.40 22.74 -21.78
N THR F 75 -7.15 23.66 -22.39
CA THR F 75 -8.61 23.69 -22.32
C THR F 75 -9.26 22.39 -22.77
N GLU F 76 -8.92 21.95 -23.99
CA GLU F 76 -9.44 20.69 -24.51
C GLU F 76 -8.75 19.47 -23.88
N ALA F 77 -7.67 19.71 -23.16
CA ALA F 77 -7.04 18.65 -22.36
C ALA F 77 -7.79 18.49 -21.05
N GLU F 78 -8.11 19.63 -20.42
CA GLU F 78 -8.90 19.67 -19.19
C GLU F 78 -10.31 19.12 -19.40
N LYS F 79 -10.84 19.31 -20.61
CA LYS F 79 -12.24 18.97 -20.90
C LYS F 79 -12.49 17.55 -21.44
N THR F 80 -11.43 16.82 -21.77
CA THR F 80 -11.60 15.39 -22.07
C THR F 80 -11.83 14.63 -20.77
N PRO F 81 -12.88 13.80 -20.71
CA PRO F 81 -13.25 13.11 -19.47
C PRO F 81 -12.23 12.06 -19.05
N GLY F 82 -12.16 11.80 -17.74
CA GLY F 82 -11.17 10.89 -17.17
C GLY F 82 -9.97 11.66 -16.65
N VAL F 83 -9.80 12.89 -17.11
CA VAL F 83 -8.69 13.75 -16.68
C VAL F 83 -9.12 14.59 -15.48
N ARG F 84 -8.40 14.44 -14.38
CA ARG F 84 -8.73 15.13 -13.15
C ARG F 84 -8.09 16.52 -13.03
N MET F 85 -6.89 16.65 -13.58
CA MET F 85 -6.18 17.95 -13.58
C MET F 85 -4.99 17.96 -14.54
N VAL F 86 -4.65 19.15 -15.01
CA VAL F 86 -3.44 19.39 -15.78
C VAL F 86 -2.59 20.41 -15.03
N ILE F 87 -1.38 19.99 -14.62
CA ILE F 87 -0.47 20.85 -13.87
C ILE F 87 0.35 21.71 -14.81
N THR F 88 0.21 23.03 -14.65
CA THR F 88 1.02 23.99 -15.39
C THR F 88 2.18 24.43 -14.51
N SER F 89 3.02 25.31 -15.06
CA SER F 89 4.16 25.84 -14.33
C SER F 89 3.75 26.66 -13.11
N GLU F 90 2.69 27.44 -13.25
CA GLU F 90 2.23 28.35 -12.20
C GLU F 90 1.87 27.63 -10.91
N HIS F 91 1.43 26.37 -11.03
CA HIS F 91 1.18 25.52 -9.87
C HIS F 91 2.44 25.27 -9.11
N THR F 92 3.54 25.06 -9.83
CA THR F 92 4.75 24.45 -9.25
C THR F 92 5.98 25.33 -9.00
N ARG F 93 6.01 26.54 -9.53
CA ARG F 93 7.07 27.49 -9.17
C ARG F 93 6.83 28.02 -7.76
N HIS F 94 5.68 27.64 -7.21
CA HIS F 94 5.21 27.98 -5.87
C HIS F 94 6.14 27.64 -4.74
N LEU F 95 6.08 26.38 -4.30
CA LEU F 95 6.64 25.90 -3.04
C LEU F 95 7.15 24.45 -3.13
N GLY F 96 7.77 24.06 -4.25
CA GLY F 96 8.01 24.94 -5.38
C GLY F 96 9.21 25.85 -5.18
N SER F 97 10.22 25.32 -4.49
CA SER F 97 11.56 25.85 -4.59
C SER F 97 12.05 25.33 -5.95
N VAL F 98 13.36 25.36 -6.17
CA VAL F 98 13.92 24.81 -7.40
C VAL F 98 15.04 23.82 -7.04
N LEU F 99 15.04 22.67 -7.71
CA LEU F 99 15.79 21.47 -7.26
C LEU F 99 17.16 21.72 -6.63
N LEU F 100 17.19 21.73 -5.31
CA LEU F 100 18.46 21.84 -4.59
C LEU F 100 19.26 20.55 -4.74
N GLU F 101 20.59 20.71 -4.74
CA GLU F 101 21.51 19.59 -4.61
C GLU F 101 22.26 19.91 -3.32
N GLU F 102 22.89 18.92 -2.69
CA GLU F 102 23.45 19.19 -1.37
C GLU F 102 24.97 19.24 -1.25
N LEU F 103 25.44 19.14 -0.01
CA LEU F 103 26.84 19.28 0.41
C LEU F 103 27.89 18.71 -0.55
N GLY F 104 29.07 19.32 -0.53
CA GLY F 104 30.03 19.19 -1.62
C GLY F 104 30.14 20.60 -2.15
N TYR F 105 29.10 21.37 -1.84
CA TYR F 105 29.10 22.82 -1.91
C TYR F 105 30.32 23.41 -1.21
N HIS F 106 30.60 24.66 -1.51
CA HIS F 106 31.47 25.47 -0.66
C HIS F 106 30.72 26.71 -0.11
N GLU F 107 30.00 27.46 -0.96
CA GLU F 107 29.92 27.20 -2.40
C GLU F 107 30.55 28.32 -3.23
N ILE F 108 30.90 27.96 -4.47
CA ILE F 108 31.62 28.86 -5.36
C ILE F 108 31.15 28.70 -6.82
N TYR F 109 30.22 29.51 -7.35
CA TYR F 109 29.27 30.42 -6.71
C TYR F 109 28.60 31.18 -7.86
N GLU F 110 27.33 30.90 -8.15
CA GLU F 110 26.53 29.97 -7.36
C GLU F 110 25.51 29.16 -8.16
N ASN F 111 25.42 27.89 -7.77
CA ASN F 111 24.19 27.10 -7.80
C ASN F 111 23.07 27.54 -8.78
N ILE F 112 22.16 28.44 -8.38
CA ILE F 112 20.97 28.74 -9.19
C ILE F 112 21.24 29.72 -10.36
N GLU F 113 21.30 29.20 -11.59
CA GLU F 113 21.17 27.74 -11.83
C GLU F 113 21.55 27.28 -13.24
N ASP F 114 21.55 25.96 -13.53
CA ASP F 114 20.77 24.87 -12.90
C ASP F 114 21.19 24.40 -11.49
N PHE F 115 20.40 23.60 -10.75
CA PHE F 115 19.12 22.85 -11.04
C PHE F 115 18.26 22.92 -12.32
N SER F 116 17.66 21.79 -12.68
CA SER F 116 16.92 21.56 -13.95
C SER F 116 15.92 22.65 -14.39
N HIS F 117 14.75 22.24 -14.86
CA HIS F 117 13.67 23.16 -15.26
C HIS F 117 13.45 24.32 -14.25
N PRO F 118 13.61 24.04 -12.94
CA PRO F 118 13.74 22.73 -12.30
C PRO F 118 12.40 22.05 -12.19
N VAL F 119 11.34 22.85 -12.20
CA VAL F 119 9.98 22.33 -12.27
C VAL F 119 9.10 23.21 -13.17
N LEU F 120 9.27 23.05 -14.48
CA LEU F 120 8.28 23.46 -15.47
C LEU F 120 8.12 24.97 -15.77
N ALA F 121 9.07 25.80 -15.30
CA ALA F 121 8.96 27.27 -15.37
C ALA F 121 8.22 27.85 -16.60
N VAL F 122 7.28 28.76 -16.34
CA VAL F 122 6.36 29.29 -17.38
C VAL F 122 7.03 30.32 -18.31
N ASP F 123 8.35 30.24 -18.41
CA ASP F 123 9.11 31.19 -19.19
C ASP F 123 9.91 30.51 -20.31
N LYS F 124 11.05 29.90 -19.99
CA LYS F 124 11.92 29.38 -21.05
C LYS F 124 12.18 27.88 -21.03
N VAL F 125 12.53 27.36 -22.21
CA VAL F 125 12.80 25.95 -22.44
C VAL F 125 14.24 25.81 -22.89
N LEU F 126 14.99 24.91 -22.24
CA LEU F 126 16.44 24.81 -22.50
C LEU F 126 16.94 23.49 -23.11
N TYR F 127 16.01 22.60 -23.47
CA TYR F 127 16.34 21.36 -24.19
C TYR F 127 15.08 20.56 -24.51
N VAL F 128 15.13 19.81 -25.61
CA VAL F 128 14.05 18.90 -25.98
C VAL F 128 13.98 17.77 -24.96
N GLY F 129 12.78 17.56 -24.42
CA GLY F 129 12.56 16.51 -23.43
C GLY F 129 12.35 17.08 -22.04
N GLN F 130 12.48 18.40 -21.91
CA GLN F 130 12.27 19.08 -20.64
C GLN F 130 10.79 19.11 -20.27
N PRO F 131 10.46 18.77 -19.01
CA PRO F 131 9.09 18.88 -18.51
C PRO F 131 8.59 20.32 -18.57
N VAL F 132 7.36 20.49 -19.06
CA VAL F 132 6.72 21.80 -19.15
C VAL F 132 5.34 21.76 -18.47
N VAL F 133 4.59 20.70 -18.76
CA VAL F 133 3.22 20.55 -18.27
C VAL F 133 2.95 19.08 -17.96
N ALA F 134 2.38 18.81 -16.80
CA ALA F 134 2.00 17.45 -16.42
C ALA F 134 0.49 17.29 -16.41
N VAL F 135 0.01 16.18 -16.96
CA VAL F 135 -1.41 15.85 -16.90
C VAL F 135 -1.65 14.79 -15.83
N LEU F 136 -2.89 14.68 -15.37
CA LEU F 136 -3.25 13.65 -14.40
C LEU F 136 -4.58 12.99 -14.77
N ALA F 137 -4.50 11.72 -15.14
CA ALA F 137 -5.67 10.98 -15.58
C ALA F 137 -5.81 9.62 -14.89
N VAL F 138 -6.91 8.92 -15.18
CA VAL F 138 -7.27 7.69 -14.50
C VAL F 138 -6.40 6.49 -14.93
N ASP F 139 -6.27 6.29 -16.23
CA ASP F 139 -5.32 5.31 -16.75
C ASP F 139 -4.27 5.98 -17.63
N PRO F 140 -3.05 5.40 -17.69
CA PRO F 140 -1.94 6.01 -18.44
C PRO F 140 -2.21 6.14 -19.94
N TYR F 141 -3.14 5.34 -20.46
CA TYR F 141 -3.57 5.42 -21.85
C TYR F 141 -4.32 6.74 -22.09
N LEU F 142 -5.27 7.04 -21.20
CA LEU F 142 -6.01 8.29 -21.27
C LEU F 142 -5.15 9.48 -20.87
N ALA F 143 -4.15 9.22 -20.03
CA ALA F 143 -3.24 10.26 -19.54
C ALA F 143 -2.54 10.97 -20.69
N GLU F 144 -1.89 10.23 -21.57
CA GLU F 144 -1.20 10.82 -22.70
C GLU F 144 -2.13 11.11 -23.88
N ASP F 145 -3.33 10.50 -23.87
CA ASP F 145 -4.37 10.87 -24.83
C ASP F 145 -4.67 12.35 -24.69
N ALA F 146 -4.74 12.81 -23.44
CA ALA F 146 -4.95 14.21 -23.12
C ALA F 146 -3.67 15.03 -23.28
N ALA F 147 -2.52 14.38 -23.15
CA ALA F 147 -1.22 15.07 -23.27
C ALA F 147 -1.00 15.66 -24.66
N GLU F 148 -1.48 14.96 -25.69
CA GLU F 148 -1.41 15.43 -27.08
C GLU F 148 -2.12 16.77 -27.24
N LEU F 149 -3.32 16.85 -26.65
CA LEU F 149 -4.22 17.98 -26.84
C LEU F 149 -3.74 19.27 -26.20
N VAL F 150 -2.65 19.19 -25.41
CA VAL F 150 -1.99 20.37 -24.86
C VAL F 150 -1.21 21.05 -25.99
N SER F 151 -1.38 22.36 -26.10
CA SER F 151 -0.68 23.16 -27.09
C SER F 151 0.11 24.28 -26.44
N ILE F 152 1.37 24.40 -26.86
CA ILE F 152 2.27 25.44 -26.38
C ILE F 152 2.92 26.07 -27.61
N GLU F 153 2.73 27.36 -27.80
CA GLU F 153 3.41 28.04 -28.90
C GLU F 153 4.76 28.55 -28.44
N TYR F 154 5.77 28.36 -29.28
CA TYR F 154 7.15 28.66 -28.93
C TYR F 154 7.71 29.84 -29.70
N GLU F 155 8.63 30.55 -29.05
CA GLU F 155 9.52 31.47 -29.74
C GLU F 155 10.86 30.75 -29.83
N PRO F 156 11.21 30.21 -31.01
CA PRO F 156 12.51 29.56 -31.15
C PRO F 156 13.65 30.55 -30.95
N LEU F 157 14.56 30.20 -30.03
CA LEU F 157 15.78 30.98 -29.82
C LEU F 157 16.96 30.29 -30.51
N PRO F 158 18.13 30.97 -30.59
CA PRO F 158 19.30 30.29 -31.16
C PRO F 158 19.81 29.17 -30.24
N VAL F 159 20.45 28.17 -30.84
CA VAL F 159 20.73 26.91 -30.15
C VAL F 159 22.22 26.65 -29.95
N LEU F 160 22.60 26.37 -28.70
CA LEU F 160 23.98 26.10 -28.32
C LEU F 160 24.21 24.60 -28.21
N LEU F 161 25.30 24.11 -28.80
CA LEU F 161 25.58 22.67 -28.81
C LEU F 161 27.04 22.29 -28.53
N ASP F 162 27.97 23.06 -29.07
CA ASP F 162 29.40 22.80 -28.88
C ASP F 162 29.90 23.44 -27.58
N PRO F 163 30.45 22.61 -26.66
CA PRO F 163 30.95 23.07 -25.35
C PRO F 163 31.93 24.24 -25.46
N GLU F 164 32.76 24.23 -26.50
CA GLU F 164 33.75 25.28 -26.71
C GLU F 164 33.12 26.63 -27.02
N GLU F 165 32.07 26.63 -27.84
CA GLU F 165 31.37 27.87 -28.16
C GLU F 165 30.27 28.22 -27.16
N ALA F 166 30.18 27.43 -26.09
CA ALA F 166 29.31 27.78 -24.96
C ALA F 166 29.87 28.98 -24.23
N LEU F 167 31.15 28.92 -23.87
CA LEU F 167 31.78 29.96 -23.07
C LEU F 167 32.31 31.17 -23.86
N THR F 168 32.61 30.97 -25.14
CA THR F 168 32.80 32.10 -26.06
C THR F 168 31.39 32.61 -26.32
N GLY F 169 30.79 33.12 -25.25
CA GLY F 169 29.34 33.07 -25.06
C GLY F 169 28.46 34.20 -25.56
N LYS F 170 28.08 34.11 -26.82
CA LYS F 170 26.86 34.74 -27.29
C LYS F 170 25.84 33.61 -27.28
N VAL F 171 24.57 33.93 -27.47
CA VAL F 171 23.49 32.95 -27.32
C VAL F 171 23.54 32.40 -25.89
N GLU F 172 23.21 33.26 -24.92
CA GLU F 172 23.29 32.88 -23.52
C GLU F 172 21.98 32.27 -23.03
N LEU F 173 22.11 31.17 -22.30
CA LEU F 173 20.97 30.35 -21.90
C LEU F 173 20.13 31.02 -20.83
N PHE F 174 20.77 31.55 -19.80
CA PHE F 174 20.06 32.21 -18.71
C PHE F 174 20.15 33.72 -18.93
N PRO F 175 19.01 34.43 -18.82
CA PRO F 175 18.99 35.89 -19.05
C PRO F 175 19.75 36.64 -17.97
N GLY F 176 19.76 36.09 -16.75
CA GLY F 176 20.59 36.58 -15.67
C GLY F 176 22.06 36.45 -16.02
N ARG F 177 22.39 35.37 -16.74
CA ARG F 177 23.76 35.09 -17.21
C ARG F 177 24.81 35.66 -16.25
N GLY F 178 25.20 34.87 -15.26
CA GLY F 178 24.86 33.45 -15.21
C GLY F 178 25.85 32.75 -16.11
N ASN F 179 27.13 33.07 -15.88
CA ASN F 179 28.25 32.48 -16.61
C ASN F 179 28.10 30.97 -16.67
N GLU F 180 28.28 30.40 -17.85
CA GLU F 180 28.05 28.97 -18.04
C GLU F 180 28.97 28.13 -17.16
N GLY F 181 28.42 27.67 -16.03
CA GLY F 181 29.04 26.64 -15.20
C GLY F 181 29.95 27.08 -14.05
N ALA F 182 31.00 26.28 -13.84
CA ALA F 182 31.97 26.53 -12.77
C ALA F 182 33.37 26.18 -13.26
N ARG F 183 34.35 27.00 -12.91
CA ARG F 183 35.72 26.83 -13.39
C ARG F 183 36.64 26.31 -12.30
N ILE F 184 37.01 25.04 -12.43
CA ILE F 184 37.80 24.34 -11.42
C ILE F 184 39.27 24.35 -11.84
N LYS F 185 40.15 24.69 -10.90
CA LYS F 185 41.58 24.79 -11.20
C LYS F 185 42.47 24.16 -10.13
N LYS F 186 43.45 23.38 -10.61
CA LYS F 186 44.36 22.60 -9.76
C LYS F 186 45.72 22.50 -10.46
N ALA F 187 46.81 22.74 -9.74
CA ALA F 187 48.16 22.80 -10.37
C ALA F 187 49.35 22.81 -9.39
N TYR F 188 50.19 21.77 -9.45
CA TYR F 188 51.36 21.67 -8.54
C TYR F 188 52.55 22.56 -8.88
N GLY F 189 53.31 22.85 -7.83
CA GLY F 189 54.64 23.45 -7.89
C GLY F 189 55.08 24.21 -9.12
N ASP F 190 56.08 23.67 -9.79
CA ASP F 190 56.76 24.38 -10.88
C ASP F 190 56.63 23.64 -12.20
N ILE F 191 55.46 23.73 -12.83
CA ILE F 191 55.28 23.13 -14.16
C ILE F 191 55.83 24.01 -15.27
N ASP F 192 56.00 25.30 -14.98
CA ASP F 192 56.60 26.24 -15.92
C ASP F 192 58.03 25.81 -16.27
N ARG F 193 58.77 25.34 -15.27
CA ARG F 193 60.12 24.85 -15.51
C ARG F 193 60.14 23.40 -15.97
N ALA F 194 59.13 22.63 -15.56
CA ALA F 194 59.00 21.23 -15.98
C ALA F 194 58.75 21.11 -17.48
N PHE F 195 57.99 22.07 -18.02
CA PHE F 195 57.72 22.15 -19.46
C PHE F 195 58.84 22.81 -20.24
N ALA F 196 59.29 23.97 -19.75
CA ALA F 196 60.34 24.76 -20.42
C ALA F 196 61.64 23.98 -20.59
N GLU F 197 61.88 23.03 -19.69
CA GLU F 197 63.07 22.19 -19.73
C GLU F 197 62.70 20.77 -20.17
N ALA F 198 61.97 20.67 -21.28
CA ALA F 198 61.55 19.37 -21.83
C ALA F 198 61.86 19.28 -23.32
N GLU F 199 62.29 18.09 -23.74
CA GLU F 199 62.72 17.86 -25.11
C GLU F 199 61.55 17.63 -26.04
N HIS F 200 60.66 16.71 -25.65
CA HIS F 200 59.43 16.47 -26.36
C HIS F 200 58.27 17.01 -25.58
N VAL F 201 57.61 18.02 -26.16
CA VAL F 201 56.40 18.60 -25.60
C VAL F 201 55.25 18.33 -26.56
N ILE F 202 54.23 17.64 -26.07
CA ILE F 202 53.19 17.07 -26.93
C ILE F 202 51.82 17.70 -26.67
N ARG F 203 51.24 18.26 -27.73
CA ARG F 203 49.92 18.89 -27.63
C ARG F 203 48.87 18.25 -28.55
N HIS F 204 47.75 17.84 -27.97
CA HIS F 204 46.65 17.26 -28.72
C HIS F 204 45.35 17.35 -27.97
N LYS F 205 44.26 17.59 -28.69
CA LYS F 205 42.94 17.64 -28.08
C LYS F 205 42.09 16.40 -28.42
N TYR F 206 41.34 15.93 -27.43
CA TYR F 206 40.52 14.74 -27.58
C TYR F 206 39.07 15.05 -27.29
N VAL F 207 38.17 14.31 -27.93
CA VAL F 207 36.74 14.49 -27.77
C VAL F 207 36.09 13.16 -27.43
N THR F 208 35.31 13.14 -26.36
CA THR F 208 34.58 11.95 -25.96
C THR F 208 33.11 12.04 -26.35
N ASN F 209 32.52 10.88 -26.60
CA ASN F 209 31.13 10.79 -27.04
C ASN F 209 30.13 10.97 -25.91
N ARG F 210 28.99 11.57 -26.22
CA ARG F 210 27.93 11.75 -25.26
C ARG F 210 27.07 10.49 -25.18
N HIS F 211 27.22 9.75 -24.08
CA HIS F 211 26.41 8.56 -23.82
C HIS F 211 26.22 8.36 -22.35
N SER F 212 25.28 7.48 -22.00
CA SER F 212 24.88 7.31 -20.61
C SER F 212 24.71 5.84 -20.23
N GLY F 213 23.96 5.62 -19.14
CA GLY F 213 23.73 4.29 -18.60
C GLY F 213 22.67 3.51 -19.33
N VAL F 214 21.57 4.18 -19.68
CA VAL F 214 20.44 3.56 -20.38
C VAL F 214 20.11 2.17 -19.81
N PRO F 215 19.72 2.13 -18.52
CA PRO F 215 19.40 0.83 -17.93
C PRO F 215 18.07 0.28 -18.44
N MET F 216 17.80 -0.98 -18.16
CA MET F 216 16.62 -1.67 -18.72
C MET F 216 15.30 -1.18 -18.11
N GLU F 217 15.28 -0.99 -16.79
CA GLU F 217 14.14 -0.36 -16.15
C GLU F 217 14.22 1.13 -16.39
N PRO F 218 13.19 1.71 -17.06
CA PRO F 218 13.13 3.16 -17.11
C PRO F 218 12.77 3.72 -15.73
N ARG F 219 12.85 5.03 -15.56
CA ARG F 219 12.50 5.64 -14.28
C ARG F 219 11.02 5.49 -13.98
N ALA F 220 10.69 5.29 -12.71
CA ALA F 220 9.30 5.13 -12.28
C ALA F 220 9.12 5.55 -10.83
N VAL F 221 8.00 6.20 -10.55
CA VAL F 221 7.67 6.70 -9.21
C VAL F 221 6.21 6.42 -8.87
N VAL F 222 5.96 6.07 -7.61
CA VAL F 222 4.61 5.97 -7.06
C VAL F 222 4.56 6.67 -5.71
N VAL F 223 3.64 7.61 -5.57
CA VAL F 223 3.46 8.32 -4.31
C VAL F 223 2.05 8.10 -3.79
N GLN F 224 1.94 7.65 -2.54
CA GLN F 224 0.66 7.58 -1.85
C GLN F 224 0.67 8.52 -0.65
N PRO F 225 -0.22 9.53 -0.66
CA PRO F 225 -0.32 10.39 0.51
C PRO F 225 -1.22 9.81 1.59
N ASP F 226 -0.84 10.00 2.84
CA ASP F 226 -1.73 9.76 3.96
C ASP F 226 -2.42 11.11 4.22
N PRO F 227 -3.65 11.28 3.72
CA PRO F 227 -4.28 12.61 3.73
C PRO F 227 -4.57 13.11 5.14
N ALA F 228 -4.47 12.22 6.12
CA ALA F 228 -4.36 12.60 7.53
C ALA F 228 -3.18 13.58 7.65
N ARG F 229 -2.52 13.79 6.51
CA ARG F 229 -1.52 14.84 6.28
C ARG F 229 -0.24 14.61 7.06
N ASP F 230 -0.36 13.83 8.13
CA ASP F 230 0.77 13.38 8.90
C ASP F 230 1.94 13.05 7.98
N THR F 231 1.70 12.19 6.99
CA THR F 231 2.79 11.60 6.22
C THR F 231 2.61 11.50 4.70
N LEU F 232 3.56 10.79 4.07
CA LEU F 232 3.65 10.60 2.62
C LEU F 232 4.54 9.40 2.32
N PHE F 233 4.03 8.47 1.51
CA PHE F 233 4.74 7.22 1.19
C PHE F 233 5.24 7.25 -0.26
N ILE F 234 6.53 6.98 -0.44
CA ILE F 234 7.11 7.02 -1.80
C ILE F 234 7.82 5.72 -2.19
N TRP F 235 7.10 4.89 -2.94
CA TRP F 235 7.67 3.69 -3.54
C TRP F 235 8.38 4.04 -4.82
N GLY F 236 8.62 5.33 -5.01
CA GLY F 236 9.50 5.81 -6.06
C GLY F 236 10.91 5.31 -5.80
N THR F 237 11.76 5.38 -6.81
CA THR F 237 13.08 4.77 -6.75
C THR F 237 14.22 5.77 -6.55
N VAL F 238 13.89 7.00 -6.12
CA VAL F 238 14.88 8.08 -5.89
C VAL F 238 16.18 7.54 -5.31
N HIS F 239 17.27 7.65 -6.07
CA HIS F 239 18.40 6.72 -5.89
C HIS F 239 19.33 6.78 -4.72
N VAL F 240 19.31 7.88 -3.98
CA VAL F 240 19.59 7.78 -2.56
C VAL F 240 18.21 7.93 -1.95
N HIS F 241 17.63 6.78 -1.57
CA HIS F 241 16.26 6.74 -1.07
C HIS F 241 16.23 7.39 0.29
N ASP F 242 17.41 7.80 0.75
CA ASP F 242 17.54 8.67 1.90
C ASP F 242 17.75 10.13 1.49
N ASN F 243 17.52 10.42 0.20
CA ASN F 243 17.33 11.80 -0.24
C ASN F 243 15.87 12.14 -0.44
N ARG F 244 15.09 11.79 0.59
CA ARG F 244 13.81 12.43 0.86
C ARG F 244 14.16 13.84 1.34
N ARG F 245 15.38 13.97 1.86
CA ARG F 245 15.93 15.21 2.40
C ARG F 245 15.71 16.41 1.48
N ILE F 246 15.82 16.17 0.16
CA ILE F 246 15.55 17.21 -0.84
C ILE F 246 14.05 17.47 -0.94
N ILE F 247 13.29 16.42 -1.24
CA ILE F 247 11.83 16.53 -1.39
C ILE F 247 11.19 17.16 -0.16
N ALA F 248 11.63 16.73 1.03
CA ALA F 248 11.19 17.31 2.28
C ALA F 248 11.35 18.83 2.26
N LYS F 249 12.60 19.30 2.18
CA LYS F 249 12.92 20.73 2.18
C LYS F 249 12.12 21.50 1.12
N MET F 250 12.09 20.96 -0.10
CA MET F 250 11.36 21.53 -1.24
C MET F 250 9.89 21.76 -0.91
N LEU F 251 9.23 20.72 -0.44
CA LEU F 251 7.80 20.76 -0.13
C LEU F 251 7.50 21.44 1.19
N ASN F 252 8.55 21.64 2.00
CA ASN F 252 8.43 22.23 3.34
C ASN F 252 7.42 21.49 4.22
N LEU F 253 7.58 20.16 4.26
CA LEU F 253 6.81 19.29 5.16
C LEU F 253 7.68 18.33 6.00
N PRO F 254 9.03 18.49 5.97
CA PRO F 254 10.06 17.62 6.61
C PRO F 254 9.74 17.03 7.98
N GLU F 255 10.43 15.96 8.36
CA GLU F 255 11.45 15.29 7.54
C GLU F 255 11.15 13.79 7.45
N VAL F 256 10.78 13.21 8.58
CA VAL F 256 9.90 12.04 8.57
C VAL F 256 8.58 12.63 8.08
N ASN F 257 7.55 11.82 7.93
CA ASN F 257 6.34 12.24 7.21
C ASN F 257 6.57 12.09 5.71
N VAL F 258 7.83 12.22 5.29
CA VAL F 258 8.24 11.75 3.97
C VAL F 258 8.92 10.40 4.21
N ARG F 259 8.10 9.37 4.40
CA ARG F 259 8.62 8.04 4.64
C ARG F 259 8.76 7.25 3.35
N MET F 260 10.00 6.85 3.07
CA MET F 260 10.34 6.16 1.82
C MET F 260 10.26 4.65 1.99
N LYS F 261 9.73 4.00 0.97
CA LYS F 261 9.55 2.55 1.01
C LYS F 261 10.45 1.84 0.00
N HIS F 262 10.87 0.64 0.35
CA HIS F 262 11.82 -0.11 -0.47
C HIS F 262 11.22 -0.71 -1.70
N VAL F 263 11.95 -0.54 -2.80
CA VAL F 263 11.62 -1.18 -4.08
C VAL F 263 12.91 -1.71 -4.69
N GLU F 264 12.79 -2.77 -5.48
CA GLU F 264 13.91 -3.26 -6.27
C GLU F 264 14.14 -2.31 -7.44
N ILE F 265 15.38 -2.24 -7.92
CA ILE F 265 15.74 -1.36 -9.03
C ILE F 265 16.35 -2.16 -10.17
N GLY F 266 15.93 -1.86 -11.40
CA GLY F 266 16.45 -2.55 -12.57
C GLY F 266 17.68 -1.89 -13.18
N GLY F 267 18.72 -1.72 -12.37
CA GLY F 267 19.96 -1.11 -12.83
C GLY F 267 19.85 0.40 -12.93
N SER F 268 20.93 1.10 -12.59
CA SER F 268 20.95 2.56 -12.61
C SER F 268 22.23 3.10 -13.25
N PHE F 269 23.37 2.58 -12.78
CA PHE F 269 24.70 3.07 -13.19
C PHE F 269 24.88 4.55 -12.88
N GLY F 270 24.27 4.99 -11.79
CA GLY F 270 24.35 6.38 -11.34
C GLY F 270 23.52 7.35 -12.17
N VAL F 271 23.09 6.89 -13.35
CA VAL F 271 22.28 7.70 -14.26
C VAL F 271 20.95 8.10 -13.63
N LYS F 272 20.41 7.22 -12.80
CA LYS F 272 19.16 7.49 -12.07
C LYS F 272 19.42 8.16 -10.72
N GLY F 273 20.69 8.41 -10.39
CA GLY F 273 21.09 8.84 -9.06
C GLY F 273 20.66 10.24 -8.63
N GLY F 274 19.53 10.32 -7.93
CA GLY F 274 19.10 11.59 -7.33
C GLY F 274 17.65 11.98 -7.55
N VAL F 275 17.38 13.28 -7.40
CA VAL F 275 16.03 13.83 -7.51
C VAL F 275 15.79 14.39 -8.92
N PHE F 276 14.62 14.05 -9.46
CA PHE F 276 14.21 14.56 -10.77
C PHE F 276 12.99 15.47 -10.64
N PRO F 277 12.68 16.26 -11.69
CA PRO F 277 11.46 17.06 -11.70
C PRO F 277 10.19 16.22 -11.52
N GLU F 278 10.16 15.04 -12.12
CA GLU F 278 9.03 14.11 -12.01
C GLU F 278 8.75 13.73 -10.56
N ASN F 279 9.82 13.50 -9.81
CA ASN F 279 9.74 13.14 -8.40
C ASN F 279 8.95 14.15 -7.57
N VAL F 280 9.26 15.44 -7.74
CA VAL F 280 8.62 16.50 -6.96
C VAL F 280 7.20 16.83 -7.42
N VAL F 281 6.97 16.85 -8.74
CA VAL F 281 5.64 17.13 -9.29
C VAL F 281 4.65 16.13 -8.73
N ALA F 282 5.00 14.85 -8.82
CA ALA F 282 4.20 13.76 -8.27
C ALA F 282 3.94 13.97 -6.78
N ALA F 283 5.02 14.15 -6.02
CA ALA F 283 4.94 14.34 -4.57
C ALA F 283 4.06 15.52 -4.17
N TRP F 284 4.24 16.66 -4.84
CA TRP F 284 3.40 17.83 -4.63
C TRP F 284 1.96 17.51 -4.91
N ALA F 285 1.71 17.02 -6.12
CA ALA F 285 0.34 16.73 -6.58
C ALA F 285 -0.34 15.70 -5.70
N ALA F 286 0.43 14.70 -5.24
CA ALA F 286 -0.08 13.69 -4.31
C ALA F 286 -0.55 14.34 -3.01
N ARG F 287 0.33 15.15 -2.41
CA ARG F 287 0.05 15.83 -1.14
C ARG F 287 -1.21 16.70 -1.18
N THR F 288 -1.35 17.49 -2.24
CA THR F 288 -2.42 18.48 -2.31
C THR F 288 -3.73 17.96 -2.93
N LEU F 289 -3.80 16.65 -3.14
CA LEU F 289 -5.02 16.05 -3.63
C LEU F 289 -5.47 14.90 -2.74
N GLY F 290 -4.56 14.42 -1.90
CA GLY F 290 -4.83 13.26 -1.04
C GLY F 290 -5.10 12.03 -1.87
N VAL F 291 -4.54 12.02 -3.08
CA VAL F 291 -4.78 10.98 -4.06
C VAL F 291 -3.46 10.41 -4.55
N PRO F 292 -3.29 9.08 -4.49
CA PRO F 292 -2.10 8.40 -4.99
C PRO F 292 -1.80 8.73 -6.45
N ILE F 293 -0.53 8.92 -6.75
CA ILE F 293 -0.10 9.27 -8.09
C ILE F 293 1.02 8.34 -8.57
N LYS F 294 0.86 7.84 -9.79
CA LYS F 294 1.74 6.86 -10.39
C LYS F 294 2.39 7.46 -11.64
N TRP F 295 3.67 7.17 -11.83
CA TRP F 295 4.39 7.63 -13.01
C TRP F 295 5.32 6.58 -13.55
N THR F 296 5.28 6.40 -14.86
CA THR F 296 6.08 5.38 -15.56
C THR F 296 6.61 5.94 -16.88
N GLU F 297 7.93 5.93 -17.02
CA GLU F 297 8.62 6.62 -18.11
C GLU F 297 8.58 5.86 -19.43
N ASP F 298 8.43 6.61 -20.52
CA ASP F 298 8.70 6.10 -21.87
C ASP F 298 10.18 5.79 -21.97
N ARG F 299 10.56 4.88 -22.85
CA ARG F 299 11.96 4.74 -23.19
C ARG F 299 12.41 6.02 -23.89
N VAL F 300 11.63 6.43 -24.89
CA VAL F 300 11.86 7.69 -25.61
C VAL F 300 12.15 8.84 -24.65
N GLU F 301 11.30 9.00 -23.64
CA GLU F 301 11.48 10.00 -22.59
C GLU F 301 12.83 9.83 -21.91
N HIS F 302 13.11 8.60 -21.47
CA HIS F 302 14.38 8.25 -20.82
C HIS F 302 15.55 8.74 -21.62
N MET F 303 15.47 8.63 -22.94
CA MET F 303 16.55 9.04 -23.83
C MET F 303 16.71 10.55 -23.94
N THR F 304 15.67 11.30 -23.57
CA THR F 304 15.70 12.76 -23.66
C THR F 304 15.58 13.46 -22.30
N SER F 305 15.35 12.68 -21.24
CA SER F 305 15.07 13.25 -19.92
C SER F 305 16.01 12.77 -18.81
N THR F 306 16.33 11.47 -18.82
CA THR F 306 17.24 10.92 -17.81
C THR F 306 18.65 11.44 -18.07
N SER F 307 19.38 11.65 -16.98
CA SER F 307 20.68 12.31 -17.02
C SER F 307 21.64 11.72 -18.06
N HIS F 308 22.37 12.62 -18.72
CA HIS F 308 23.38 12.27 -19.71
C HIS F 308 24.74 12.24 -19.08
N ALA F 309 25.77 12.04 -19.89
CA ALA F 309 27.16 12.05 -19.42
C ALA F 309 28.14 11.95 -20.59
N ARG F 310 29.42 11.82 -20.23
CA ARG F 310 30.48 11.39 -21.16
C ARG F 310 31.01 12.39 -22.16
N GLU F 311 30.27 13.47 -22.42
CA GLU F 311 30.72 14.44 -23.42
C GLU F 311 31.73 15.44 -22.86
N MET F 312 32.98 15.33 -23.32
CA MET F 312 34.04 16.24 -22.93
C MET F 312 34.92 16.64 -24.11
N VAL F 313 35.75 17.66 -23.89
CA VAL F 313 36.79 18.05 -24.83
C VAL F 313 38.10 18.15 -24.05
N HIS F 314 39.08 17.35 -24.45
CA HIS F 314 40.32 17.19 -23.68
C HIS F 314 41.55 17.70 -24.37
N LYS F 315 41.80 19.01 -24.23
CA LYS F 315 43.08 19.57 -24.62
C LYS F 315 44.11 19.08 -23.62
N LEU F 316 45.20 18.52 -24.13
CA LEU F 316 46.24 17.98 -23.26
C LEU F 316 47.64 18.36 -23.70
N GLU F 317 48.58 18.26 -22.76
CA GLU F 317 49.97 18.58 -23.01
C GLU F 317 50.89 17.71 -22.16
N LEU F 318 52.05 17.37 -22.72
CA LEU F 318 53.01 16.52 -22.03
C LEU F 318 54.43 17.08 -22.06
N ALA F 319 55.17 16.83 -20.98
CA ALA F 319 56.58 17.19 -20.91
C ALA F 319 57.41 15.94 -20.67
N LEU F 320 58.34 15.69 -21.59
CA LEU F 320 59.12 14.46 -21.59
C LEU F 320 60.59 14.70 -21.88
N ASP F 321 61.44 13.85 -21.30
CA ASP F 321 62.88 13.90 -21.53
C ASP F 321 63.35 12.70 -22.37
N ALA F 322 64.62 12.72 -22.77
CA ALA F 322 65.22 11.68 -23.61
C ALA F 322 65.11 10.27 -23.01
N GLU F 323 64.77 10.22 -21.72
CA GLU F 323 64.50 8.97 -21.02
C GLU F 323 63.07 8.50 -21.31
N GLY F 324 62.15 9.45 -21.43
CA GLY F 324 60.74 9.14 -21.68
C GLY F 324 59.88 9.30 -20.44
N ARG F 325 60.51 9.64 -19.32
CA ARG F 325 59.82 9.84 -18.05
C ARG F 325 58.97 11.11 -18.10
N ILE F 326 57.90 11.15 -17.31
CA ILE F 326 57.03 12.33 -17.25
C ILE F 326 57.65 13.42 -16.38
N LEU F 327 57.41 14.68 -16.75
CA LEU F 327 57.84 15.82 -15.96
C LEU F 327 56.69 16.82 -15.74
N GLY F 328 55.86 16.99 -16.77
CA GLY F 328 54.70 17.88 -16.71
C GLY F 328 53.60 17.36 -17.61
N MET F 329 52.35 17.73 -17.31
CA MET F 329 51.19 17.10 -17.96
C MET F 329 49.86 17.83 -17.73
N LYS F 330 49.31 18.47 -18.77
CA LYS F 330 47.92 18.98 -18.75
C LYS F 330 47.59 20.26 -19.54
N ASP F 331 46.35 20.31 -20.03
CA ASP F 331 45.60 21.56 -20.24
C ASP F 331 44.07 21.40 -20.22
N GLU F 332 43.35 22.50 -20.45
CA GLU F 332 41.90 22.65 -20.21
C GLU F 332 40.95 21.55 -20.70
N ILE F 333 39.88 21.33 -19.94
CA ILE F 333 38.84 20.35 -20.23
C ILE F 333 37.46 21.02 -20.27
N PHE F 334 36.63 20.64 -21.25
CA PHE F 334 35.30 21.22 -21.40
C PHE F 334 34.22 20.16 -21.16
N HIS F 335 33.71 20.09 -19.93
CA HIS F 335 32.63 19.16 -19.62
C HIS F 335 31.30 19.73 -20.00
N ASN F 336 30.64 19.08 -20.95
CA ASN F 336 29.30 19.48 -21.37
C ASN F 336 28.25 18.90 -20.43
N HIS F 337 27.70 19.76 -19.58
CA HIS F 337 26.74 19.35 -18.54
C HIS F 337 25.33 19.25 -19.02
N GLY F 338 25.11 19.43 -20.32
CA GLY F 338 23.76 19.58 -20.85
C GLY F 338 23.23 20.93 -20.43
N ALA F 339 21.92 21.04 -20.30
CA ALA F 339 21.29 22.33 -19.98
C ALA F 339 21.34 22.68 -18.51
N TYR F 340 21.57 21.69 -17.65
CA TYR F 340 21.32 21.85 -16.23
C TYR F 340 22.17 20.97 -15.29
N PHE F 341 22.48 21.52 -14.11
CA PHE F 341 22.95 20.74 -12.96
C PHE F 341 21.74 19.95 -12.45
N ARG F 342 21.95 18.69 -12.09
CA ARG F 342 20.86 17.80 -11.69
C ARG F 342 21.39 16.85 -10.62
N GLN F 343 21.41 17.33 -9.37
CA GLN F 343 22.32 16.80 -8.36
C GLN F 343 23.53 16.20 -9.08
N ALA F 344 23.96 16.94 -10.09
CA ALA F 344 25.06 16.57 -10.96
C ALA F 344 26.03 17.73 -10.84
N GLU F 345 25.96 18.36 -9.67
CA GLU F 345 26.89 19.37 -9.17
C GLU F 345 28.33 19.14 -9.63
N PRO F 346 29.20 20.16 -9.49
CA PRO F 346 30.57 20.00 -9.97
C PRO F 346 31.19 18.68 -9.51
N LEU F 347 30.65 18.08 -8.45
CA LEU F 347 31.01 16.73 -7.98
C LEU F 347 31.85 15.90 -8.96
N VAL F 348 31.24 15.56 -10.10
CA VAL F 348 31.90 14.74 -11.12
C VAL F 348 32.96 15.54 -11.86
N SER F 349 32.59 16.75 -12.30
CA SER F 349 33.54 17.67 -12.93
C SER F 349 34.73 17.92 -12.01
N ASP F 350 34.44 18.10 -10.71
CA ASP F 350 35.47 18.26 -9.69
C ASP F 350 36.37 17.02 -9.59
N ILE F 351 35.76 15.83 -9.70
CA ILE F 351 36.52 14.58 -9.69
C ILE F 351 37.40 14.47 -10.92
N THR F 352 36.82 14.68 -12.10
CA THR F 352 37.53 14.60 -13.38
C THR F 352 38.83 15.40 -13.37
N ALA F 353 38.73 16.67 -13.01
CA ALA F 353 39.88 17.58 -12.94
C ALA F 353 40.94 17.10 -11.95
N GLY F 354 40.51 16.27 -11.00
CA GLY F 354 41.41 15.71 -10.00
C GLY F 354 42.25 14.55 -10.49
N ILE F 355 41.68 13.71 -11.35
CA ILE F 355 42.37 12.49 -11.79
C ILE F 355 42.36 12.25 -13.31
N VAL F 356 43.00 13.15 -14.04
CA VAL F 356 43.30 12.89 -15.44
C VAL F 356 44.74 12.37 -15.53
N PHE F 357 45.39 12.24 -14.38
CA PHE F 357 46.76 11.74 -14.31
C PHE F 357 46.85 10.24 -14.05
N GLY F 358 45.83 9.68 -13.42
CA GLY F 358 45.80 8.25 -13.10
C GLY F 358 46.91 7.84 -12.14
N PRO F 359 47.36 6.58 -12.22
CA PRO F 359 48.43 6.15 -11.32
C PRO F 359 49.82 6.31 -11.94
N TYR F 360 50.23 7.55 -12.14
CA TYR F 360 51.53 7.84 -12.76
C TYR F 360 52.40 8.78 -11.93
N ARG F 361 53.71 8.72 -12.17
CA ARG F 361 54.64 9.74 -11.68
C ARG F 361 54.37 10.97 -12.51
N VAL F 362 53.75 11.99 -11.90
CA VAL F 362 53.49 13.24 -12.60
C VAL F 362 53.94 14.39 -11.71
N PRO F 363 55.16 14.92 -11.94
CA PRO F 363 55.72 15.97 -11.08
C PRO F 363 54.84 17.23 -10.95
N ALA F 364 54.21 17.66 -12.04
CA ALA F 364 53.37 18.85 -12.02
C ALA F 364 52.24 18.85 -13.06
N TYR F 365 51.36 19.85 -12.99
CA TYR F 365 50.04 19.77 -13.61
C TYR F 365 49.34 21.14 -13.68
N ASP F 366 48.27 21.24 -14.49
CA ASP F 366 47.50 22.48 -14.66
C ASP F 366 46.08 22.23 -15.17
N ALA F 367 45.20 21.76 -14.28
CA ALA F 367 43.78 21.59 -14.62
C ALA F 367 43.11 22.95 -14.75
N THR F 368 42.34 23.11 -15.81
CA THR F 368 41.44 24.25 -15.92
C THR F 368 40.16 23.73 -16.55
N LEU F 369 39.33 23.09 -15.73
CA LEU F 369 38.09 22.49 -16.20
C LEU F 369 36.99 23.55 -16.32
N HIS F 370 36.28 23.51 -17.44
CA HIS F 370 35.18 24.43 -17.70
C HIS F 370 33.92 23.62 -17.83
N ALA F 371 33.22 23.43 -16.71
CA ALA F 371 31.91 22.79 -16.71
C ALA F 371 30.93 23.77 -17.34
N VAL F 372 30.39 23.43 -18.50
CA VAL F 372 29.61 24.37 -19.32
C VAL F 372 28.20 23.88 -19.64
N PHE F 373 27.37 24.77 -20.18
CA PHE F 373 25.99 24.46 -20.49
C PHE F 373 25.66 24.47 -21.98
N THR F 374 24.80 23.52 -22.40
CA THR F 374 24.27 23.46 -23.76
C THR F 374 22.82 22.97 -23.73
N ASN F 375 22.12 23.09 -24.85
CA ASN F 375 20.72 22.67 -24.93
C ASN F 375 20.53 21.16 -25.07
N LYS F 376 21.11 20.41 -24.14
CA LYS F 376 20.98 18.96 -24.12
C LYS F 376 20.46 18.49 -22.78
N THR F 377 20.07 17.22 -22.71
CA THR F 377 19.58 16.61 -21.47
C THR F 377 20.64 16.75 -20.36
N PRO F 378 20.26 17.38 -19.23
CA PRO F 378 21.11 17.63 -18.06
C PRO F 378 21.95 16.41 -17.70
N VAL F 379 23.26 16.61 -17.53
CA VAL F 379 24.20 15.53 -17.30
C VAL F 379 24.29 15.13 -15.84
N GLY F 380 24.13 13.84 -15.58
CA GLY F 380 24.33 13.27 -14.25
C GLY F 380 25.66 12.53 -14.17
N ALA F 381 25.68 11.44 -13.42
CA ALA F 381 26.91 10.68 -13.25
C ALA F 381 26.77 9.24 -13.73
N TYR F 382 27.32 8.94 -14.91
CA TYR F 382 27.35 7.57 -15.42
C TYR F 382 28.45 6.79 -14.71
N ARG F 383 28.26 5.48 -14.57
CA ARG F 383 29.25 4.56 -14.02
C ARG F 383 30.67 5.05 -14.30
N ALA F 384 31.47 5.17 -13.24
CA ALA F 384 32.78 5.82 -13.31
C ALA F 384 32.71 7.17 -14.05
N PRO F 385 32.07 8.18 -13.43
CA PRO F 385 31.90 9.44 -14.14
C PRO F 385 33.18 10.27 -14.16
N GLY F 386 33.51 10.81 -15.32
CA GLY F 386 34.68 11.67 -15.49
C GLY F 386 36.01 10.92 -15.59
N ARG F 387 35.98 9.62 -15.34
CA ARG F 387 37.20 8.81 -15.29
C ARG F 387 37.35 7.94 -16.54
N TYR F 388 36.25 7.72 -17.25
CA TYR F 388 36.28 7.07 -18.55
C TYR F 388 36.80 8.06 -19.59
N GLU F 389 36.37 9.31 -19.44
CA GLU F 389 36.73 10.38 -20.38
C GLU F 389 38.16 10.85 -20.20
N SER F 390 38.68 10.71 -18.98
CA SER F 390 40.02 11.21 -18.65
C SER F 390 41.12 10.19 -18.89
N THR F 391 40.87 8.93 -18.52
CA THR F 391 41.83 7.85 -18.72
C THR F 391 41.93 7.48 -20.21
N PHE F 392 40.97 7.95 -20.99
CA PHE F 392 41.03 7.83 -22.44
C PHE F 392 42.12 8.78 -22.96
N ALA F 393 41.85 10.08 -22.86
CA ALA F 393 42.76 11.12 -23.34
C ALA F 393 44.18 10.95 -22.80
N ARG F 394 44.28 10.60 -21.52
CA ARG F 394 45.57 10.35 -20.88
C ARG F 394 46.33 9.21 -21.56
N GLU F 395 45.63 8.12 -21.88
CA GLU F 395 46.27 6.98 -22.54
C GLU F 395 46.30 7.15 -24.05
N ARG F 396 45.65 8.19 -24.55
CA ARG F 396 45.70 8.50 -25.98
C ARG F 396 46.77 9.54 -26.29
N ILE F 397 47.28 10.18 -25.24
CA ILE F 397 48.41 11.11 -25.38
C ILE F 397 49.74 10.39 -25.10
N PHE F 398 49.68 9.35 -24.28
CA PHE F 398 50.85 8.53 -23.95
C PHE F 398 51.24 7.67 -25.14
N ASP F 399 50.24 7.06 -25.78
CA ASP F 399 50.43 6.24 -26.98
C ASP F 399 50.98 7.08 -28.13
N LEU F 400 50.43 8.29 -28.28
CA LEU F 400 50.88 9.24 -29.30
C LEU F 400 52.32 9.67 -29.05
N ALA F 401 52.68 9.85 -27.78
CA ALA F 401 54.02 10.27 -27.39
C ALA F 401 55.08 9.23 -27.74
N CYS F 402 54.71 7.96 -27.66
CA CYS F 402 55.61 6.86 -28.01
C CYS F 402 55.96 6.82 -29.49
N ALA F 403 55.15 7.51 -30.31
CA ALA F 403 55.39 7.59 -31.75
C ALA F 403 56.59 8.47 -32.10
N GLU F 404 56.77 9.55 -31.34
CA GLU F 404 57.86 10.51 -31.59
C GLU F 404 59.12 10.13 -30.84
N ILE F 405 58.99 9.87 -29.54
CA ILE F 405 60.09 9.33 -28.73
C ILE F 405 60.63 8.11 -29.46
N GLY F 406 59.71 7.31 -30.00
CA GLY F 406 60.07 6.23 -30.91
C GLY F 406 59.80 4.83 -30.42
N LEU F 407 59.77 4.65 -29.10
CA LEU F 407 59.74 3.29 -28.55
C LEU F 407 58.52 2.91 -27.72
N SER F 408 58.31 1.59 -27.64
CA SER F 408 57.12 0.91 -27.11
C SER F 408 56.27 1.60 -26.04
N LYS F 409 54.96 1.48 -26.23
CA LYS F 409 53.97 1.88 -25.24
C LYS F 409 54.05 0.99 -24.01
N THR F 410 54.41 -0.27 -24.23
CA THR F 410 54.55 -1.25 -23.15
C THR F 410 55.66 -0.84 -22.17
N GLU F 411 56.84 -0.50 -22.69
CA GLU F 411 57.99 -0.14 -21.85
C GLU F 411 58.09 1.36 -21.54
N PHE F 412 57.08 2.14 -21.96
CA PHE F 412 56.97 3.52 -21.50
C PHE F 412 56.24 3.54 -20.17
N ARG F 413 55.03 3.00 -20.17
CA ARG F 413 54.21 2.87 -18.97
C ARG F 413 54.93 2.03 -17.92
N ARG F 414 55.80 1.13 -18.38
CA ARG F 414 56.46 0.17 -17.50
C ARG F 414 57.40 0.79 -16.46
N ARG F 415 58.11 1.86 -16.80
CA ARG F 415 59.07 2.42 -15.84
C ARG F 415 58.84 3.85 -15.35
N ASN F 416 57.84 4.54 -15.89
CA ASN F 416 57.32 5.73 -15.22
C ASN F 416 55.84 5.56 -14.88
N LEU F 417 55.52 4.45 -14.23
CA LEU F 417 54.18 4.26 -13.70
C LEU F 417 54.06 5.04 -12.39
N LEU F 418 54.15 4.37 -11.25
CA LEU F 418 54.02 5.06 -9.97
C LEU F 418 55.05 4.59 -8.94
N THR F 419 56.30 5.02 -9.11
CA THR F 419 57.43 4.69 -8.22
C THR F 419 56.95 4.35 -6.81
N ALA F 420 57.41 3.21 -6.27
CA ALA F 420 57.03 2.79 -4.93
C ALA F 420 57.92 1.70 -4.35
N GLU F 421 58.97 2.05 -3.61
CA GLU F 421 59.46 3.42 -3.34
C GLU F 421 58.41 4.45 -2.88
N ASP F 422 58.27 5.56 -3.61
CA ASP F 422 57.43 6.72 -3.27
C ASP F 422 56.42 6.55 -2.13
N LEU F 423 55.65 5.48 -2.22
CA LEU F 423 54.51 5.24 -1.34
C LEU F 423 54.85 5.35 0.15
N PRO F 424 54.02 6.10 0.90
CA PRO F 424 52.86 6.86 0.43
C PRO F 424 53.23 8.02 -0.50
N TRP F 425 52.59 8.06 -1.67
CA TRP F 425 52.84 9.10 -2.66
C TRP F 425 51.76 10.12 -2.63
N THR F 426 51.92 11.11 -1.75
CA THR F 426 51.09 12.30 -1.78
C THR F 426 51.65 13.14 -2.94
N PRO F 427 50.90 13.18 -4.06
CA PRO F 427 51.18 13.61 -5.44
C PRO F 427 51.89 14.97 -5.59
N GLY F 428 52.19 15.43 -6.81
CA GLY F 428 51.91 14.78 -8.10
C GLY F 428 50.59 15.13 -8.80
N LEU F 429 50.42 16.40 -9.19
CA LEU F 429 49.17 16.89 -9.82
C LEU F 429 48.70 18.24 -9.24
N ASP F 430 47.84 18.17 -8.22
CA ASP F 430 47.33 19.33 -7.45
C ASP F 430 47.77 19.10 -5.99
N ILE F 431 47.73 20.08 -5.06
CA ILE F 431 46.60 20.99 -4.77
C ILE F 431 45.38 20.07 -4.64
N VAL F 432 45.71 18.88 -4.14
CA VAL F 432 44.90 17.67 -4.21
C VAL F 432 43.60 17.70 -3.45
N HIS F 433 42.54 18.23 -4.06
CA HIS F 433 41.21 17.89 -3.57
C HIS F 433 40.41 17.07 -4.53
N GLU F 434 40.42 15.77 -4.24
CA GLU F 434 39.62 14.79 -4.94
C GLU F 434 38.83 14.04 -3.87
N PRO F 435 37.62 14.52 -3.53
CA PRO F 435 36.90 15.75 -3.88
C PRO F 435 37.19 16.87 -2.88
N TYR F 436 37.84 16.46 -1.79
CA TYR F 436 38.31 17.30 -0.72
C TYR F 436 39.56 16.63 -0.22
N HIS F 437 40.23 17.19 0.77
CA HIS F 437 41.58 16.74 1.02
C HIS F 437 42.07 16.69 2.46
N PHE F 438 43.26 16.12 2.67
CA PHE F 438 44.12 15.79 1.51
C PHE F 438 44.65 14.40 1.23
N ASP F 439 44.77 14.20 -0.08
CA ASP F 439 45.01 12.94 -0.75
C ASP F 439 46.05 13.36 -1.82
N SER F 440 46.29 12.58 -2.88
CA SER F 440 45.96 11.16 -2.97
C SER F 440 46.76 10.46 -1.89
N GLY F 441 46.06 9.86 -0.94
CA GLY F 441 46.70 9.07 0.10
C GLY F 441 47.00 7.71 -0.48
N ASP F 442 47.86 7.66 -1.49
CA ASP F 442 48.20 6.41 -2.15
C ASP F 442 49.12 5.59 -1.25
N VAL F 443 48.56 5.16 -0.12
CA VAL F 443 49.23 4.26 0.81
C VAL F 443 49.11 2.84 0.31
N VAL F 444 48.13 2.60 -0.56
CA VAL F 444 47.98 1.33 -1.23
C VAL F 444 49.11 1.18 -2.25
N LYS F 445 49.51 -0.05 -2.53
CA LYS F 445 50.85 -0.27 -3.06
C LYS F 445 51.04 -0.72 -4.52
N HIS F 446 51.95 -1.67 -4.68
CA HIS F 446 52.79 -1.73 -5.88
C HIS F 446 52.10 -1.59 -7.21
N PHE F 447 52.15 -0.34 -7.67
CA PHE F 447 51.72 0.11 -8.99
C PHE F 447 52.01 -0.86 -10.15
N ASN F 448 53.23 -1.41 -10.16
CA ASN F 448 53.77 -2.07 -11.34
C ASN F 448 53.50 -3.55 -11.50
N GLU F 449 53.80 -4.32 -10.46
CA GLU F 449 53.65 -5.79 -10.49
C GLU F 449 52.28 -6.19 -10.98
N ALA F 450 51.32 -5.28 -10.86
CA ALA F 450 50.02 -5.45 -11.50
C ALA F 450 50.25 -5.57 -13.00
N LEU F 451 50.64 -4.47 -13.65
CA LEU F 451 50.92 -4.47 -15.09
C LEU F 451 51.86 -5.60 -15.49
N GLU F 452 52.91 -5.80 -14.68
CA GLU F 452 53.89 -6.86 -14.92
C GLU F 452 53.27 -8.25 -14.86
N ALA F 453 52.67 -8.58 -13.71
CA ALA F 453 51.97 -9.86 -13.55
C ALA F 453 50.73 -9.97 -14.44
N ALA F 454 50.15 -8.84 -14.82
CA ALA F 454 48.97 -8.81 -15.68
C ALA F 454 49.27 -9.20 -17.13
N ASN F 455 50.53 -9.04 -17.54
CA ASN F 455 50.97 -9.46 -18.86
C ASN F 455 51.68 -10.80 -18.78
N PHE F 456 52.26 -11.07 -17.61
CA PHE F 456 52.67 -12.41 -17.23
C PHE F 456 51.43 -13.25 -16.87
N SER F 457 50.25 -12.76 -17.24
CA SER F 457 49.01 -13.53 -17.14
C SER F 457 48.10 -13.38 -18.38
N GLU F 458 48.54 -13.89 -19.53
CA GLU F 458 49.88 -14.44 -19.72
C GLU F 458 50.28 -14.21 -21.17
N TRP F 459 49.31 -13.78 -21.96
CA TRP F 459 49.51 -13.64 -23.38
C TRP F 459 50.35 -12.46 -23.77
N LEU F 460 49.84 -11.25 -23.55
CA LEU F 460 50.20 -10.05 -24.35
C LEU F 460 51.28 -10.22 -25.42
N GLU F 461 52.52 -10.51 -25.00
CA GLU F 461 53.63 -10.74 -25.92
C GLU F 461 53.32 -11.81 -26.98
N GLU F 462 52.53 -12.81 -26.59
CA GLU F 462 52.25 -13.97 -27.45
C GLU F 462 51.46 -13.69 -28.73
N SER F 463 50.74 -12.57 -28.78
CA SER F 463 50.09 -12.15 -30.02
C SER F 463 50.30 -10.66 -30.31
N LYS F 464 51.36 -10.09 -29.75
CA LYS F 464 52.03 -8.99 -30.41
C LYS F 464 52.79 -9.72 -31.51
N ARG F 465 53.21 -10.93 -31.17
CA ARG F 465 53.68 -11.93 -32.13
C ARG F 465 52.51 -12.39 -32.97
N LEU F 466 52.25 -11.64 -34.03
CA LEU F 466 51.18 -11.96 -34.95
C LEU F 466 51.70 -12.01 -36.38
N ARG F 467 51.30 -13.08 -37.06
CA ARG F 467 51.51 -13.22 -38.49
C ARG F 467 50.57 -12.20 -39.13
N ALA F 468 49.66 -11.70 -38.29
CA ALA F 468 48.92 -10.44 -38.46
C ALA F 468 48.56 -10.02 -39.88
N ASP F 469 48.06 -10.96 -40.68
CA ASP F 469 47.43 -10.59 -41.93
C ASP F 469 45.98 -10.21 -41.61
N GLY F 470 45.58 -10.55 -40.38
CA GLY F 470 44.41 -9.96 -39.74
C GLY F 470 44.77 -8.59 -39.18
N ARG F 471 44.58 -8.40 -37.88
CA ARG F 471 44.81 -7.09 -37.23
C ARG F 471 45.49 -7.15 -35.84
N LYS F 472 45.46 -6.06 -35.05
CA LYS F 472 46.41 -5.86 -33.93
C LYS F 472 45.88 -5.65 -32.49
N VAL F 473 46.71 -5.01 -31.64
CA VAL F 473 46.59 -5.04 -30.15
C VAL F 473 46.62 -3.66 -29.47
N GLY F 474 46.05 -3.55 -28.26
CA GLY F 474 46.05 -2.29 -27.50
C GLY F 474 46.02 -2.42 -25.97
N VAL F 475 46.42 -1.34 -25.28
CA VAL F 475 46.48 -1.29 -23.81
C VAL F 475 45.93 0.00 -23.20
N GLY F 476 45.83 0.05 -21.87
CA GLY F 476 45.36 1.23 -21.14
C GLY F 476 45.22 0.95 -19.66
N LEU F 477 45.46 1.98 -18.83
CA LEU F 477 45.40 1.82 -17.38
C LEU F 477 44.32 2.70 -16.75
N GLY F 478 43.81 2.26 -15.60
CA GLY F 478 42.82 3.02 -14.88
C GLY F 478 42.94 2.92 -13.37
N VAL F 479 43.23 4.05 -12.75
CA VAL F 479 43.09 4.19 -11.29
C VAL F 479 41.69 4.74 -11.06
N LEU F 480 41.17 4.58 -9.84
CA LEU F 480 39.79 5.00 -9.56
C LEU F 480 39.55 5.77 -8.28
N MET F 481 38.83 6.88 -8.42
CA MET F 481 38.25 7.62 -7.30
C MET F 481 36.97 6.89 -6.91
N ASP F 482 37.10 5.80 -6.18
CA ASP F 482 35.98 4.86 -6.08
C ASP F 482 35.49 4.47 -4.69
N LYS F 483 35.96 5.15 -3.65
CA LYS F 483 35.29 5.11 -2.35
C LYS F 483 35.17 6.55 -1.90
N ALA F 484 34.11 7.22 -2.33
CA ALA F 484 34.03 8.68 -2.19
C ALA F 484 33.64 9.19 -0.80
N GLY F 485 34.00 8.45 0.26
CA GLY F 485 33.62 8.79 1.63
C GLY F 485 33.57 10.29 1.88
N LEU F 486 32.39 10.89 2.12
CA LEU F 486 31.05 10.28 2.40
C LEU F 486 30.91 9.39 3.66
N GLY F 487 31.78 9.56 4.65
CA GLY F 487 32.55 10.78 4.86
C GLY F 487 31.66 11.69 5.67
N LEU F 488 31.53 11.41 6.97
CA LEU F 488 32.32 10.37 7.65
C LEU F 488 31.73 8.96 7.55
N PHE F 489 30.42 8.87 7.43
CA PHE F 489 29.70 7.69 7.91
C PHE F 489 29.01 6.78 6.88
N GLU F 490 28.41 5.73 7.43
CA GLU F 490 27.41 4.89 6.77
C GLU F 490 26.80 4.03 7.86
N THR F 491 25.47 3.93 7.87
CA THR F 491 24.78 3.19 8.93
C THR F 491 24.61 1.72 8.60
N GLY F 492 24.48 0.92 9.65
CA GLY F 492 24.21 -0.50 9.53
C GLY F 492 23.66 -1.02 10.84
N GLY F 493 23.01 -2.18 10.78
CA GLY F 493 22.44 -2.80 11.96
C GLY F 493 22.22 -4.28 11.74
N VAL F 494 22.52 -5.08 12.76
CA VAL F 494 22.31 -6.53 12.70
C VAL F 494 21.39 -6.92 13.83
N GLU F 495 20.44 -7.82 13.58
CA GLU F 495 19.53 -8.29 14.62
C GLU F 495 19.33 -9.80 14.61
N VAL F 496 19.57 -10.42 15.75
CA VAL F 496 19.32 -11.84 15.96
C VAL F 496 17.86 -12.02 16.38
N SER F 497 17.34 -13.24 16.26
CA SER F 497 15.91 -13.48 16.45
C SER F 497 15.55 -14.76 17.20
N ARG F 498 14.27 -14.87 17.54
CA ARG F 498 13.67 -16.06 18.14
C ARG F 498 13.47 -17.17 17.10
N ALA F 499 12.97 -16.81 15.93
CA ALA F 499 13.09 -17.67 14.76
C ALA F 499 14.55 -17.56 14.35
N GLY F 500 15.13 -18.66 13.89
CA GLY F 500 16.57 -18.74 13.63
C GLY F 500 17.23 -17.57 12.91
N ARG F 501 16.46 -16.89 12.07
CA ARG F 501 16.98 -15.92 11.11
C ARG F 501 17.68 -14.68 11.68
N VAL F 502 18.45 -14.01 10.83
CA VAL F 502 19.18 -12.79 11.18
C VAL F 502 18.75 -11.66 10.23
N THR F 503 18.64 -10.45 10.76
CA THR F 503 18.24 -9.29 9.95
C THR F 503 19.34 -8.24 9.94
N VAL F 504 19.59 -7.67 8.76
CA VAL F 504 20.57 -6.59 8.63
C VAL F 504 19.94 -5.35 7.98
N LYS F 505 19.89 -4.26 8.74
CA LYS F 505 19.48 -2.96 8.21
C LYS F 505 20.74 -2.25 7.71
N THR F 506 20.62 -1.54 6.59
CA THR F 506 21.77 -0.81 6.05
C THR F 506 21.34 0.41 5.22
N GLY F 507 22.22 1.40 5.16
CA GLY F 507 22.02 2.58 4.32
C GLY F 507 22.39 2.32 2.88
N GLY F 508 22.64 1.06 2.54
CA GLY F 508 22.97 0.65 1.17
C GLY F 508 21.73 0.56 0.29
N SER F 509 21.95 0.28 -0.99
CA SER F 509 20.86 0.20 -1.96
C SER F 509 21.18 -0.83 -3.05
N SER F 510 20.34 -1.86 -3.16
CA SER F 510 20.54 -2.90 -4.16
C SER F 510 20.12 -2.42 -5.55
N VAL F 511 21.08 -1.86 -6.27
CA VAL F 511 20.88 -1.50 -7.66
C VAL F 511 20.98 -2.78 -8.50
N GLY F 512 21.45 -3.85 -7.85
CA GLY F 512 21.55 -5.17 -8.47
C GLY F 512 22.98 -5.60 -8.69
N GLN F 513 23.85 -5.30 -7.73
CA GLN F 513 25.28 -5.60 -7.85
C GLN F 513 25.72 -6.54 -6.74
N GLY F 514 24.77 -6.94 -5.91
CA GLY F 514 25.05 -7.83 -4.79
C GLY F 514 25.62 -7.10 -3.60
N ILE F 515 24.79 -6.29 -2.95
CA ILE F 515 25.11 -5.75 -1.63
C ILE F 515 24.55 -6.72 -0.60
N GLU F 516 23.27 -7.05 -0.76
CA GLU F 516 22.55 -7.94 0.15
C GLU F 516 23.21 -9.31 0.31
N THR F 517 24.11 -9.65 -0.61
CA THR F 517 24.88 -10.89 -0.53
C THR F 517 26.20 -10.63 0.21
N VAL F 518 26.92 -9.61 -0.23
CA VAL F 518 28.22 -9.24 0.36
C VAL F 518 28.10 -9.00 1.86
N LEU F 519 27.14 -8.16 2.26
CA LEU F 519 26.90 -7.85 3.66
C LEU F 519 26.56 -9.09 4.46
N ALA F 520 25.76 -9.97 3.86
CA ALA F 520 25.37 -11.23 4.50
C ALA F 520 26.59 -12.09 4.82
N GLN F 521 27.57 -12.10 3.91
CA GLN F 521 28.82 -12.82 4.13
C GLN F 521 29.61 -12.17 5.28
N ILE F 522 29.80 -10.86 5.19
CA ILE F 522 30.50 -10.08 6.21
C ILE F 522 29.93 -10.39 7.60
N VAL F 523 28.61 -10.36 7.72
CA VAL F 523 27.91 -10.68 8.96
C VAL F 523 28.07 -12.16 9.29
N ALA F 524 27.93 -13.02 8.29
CA ALA F 524 28.10 -14.46 8.45
C ALA F 524 29.45 -14.81 9.06
N GLU F 525 30.50 -14.22 8.49
CA GLU F 525 31.87 -14.42 8.94
C GLU F 525 32.04 -14.13 10.42
N GLU F 526 31.53 -12.98 10.85
CA GLU F 526 31.74 -12.49 12.20
C GLU F 526 30.81 -13.13 13.23
N LEU F 527 29.63 -13.56 12.78
CA LEU F 527 28.63 -14.14 13.67
C LEU F 527 28.60 -15.66 13.68
N GLN F 528 29.33 -16.27 12.74
CA GLN F 528 29.33 -17.72 12.55
C GLN F 528 27.92 -18.26 12.29
N ILE F 529 27.22 -17.58 11.39
CA ILE F 529 25.89 -18.01 10.96
C ILE F 529 25.89 -18.03 9.44
N ALA F 530 25.40 -19.12 8.86
CA ALA F 530 25.27 -19.26 7.41
C ALA F 530 24.61 -18.01 6.79
N PRO F 531 25.12 -17.56 5.63
CA PRO F 531 24.57 -16.38 4.95
C PRO F 531 23.14 -16.59 4.45
N GLU F 532 22.68 -17.84 4.44
CA GLU F 532 21.28 -18.14 4.12
C GLU F 532 20.33 -17.60 5.18
N ASN F 533 20.67 -17.84 6.45
CA ASN F 533 19.81 -17.40 7.55
C ASN F 533 19.71 -15.88 7.69
N ILE F 534 20.64 -15.15 7.08
CA ILE F 534 20.66 -13.70 7.17
C ILE F 534 19.86 -13.05 6.04
N ASP F 535 18.97 -12.14 6.43
CA ASP F 535 18.20 -11.33 5.48
C ASP F 535 18.70 -9.91 5.60
N ILE F 536 18.60 -9.16 4.51
CA ILE F 536 19.03 -7.76 4.51
C ILE F 536 17.91 -6.82 4.08
N VAL F 537 17.68 -5.80 4.91
CA VAL F 537 16.69 -4.78 4.63
C VAL F 537 17.39 -3.44 4.35
N HIS F 538 16.92 -2.75 3.31
CA HIS F 538 17.51 -1.47 2.92
C HIS F 538 16.50 -0.53 2.34
N SER F 539 16.86 0.75 2.30
CA SER F 539 16.09 1.80 1.61
C SER F 539 14.63 1.92 2.06
N ASP F 540 14.40 1.71 3.36
CA ASP F 540 13.09 1.79 3.96
C ASP F 540 13.21 2.74 5.15
N THR F 541 13.05 4.02 4.88
CA THR F 541 13.46 5.09 5.82
C THR F 541 12.70 5.16 7.15
N GLU F 542 11.81 4.20 7.38
CA GLU F 542 11.13 4.10 8.67
C GLU F 542 11.97 3.26 9.63
N LEU F 543 12.52 2.17 9.12
CA LEU F 543 13.50 1.38 9.84
C LEU F 543 14.83 2.11 9.87
N ILE F 544 15.17 2.72 8.74
CA ILE F 544 16.46 3.36 8.55
C ILE F 544 16.28 4.87 8.34
N PRO F 545 16.24 5.64 9.46
CA PRO F 545 16.02 7.08 9.39
C PRO F 545 17.18 7.82 8.74
N ASP F 546 18.36 7.18 8.73
CA ASP F 546 19.54 7.80 8.16
C ASP F 546 20.45 6.77 7.49
N GLY F 547 20.82 7.06 6.25
CA GLY F 547 21.82 6.31 5.49
C GLY F 547 22.38 7.26 4.44
N VAL F 548 23.52 6.91 3.86
CA VAL F 548 24.15 7.76 2.84
C VAL F 548 23.66 7.38 1.45
N GLY F 549 23.84 6.12 1.07
CA GLY F 549 23.41 5.62 -0.24
C GLY F 549 24.42 4.71 -0.91
N SER F 550 24.36 4.63 -2.24
CA SER F 550 25.26 3.77 -3.01
C SER F 550 25.66 4.38 -4.35
N TRP F 551 26.84 4.99 -4.37
CA TRP F 551 27.47 5.52 -5.59
C TRP F 551 28.96 5.58 -5.36
N SER F 552 29.73 5.54 -6.44
CA SER F 552 31.20 5.58 -6.35
C SER F 552 31.74 4.38 -5.57
N SER F 553 31.72 3.22 -6.23
CA SER F 553 32.17 1.93 -5.69
C SER F 553 32.54 1.88 -4.19
N ARG F 554 31.55 2.06 -3.32
CA ARG F 554 31.81 2.35 -1.90
C ARG F 554 31.23 1.35 -0.89
N SER F 555 30.02 0.88 -1.16
CA SER F 555 29.14 0.32 -0.12
C SER F 555 29.70 -0.81 0.74
N THR F 556 30.78 -1.47 0.32
CA THR F 556 31.34 -2.57 1.13
C THR F 556 32.09 -2.11 2.36
N VAL F 557 33.22 -1.41 2.20
CA VAL F 557 34.00 -1.01 3.37
C VAL F 557 33.22 -0.05 4.27
N LEU F 558 32.32 0.73 3.67
CA LEU F 558 31.47 1.64 4.42
C LEU F 558 30.32 0.89 5.12
N ALA F 559 29.35 0.44 4.34
CA ALA F 559 28.17 -0.26 4.88
C ALA F 559 28.49 -1.67 5.39
N GLY F 560 29.48 -2.31 4.78
CA GLY F 560 29.99 -3.59 5.27
C GLY F 560 30.80 -3.37 6.54
N GLY F 561 31.45 -2.21 6.61
CA GLY F 561 32.15 -1.78 7.82
C GLY F 561 31.19 -1.43 8.94
N ALA F 562 29.97 -1.02 8.56
CA ALA F 562 28.89 -0.80 9.52
C ALA F 562 28.41 -2.13 10.07
N ALA F 563 28.15 -3.06 9.15
CA ALA F 563 27.68 -4.40 9.47
C ALA F 563 28.63 -5.12 10.43
N ARG F 564 29.93 -4.92 10.25
CA ARG F 564 30.95 -5.54 11.10
C ARG F 564 30.83 -5.14 12.56
N LYS F 565 30.99 -3.85 12.85
CA LYS F 565 30.94 -3.39 14.24
C LYS F 565 29.53 -3.43 14.84
N ALA F 566 28.54 -3.71 14.01
CA ALA F 566 27.20 -4.05 14.48
C ALA F 566 27.22 -5.50 14.97
N ALA F 567 27.61 -6.42 14.09
CA ALA F 567 27.77 -7.83 14.43
C ALA F 567 28.81 -8.03 15.54
N LEU F 568 29.74 -7.10 15.66
CA LEU F 568 30.74 -7.13 16.73
C LEU F 568 30.22 -6.49 18.02
N ALA F 569 29.12 -5.75 17.92
CA ALA F 569 28.47 -5.20 19.11
C ALA F 569 27.58 -6.25 19.76
N VAL F 570 26.97 -7.12 18.97
CA VAL F 570 26.17 -8.22 19.49
C VAL F 570 27.03 -9.24 20.22
N VAL F 571 28.18 -9.59 19.63
CA VAL F 571 29.03 -10.63 20.22
C VAL F 571 29.41 -10.30 21.66
N GLU F 572 29.59 -9.01 21.94
CA GLU F 572 29.80 -8.54 23.31
C GLU F 572 28.47 -8.53 24.04
N LYS F 573 27.47 -7.86 23.46
CA LYS F 573 26.09 -7.86 24.00
C LYS F 573 25.60 -9.30 24.27
N ALA F 574 26.05 -10.25 23.47
CA ALA F 574 25.65 -11.65 23.61
C ALA F 574 26.60 -12.44 24.51
N ARG F 575 27.89 -12.52 24.14
CA ARG F 575 28.88 -13.27 24.92
C ARG F 575 28.96 -12.79 26.37
N ARG F 576 28.90 -11.47 26.56
CA ARG F 576 28.76 -10.89 27.89
C ARG F 576 27.46 -11.38 28.53
N LEU F 577 26.36 -11.26 27.77
CA LEU F 577 25.02 -11.62 28.25
C LEU F 577 24.88 -13.13 28.48
N ALA F 578 25.70 -13.92 27.78
CA ALA F 578 25.67 -15.38 27.91
C ALA F 578 26.42 -15.86 29.15
N SER F 579 27.47 -15.13 29.51
CA SER F 579 28.24 -15.43 30.72
C SER F 579 27.41 -15.21 31.98
N GLU F 580 26.45 -14.28 31.87
CA GLU F 580 25.48 -14.01 32.93
C GLU F 580 24.36 -15.03 32.94
N MET F 581 24.10 -15.62 31.77
CA MET F 581 22.98 -16.55 31.58
C MET F 581 23.26 -17.93 32.19
N LEU F 582 24.36 -18.54 31.78
CA LEU F 582 24.99 -19.56 32.60
C LEU F 582 25.82 -18.75 33.59
N GLU F 583 26.78 -19.38 34.27
CA GLU F 583 27.51 -18.64 35.30
C GLU F 583 29.00 -18.55 35.02
N ALA F 584 29.43 -19.26 33.97
CA ALA F 584 30.81 -19.21 33.51
C ALA F 584 31.17 -17.79 33.09
N ASP F 585 32.39 -17.37 33.43
CA ASP F 585 32.91 -16.08 33.01
C ASP F 585 33.21 -16.11 31.50
N PRO F 586 33.50 -14.95 30.89
CA PRO F 586 33.80 -14.87 29.46
C PRO F 586 34.99 -15.67 28.91
N ASP F 587 35.41 -16.75 29.58
CA ASP F 587 36.34 -17.69 28.94
C ASP F 587 35.99 -19.15 29.10
N ASP F 588 36.19 -19.88 28.01
CA ASP F 588 35.38 -21.05 27.69
C ASP F 588 36.17 -21.99 26.78
N LEU F 589 35.48 -22.58 25.80
CA LEU F 589 36.14 -23.03 24.57
C LEU F 589 36.31 -21.79 23.71
N GLU F 590 36.67 -21.99 22.44
CA GLU F 590 36.56 -20.90 21.47
C GLU F 590 35.15 -20.97 20.86
N LEU F 591 34.55 -19.80 20.66
CA LEU F 591 33.11 -19.66 20.84
C LEU F 591 32.20 -19.39 19.63
N THR F 592 31.91 -20.44 18.86
CA THR F 592 31.16 -20.28 17.62
C THR F 592 30.38 -21.52 17.20
N ALA F 593 29.14 -21.31 16.77
CA ALA F 593 28.36 -22.37 16.13
C ALA F 593 27.40 -21.93 14.99
N GLY F 594 26.76 -20.76 15.08
CA GLY F 594 26.91 -19.75 16.14
C GLY F 594 26.14 -20.03 17.41
N SER F 595 26.89 -20.28 18.48
CA SER F 595 26.37 -20.58 19.81
C SER F 595 27.53 -20.38 20.79
N PHE F 596 27.41 -20.97 21.97
CA PHE F 596 28.45 -20.82 22.99
C PHE F 596 28.85 -22.10 23.72
N LYS F 597 30.01 -22.62 23.34
CA LYS F 597 30.65 -23.73 24.03
C LYS F 597 31.65 -23.18 25.05
N VAL F 598 31.30 -23.26 26.34
CA VAL F 598 32.31 -23.10 27.38
C VAL F 598 33.13 -24.40 27.37
N LYS F 599 34.23 -24.46 28.12
CA LYS F 599 34.85 -25.74 28.57
C LYS F 599 35.50 -26.72 27.54
N GLY F 600 34.69 -27.60 26.94
CA GLY F 600 35.16 -28.79 26.24
C GLY F 600 34.86 -30.03 27.08
N THR F 601 33.64 -30.60 26.98
CA THR F 601 32.63 -30.27 25.95
C THR F 601 31.15 -30.32 26.45
N ASP F 602 30.88 -30.05 27.73
CA ASP F 602 29.51 -30.25 28.30
C ASP F 602 28.36 -29.61 27.54
N GLN F 603 28.05 -28.36 27.87
CA GLN F 603 26.79 -27.71 27.47
C GLN F 603 26.98 -26.49 26.58
N GLN F 604 25.86 -25.87 26.21
CA GLN F 604 25.83 -24.92 25.11
C GLN F 604 24.60 -24.01 25.21
N ILE F 605 24.76 -22.78 24.76
CA ILE F 605 23.61 -21.90 24.56
C ILE F 605 23.67 -21.29 23.17
N SER F 606 22.63 -21.57 22.37
CA SER F 606 22.56 -21.07 21.00
C SER F 606 22.47 -19.54 20.98
N LEU F 607 22.80 -18.95 19.85
CA LEU F 607 22.81 -17.50 19.71
C LEU F 607 21.41 -16.91 19.64
N TYR F 608 20.45 -17.74 19.23
CA TYR F 608 19.06 -17.29 19.06
C TYR F 608 18.29 -17.34 20.37
N GLU F 609 18.52 -18.41 21.14
CA GLU F 609 17.89 -18.59 22.45
C GLU F 609 18.26 -17.46 23.40
N ILE F 610 19.49 -16.98 23.29
CA ILE F 610 19.95 -15.80 24.01
C ILE F 610 19.03 -14.62 23.70
N ALA F 611 18.79 -14.39 22.41
CA ALA F 611 17.94 -13.30 21.94
C ALA F 611 16.48 -13.49 22.33
N ALA F 612 15.98 -14.71 22.17
CA ALA F 612 14.60 -15.05 22.53
C ALA F 612 14.34 -14.83 24.02
N ALA F 613 15.40 -15.02 24.83
CA ALA F 613 15.34 -14.82 26.28
C ALA F 613 15.27 -13.35 26.66
N ARG F 614 15.99 -12.50 25.92
CA ARG F 614 15.90 -11.06 26.13
C ARG F 614 14.63 -10.52 25.46
N ASP F 615 13.54 -10.58 26.23
CA ASP F 615 12.19 -10.34 25.75
C ASP F 615 11.67 -9.01 26.33
N PRO F 616 10.52 -9.02 27.03
CA PRO F 616 10.32 -7.86 27.90
C PRO F 616 10.97 -7.95 29.30
N PHE F 617 12.00 -8.79 29.47
CA PHE F 617 12.76 -8.76 30.73
C PHE F 617 13.61 -7.49 30.74
N THR F 618 13.02 -6.40 31.21
CA THR F 618 13.76 -5.15 31.42
C THR F 618 14.60 -4.70 30.20
N ALA F 619 14.52 -5.41 29.07
CA ALA F 619 15.44 -5.11 27.96
C ALA F 619 15.11 -5.55 26.51
N ARG F 620 16.16 -5.96 25.80
CA ARG F 620 16.28 -5.84 24.35
C ARG F 620 17.54 -6.59 23.90
N ALA F 621 17.45 -7.32 22.78
CA ALA F 621 18.54 -8.23 22.39
C ALA F 621 19.23 -7.90 21.07
N ASP F 622 19.63 -6.64 20.90
CA ASP F 622 20.16 -6.19 19.61
C ASP F 622 21.12 -4.98 19.64
N ASN F 623 21.68 -4.68 18.47
CA ASN F 623 22.75 -3.70 18.29
C ASN F 623 22.59 -2.87 17.02
N ASP F 624 23.05 -1.63 17.08
CA ASP F 624 22.95 -0.66 15.98
C ASP F 624 23.90 0.50 16.23
N GLU F 625 25.13 0.17 16.61
CA GLU F 625 26.09 1.17 17.13
C GLU F 625 26.58 2.28 16.19
N PRO F 626 26.60 2.03 14.86
CA PRO F 626 26.90 3.14 13.95
C PRO F 626 25.72 4.11 13.76
N GLY F 627 25.84 5.38 14.16
CA GLY F 627 26.96 5.95 14.91
C GLY F 627 26.41 7.07 15.78
N LEU F 628 27.28 7.98 16.24
CA LEU F 628 26.83 9.09 17.08
C LEU F 628 27.35 10.44 16.57
N ALA F 629 27.50 11.40 17.47
CA ALA F 629 28.32 12.59 17.24
C ALA F 629 29.76 12.13 17.33
N ALA F 630 30.61 12.65 16.45
CA ALA F 630 31.89 12.02 16.12
C ALA F 630 31.61 10.65 15.48
N ASP F 631 30.67 10.67 14.53
CA ASP F 631 30.18 9.55 13.68
C ASP F 631 30.54 8.08 13.90
N ALA F 632 30.01 7.26 13.00
CA ALA F 632 30.35 5.84 12.80
C ALA F 632 29.39 5.26 11.75
N VAL F 633 29.90 4.54 10.74
CA VAL F 633 31.31 4.14 10.59
C VAL F 633 32.22 5.30 10.21
N TYR F 634 33.48 5.18 10.56
CA TYR F 634 34.46 6.22 10.28
C TYR F 634 35.31 5.94 9.04
N MET F 635 34.91 6.55 7.92
CA MET F 635 35.81 6.69 6.78
C MET F 635 35.84 8.13 6.27
N ASN F 636 37.02 8.74 6.41
CA ASN F 636 37.21 10.18 6.38
C ASN F 636 37.84 10.76 5.13
N ASN F 637 39.11 11.14 5.31
CA ASN F 637 39.85 12.00 4.39
C ASN F 637 40.27 11.30 3.11
N ALA F 638 40.86 10.13 3.27
CA ALA F 638 41.48 9.41 2.16
C ALA F 638 40.76 8.12 1.80
N MET F 639 40.44 8.00 0.52
CA MET F 639 39.76 6.84 -0.05
C MET F 639 40.79 5.92 -0.68
N ASN F 640 40.40 4.68 -0.95
CA ASN F 640 41.31 3.81 -1.69
C ASN F 640 41.17 3.98 -3.20
N TYR F 641 42.31 3.91 -3.88
CA TYR F 641 42.35 4.04 -5.33
C TYR F 641 42.80 2.72 -5.92
N PRO F 642 41.86 1.98 -6.51
CA PRO F 642 42.21 0.75 -7.21
C PRO F 642 42.70 1.07 -8.62
N TYR F 643 43.63 0.27 -9.12
CA TYR F 643 44.21 0.51 -10.44
C TYR F 643 44.17 -0.76 -11.27
N GLY F 644 44.05 -0.60 -12.59
CA GLY F 644 43.92 -1.75 -13.47
C GLY F 644 44.20 -1.49 -14.94
N VAL F 645 44.77 -2.48 -15.60
CA VAL F 645 45.13 -2.42 -17.01
C VAL F 645 44.17 -3.25 -17.88
N THR F 646 43.74 -2.67 -19.00
CA THR F 646 42.92 -3.41 -19.95
C THR F 646 43.73 -3.77 -21.20
N LEU F 647 43.54 -4.99 -21.68
CA LEU F 647 44.30 -5.51 -22.82
C LEU F 647 43.34 -6.01 -23.88
N VAL F 648 43.52 -5.55 -25.12
CA VAL F 648 42.57 -5.84 -26.20
C VAL F 648 43.29 -6.21 -27.51
N GLN F 649 42.69 -7.12 -28.27
CA GLN F 649 43.08 -7.31 -29.67
C GLN F 649 41.85 -7.43 -30.57
N ILE F 650 41.88 -6.70 -31.68
CA ILE F 650 40.75 -6.60 -32.59
C ILE F 650 41.17 -6.99 -34.00
N GLU F 651 40.25 -7.64 -34.71
CA GLU F 651 40.37 -7.84 -36.15
C GLU F 651 39.38 -6.91 -36.85
N LEU F 652 39.68 -6.52 -38.08
CA LEU F 652 38.86 -5.58 -38.82
C LEU F 652 38.67 -6.02 -40.27
N ASP F 653 37.43 -5.93 -40.75
CA ASP F 653 37.13 -6.15 -42.15
C ASP F 653 37.18 -4.80 -42.86
N PRO F 654 38.16 -4.62 -43.76
CA PRO F 654 38.45 -3.33 -44.39
C PRO F 654 37.59 -2.98 -45.61
N ASP F 655 37.10 -3.99 -46.32
CA ASP F 655 36.23 -3.77 -47.48
C ASP F 655 34.84 -3.31 -47.04
N THR F 656 34.49 -3.63 -45.80
CA THR F 656 33.37 -3.01 -45.12
C THR F 656 33.94 -2.24 -43.91
N GLY F 657 33.12 -1.99 -42.89
CA GLY F 657 33.60 -1.29 -41.70
C GLY F 657 33.71 -2.16 -40.46
N GLY F 658 33.48 -3.47 -40.65
CA GLY F 658 33.32 -4.41 -39.54
C GLY F 658 34.55 -4.69 -38.70
N HIS F 659 34.32 -5.37 -37.58
CA HIS F 659 35.37 -5.75 -36.65
C HIS F 659 34.89 -6.86 -35.77
N ARG F 660 35.81 -7.72 -35.36
CA ARG F 660 35.51 -8.78 -34.40
C ARG F 660 36.57 -8.74 -33.30
N ILE F 661 36.16 -8.31 -32.11
CA ILE F 661 37.06 -8.27 -30.96
C ILE F 661 37.52 -9.68 -30.63
N LEU F 662 38.75 -10.00 -31.05
CA LEU F 662 39.28 -11.36 -30.92
C LEU F 662 39.58 -11.73 -29.48
N ARG F 663 40.17 -10.80 -28.73
CA ARG F 663 40.47 -11.02 -27.32
C ARG F 663 40.20 -9.79 -26.45
N PHE F 664 39.92 -10.05 -25.17
CA PHE F 664 39.68 -9.01 -24.19
C PHE F 664 40.02 -9.52 -22.80
N SER F 665 40.73 -8.69 -22.03
CA SER F 665 41.12 -9.03 -20.67
C SER F 665 41.38 -7.79 -19.82
N THR F 666 40.43 -7.47 -18.94
CA THR F 666 40.64 -6.43 -17.93
C THR F 666 41.15 -7.10 -16.66
N SER F 667 42.16 -6.49 -16.05
CA SER F 667 42.79 -7.03 -14.88
C SER F 667 43.02 -5.90 -13.89
N THR F 668 42.48 -6.04 -12.69
CA THR F 668 42.54 -4.94 -11.72
C THR F 668 42.85 -5.40 -10.31
N GLU F 669 43.87 -4.79 -9.72
CA GLU F 669 44.27 -5.08 -8.35
C GLU F 669 43.33 -4.37 -7.39
N ALA F 670 42.77 -5.14 -6.45
CA ALA F 670 41.86 -4.61 -5.44
C ALA F 670 41.82 -5.55 -4.25
N GLY F 671 42.45 -5.14 -3.15
CA GLY F 671 42.54 -5.95 -1.95
C GLY F 671 41.20 -6.52 -1.52
N ARG F 672 41.22 -7.76 -1.06
CA ARG F 672 40.03 -8.44 -0.54
C ARG F 672 38.81 -8.37 -1.45
N VAL F 673 38.80 -9.21 -2.48
CA VAL F 673 37.57 -9.49 -3.20
C VAL F 673 36.67 -10.20 -2.20
N ILE F 674 35.51 -9.61 -1.91
CA ILE F 674 34.59 -10.19 -0.93
C ILE F 674 33.84 -11.39 -1.53
N ASN F 675 33.28 -11.21 -2.72
CA ASN F 675 32.63 -12.31 -3.42
C ASN F 675 33.08 -12.43 -4.88
N PRO F 676 34.06 -13.32 -5.14
CA PRO F 676 34.69 -13.53 -6.45
C PRO F 676 33.72 -13.78 -7.60
N LEU F 677 32.67 -14.56 -7.35
CA LEU F 677 31.68 -14.87 -8.37
C LEU F 677 30.95 -13.61 -8.84
N THR F 678 30.56 -12.77 -7.88
CA THR F 678 29.79 -11.57 -8.16
C THR F 678 30.65 -10.42 -8.67
N THR F 679 31.89 -10.33 -8.18
CA THR F 679 32.83 -9.31 -8.65
C THR F 679 33.15 -9.51 -10.12
N ARG F 680 33.21 -10.76 -10.54
CA ARG F 680 33.39 -11.12 -11.94
C ARG F 680 32.29 -10.50 -12.81
N GLY F 681 31.05 -10.54 -12.30
CA GLY F 681 29.93 -9.87 -12.96
C GLY F 681 30.16 -8.37 -13.08
N GLN F 682 30.67 -7.76 -12.02
CA GLN F 682 30.91 -6.32 -11.96
C GLN F 682 32.07 -5.86 -12.84
N ILE F 683 32.99 -6.77 -13.14
CA ILE F 683 34.12 -6.47 -14.01
C ILE F 683 33.76 -6.67 -15.48
N ILE F 684 33.26 -7.86 -15.81
CA ILE F 684 32.86 -8.20 -17.17
C ILE F 684 31.75 -7.26 -17.65
N GLY F 685 30.68 -7.20 -16.88
CA GLY F 685 29.52 -6.37 -17.20
C GLY F 685 29.88 -4.93 -17.50
N ALA F 686 30.70 -4.35 -16.63
CA ALA F 686 31.22 -3.00 -16.82
C ALA F 686 32.02 -2.91 -18.13
N ALA F 687 33.02 -3.78 -18.28
CA ALA F 687 33.85 -3.81 -19.48
C ALA F 687 33.04 -3.72 -20.78
N VAL F 688 31.94 -4.46 -20.84
CA VAL F 688 31.01 -4.44 -21.99
C VAL F 688 30.37 -3.06 -22.17
N GLN F 689 29.95 -2.47 -21.05
CA GLN F 689 29.40 -1.10 -21.07
C GLN F 689 30.44 -0.13 -21.62
N GLY F 690 31.72 -0.47 -21.45
CA GLY F 690 32.83 0.29 -22.00
C GLY F 690 32.94 0.15 -23.51
N ILE F 691 32.87 -1.09 -24.00
CA ILE F 691 32.87 -1.36 -25.45
C ILE F 691 31.67 -0.68 -26.09
N GLY F 692 30.53 -0.71 -25.41
CA GLY F 692 29.34 0.02 -25.83
C GLY F 692 29.62 1.50 -26.01
N GLY F 693 30.34 2.08 -25.05
CA GLY F 693 30.78 3.47 -25.15
C GLY F 693 31.86 3.66 -26.20
N ALA F 694 32.68 2.63 -26.41
CA ALA F 694 33.82 2.72 -27.32
C ALA F 694 33.44 2.61 -28.80
N LEU F 695 32.41 1.83 -29.13
CA LEU F 695 32.12 1.54 -30.54
C LEU F 695 30.65 1.62 -30.98
N TYR F 696 29.72 1.90 -30.07
CA TYR F 696 28.30 1.82 -30.41
C TYR F 696 27.46 3.04 -30.01
N GLU F 697 27.67 3.53 -28.79
CA GLU F 697 26.75 4.48 -28.18
C GLU F 697 27.13 5.94 -28.40
N GLU F 698 26.23 6.68 -29.05
CA GLU F 698 26.33 8.13 -29.13
C GLU F 698 24.96 8.79 -29.27
N PHE F 699 24.70 9.78 -28.41
CA PHE F 699 23.53 10.62 -28.54
C PHE F 699 23.78 11.66 -29.62
N LEU F 700 23.09 11.49 -30.75
CA LEU F 700 23.24 12.41 -31.87
C LEU F 700 22.13 13.45 -31.90
N TYR F 701 22.53 14.71 -31.88
CA TYR F 701 21.58 15.81 -32.01
C TYR F 701 21.70 16.36 -33.42
N GLU F 702 20.56 16.67 -34.02
CA GLU F 702 20.56 17.32 -35.33
C GLU F 702 20.99 18.76 -35.13
N GLU F 703 21.64 19.33 -36.14
CA GLU F 703 22.24 20.65 -36.02
C GLU F 703 21.28 21.76 -35.57
N ASP F 704 19.98 21.56 -35.79
CA ASP F 704 18.97 22.51 -35.32
C ASP F 704 18.64 22.34 -33.83
N GLY F 705 18.73 21.12 -33.31
CA GLY F 705 18.56 20.89 -31.87
C GLY F 705 17.82 19.63 -31.43
N GLN F 706 17.07 19.03 -32.35
CA GLN F 706 16.25 17.85 -32.04
C GLN F 706 17.12 16.60 -31.85
N PRO F 707 16.78 15.76 -30.85
CA PRO F 707 17.51 14.50 -30.67
C PRO F 707 17.17 13.54 -31.79
N ILE F 708 18.18 12.83 -32.29
CA ILE F 708 17.98 11.86 -33.36
C ILE F 708 17.91 10.44 -32.78
N THR F 709 18.78 10.15 -31.83
CA THR F 709 18.82 8.84 -31.18
C THR F 709 17.86 8.78 -30.00
N THR F 710 16.59 8.47 -30.28
CA THR F 710 15.55 8.43 -29.26
C THR F 710 14.99 7.02 -29.00
N SER F 711 14.91 6.21 -30.06
CA SER F 711 14.46 4.82 -29.93
C SER F 711 15.62 3.91 -29.53
N PHE F 712 15.42 2.61 -29.65
CA PHE F 712 16.51 1.65 -29.48
C PHE F 712 17.09 1.22 -30.82
N MET F 713 16.38 1.53 -31.89
CA MET F 713 16.83 1.25 -33.26
C MET F 713 18.00 2.16 -33.64
N ASP F 714 18.04 3.34 -33.04
CA ASP F 714 19.09 4.32 -33.27
C ASP F 714 20.25 4.15 -32.29
N TYR F 715 19.97 4.32 -31.00
CA TYR F 715 20.96 4.13 -29.95
C TYR F 715 21.33 2.66 -29.88
N LEU F 716 22.59 2.36 -30.16
CA LEU F 716 23.03 0.97 -30.29
C LEU F 716 23.59 0.41 -29.00
N LEU F 717 22.83 -0.49 -28.37
CA LEU F 717 23.30 -1.24 -27.22
C LEU F 717 23.97 -2.53 -27.68
N PRO F 718 25.15 -2.86 -27.11
CA PRO F 718 25.83 -4.09 -27.48
C PRO F 718 24.95 -5.33 -27.21
N SER F 719 24.89 -6.22 -28.19
CA SER F 719 24.12 -7.46 -28.05
C SER F 719 25.06 -8.64 -27.87
N ALA F 720 24.49 -9.84 -27.73
CA ALA F 720 25.22 -11.04 -27.31
C ALA F 720 26.33 -11.51 -28.26
N GLN F 721 26.06 -11.46 -29.57
CA GLN F 721 26.96 -12.06 -30.56
C GLN F 721 28.25 -11.29 -30.78
N GLU F 722 28.17 -9.97 -30.63
CA GLU F 722 29.30 -9.09 -30.93
C GLU F 722 30.34 -9.04 -29.82
N MET F 723 29.96 -9.54 -28.63
CA MET F 723 30.83 -9.43 -27.46
C MET F 723 31.90 -10.52 -27.40
N PRO F 724 33.04 -10.22 -26.75
CA PRO F 724 34.15 -11.18 -26.58
C PRO F 724 33.70 -12.43 -25.84
N ASN F 725 33.99 -13.58 -26.44
CA ASN F 725 33.69 -14.89 -25.86
C ASN F 725 34.14 -15.03 -24.41
N VAL F 726 35.06 -14.16 -24.00
CA VAL F 726 35.47 -14.02 -22.60
C VAL F 726 36.30 -12.76 -22.33
N ASP F 727 35.92 -12.03 -21.28
CA ASP F 727 36.77 -11.03 -20.66
C ASP F 727 37.47 -11.75 -19.51
N CYS F 728 38.78 -11.91 -19.61
CA CYS F 728 39.54 -12.56 -18.55
C CYS F 728 39.70 -11.61 -17.38
N PHE F 729 39.74 -12.16 -16.17
CA PHE F 729 39.88 -11.36 -14.96
C PHE F 729 41.18 -11.67 -14.24
N VAL F 730 42.05 -10.67 -14.13
CA VAL F 730 43.25 -10.81 -13.30
C VAL F 730 43.17 -9.81 -12.15
N THR F 731 42.75 -10.30 -11.00
CA THR F 731 42.77 -9.51 -9.78
C THR F 731 43.69 -10.21 -8.79
N GLU F 732 44.51 -9.44 -8.08
CA GLU F 732 45.24 -10.00 -6.96
C GLU F 732 44.95 -9.22 -5.68
N ASP F 733 45.03 -9.92 -4.56
CA ASP F 733 44.89 -9.32 -3.24
C ASP F 733 46.25 -9.17 -2.56
N ALA F 734 47.19 -8.54 -3.25
CA ALA F 734 48.38 -8.05 -2.56
C ALA F 734 47.99 -6.73 -1.92
N LYS F 735 48.79 -6.26 -0.97
CA LYS F 735 48.69 -4.90 -0.41
C LYS F 735 47.27 -4.43 -0.04
N SER F 736 46.71 -5.02 1.02
CA SER F 736 45.41 -4.58 1.53
C SER F 736 45.54 -3.17 2.12
N PRO F 737 44.65 -2.24 1.70
CA PRO F 737 44.63 -0.88 2.26
C PRO F 737 44.31 -0.95 3.74
N ASP F 738 44.44 0.14 4.48
CA ASP F 738 44.22 0.06 5.92
C ASP F 738 42.91 0.67 6.39
N ASN F 739 41.81 0.09 5.91
CA ASN F 739 40.47 0.36 6.41
C ASN F 739 39.79 -0.98 6.64
N PRO F 740 39.99 -1.57 7.84
CA PRO F 740 39.73 -2.99 8.10
C PRO F 740 38.27 -3.37 7.89
N PHE F 741 37.99 -4.31 6.99
CA PHE F 741 38.97 -5.11 6.24
C PHE F 741 39.61 -4.34 5.08
N GLY F 742 40.89 -4.58 4.85
CA GLY F 742 41.61 -3.96 3.74
C GLY F 742 41.06 -4.34 2.39
N ALA F 743 40.00 -3.63 1.97
CA ALA F 743 39.32 -3.91 0.71
C ALA F 743 39.17 -2.65 -0.15
N LYS F 744 38.80 -2.86 -1.41
CA LYS F 744 38.67 -1.77 -2.36
C LYS F 744 37.32 -1.78 -3.09
N GLY F 745 37.02 -0.65 -3.72
CA GLY F 745 35.83 -0.52 -4.56
C GLY F 745 36.09 -1.02 -5.96
N LEU F 746 35.13 -1.75 -6.51
CA LEU F 746 35.36 -2.53 -7.73
C LEU F 746 34.22 -2.45 -8.75
N GLY F 747 33.16 -1.73 -8.41
CA GLY F 747 31.94 -1.71 -9.21
C GLY F 747 32.03 -0.87 -10.47
N GLU F 748 33.20 -0.29 -10.70
CA GLU F 748 33.42 0.58 -11.85
C GLU F 748 34.67 0.22 -12.64
N ILE F 749 35.52 -0.60 -12.04
CA ILE F 749 36.86 -0.86 -12.56
C ILE F 749 36.89 -1.56 -13.92
N GLY F 750 35.72 -1.98 -14.40
CA GLY F 750 35.60 -2.59 -15.72
C GLY F 750 35.76 -1.60 -16.84
N ILE F 751 34.96 -0.54 -16.82
CA ILE F 751 34.88 0.39 -17.96
C ILE F 751 36.05 1.37 -18.12
N ILE F 752 36.77 1.66 -17.04
CA ILE F 752 37.77 2.74 -17.04
C ILE F 752 38.63 2.86 -18.30
N ALA F 753 39.42 1.83 -18.58
CA ALA F 753 40.38 1.87 -19.69
C ALA F 753 39.89 1.08 -20.91
N ALA F 754 38.60 0.79 -20.94
CA ALA F 754 38.00 0.06 -22.05
C ALA F 754 37.99 0.87 -23.35
N GLY F 755 37.86 2.19 -23.23
CA GLY F 755 37.84 3.08 -24.39
C GLY F 755 39.20 3.24 -25.05
N ALA F 756 40.21 3.55 -24.24
CA ALA F 756 41.56 3.82 -24.72
C ALA F 756 42.24 2.60 -25.37
N ALA F 757 42.06 1.44 -24.76
CA ALA F 757 42.68 0.20 -25.24
C ALA F 757 42.11 -0.27 -26.58
N ILE F 758 40.80 -0.17 -26.73
CA ILE F 758 40.13 -0.42 -27.99
C ILE F 758 40.68 0.51 -29.06
N ALA F 759 40.80 1.80 -28.70
CA ALA F 759 41.29 2.84 -29.61
C ALA F 759 42.71 2.56 -30.09
N SER F 760 43.60 2.24 -29.15
CA SER F 760 45.01 1.93 -29.44
C SER F 760 45.15 0.74 -30.39
N ALA F 761 44.34 -0.29 -30.14
CA ALA F 761 44.32 -1.49 -30.97
C ALA F 761 43.90 -1.18 -32.40
N ILE F 762 42.83 -0.38 -32.54
CA ILE F 762 42.31 0.02 -33.85
C ILE F 762 43.37 0.79 -34.65
N ASP F 763 44.05 1.73 -33.99
CA ASP F 763 45.13 2.46 -34.62
C ASP F 763 46.34 1.57 -34.90
N ASP F 764 46.56 0.58 -34.05
CA ASP F 764 47.67 -0.35 -34.24
C ASP F 764 47.45 -1.30 -35.40
N ALA F 765 46.18 -1.51 -35.76
CA ALA F 765 45.79 -2.54 -36.72
C ALA F 765 45.64 -2.04 -38.16
N ILE F 766 45.81 -0.74 -38.37
CA ILE F 766 45.47 -0.15 -39.67
C ILE F 766 46.60 -0.10 -40.74
N ALA F 767 47.76 0.53 -40.48
CA ALA F 767 48.09 1.21 -39.22
C ALA F 767 48.71 2.57 -39.52
N ASP F 768 48.03 3.64 -39.09
CA ASP F 768 48.48 5.00 -39.34
C ASP F 768 48.56 5.83 -38.06
N GLY F 769 49.76 6.34 -37.75
CA GLY F 769 49.94 7.42 -36.79
C GLY F 769 49.61 7.28 -35.32
N VAL F 770 48.68 6.38 -34.98
CA VAL F 770 48.06 6.31 -33.64
C VAL F 770 47.36 7.66 -33.39
N HIS F 771 46.37 7.94 -34.25
CA HIS F 771 45.84 9.29 -34.43
C HIS F 771 44.35 9.37 -34.35
N THR F 772 43.76 8.60 -33.42
CA THR F 772 42.32 8.66 -33.18
C THR F 772 41.99 9.56 -32.02
N ASP F 773 41.03 10.46 -32.24
CA ASP F 773 40.62 11.45 -31.25
C ASP F 773 39.21 11.18 -30.71
N ARG F 774 38.25 11.17 -31.63
CA ARG F 774 36.84 11.12 -31.27
C ARG F 774 36.30 9.70 -31.15
N LEU F 775 35.70 9.41 -30.00
CA LEU F 775 34.89 8.21 -29.82
C LEU F 775 33.45 8.56 -30.21
N PRO F 776 32.65 7.56 -30.63
CA PRO F 776 33.01 6.16 -30.84
C PRO F 776 33.77 5.97 -32.15
N VAL F 777 34.00 4.72 -32.52
CA VAL F 777 34.70 4.41 -33.77
C VAL F 777 33.72 3.81 -34.77
N THR F 778 33.07 4.69 -35.54
CA THR F 778 32.05 4.27 -36.51
C THR F 778 32.66 3.57 -37.72
N PRO F 779 31.90 2.63 -38.33
CA PRO F 779 32.35 1.90 -39.50
C PRO F 779 32.73 2.77 -40.70
N GLU F 780 32.17 3.98 -40.77
CA GLU F 780 32.53 4.91 -41.85
C GLU F 780 33.93 5.48 -41.69
N GLN F 781 34.27 5.86 -40.45
CA GLN F 781 35.62 6.32 -40.11
C GLN F 781 36.63 5.22 -40.38
N ILE F 782 36.18 3.98 -40.24
CA ILE F 782 37.07 2.84 -40.25
C ILE F 782 37.20 2.17 -41.63
N PHE F 783 36.67 2.81 -42.66
CA PHE F 783 37.36 2.73 -43.95
C PHE F 783 37.97 4.06 -44.36
N SER F 784 39.14 4.26 -43.79
CA SER F 784 40.11 5.25 -44.19
C SER F 784 41.31 4.36 -44.54
N ARG F 785 41.00 3.09 -44.81
CA ARG F 785 41.96 2.10 -45.25
C ARG F 785 41.74 1.84 -46.75
N CYS F 786 40.55 2.18 -47.24
CA CYS F 786 40.31 2.26 -48.67
C CYS F 786 41.24 3.31 -49.25
N GLN F 787 41.56 4.32 -48.42
CA GLN F 787 42.56 5.33 -48.72
C GLN F 787 43.97 4.71 -48.76
N GLY F 788 44.27 3.90 -47.76
CA GLY F 788 45.60 3.27 -47.62
C GLY F 788 46.02 2.45 -48.82
N LEU F 789 45.05 1.73 -49.38
CA LEU F 789 45.29 0.89 -50.56
C LEU F 789 45.26 1.72 -51.85
N ASN F 790 44.56 2.85 -51.80
CA ASN F 790 44.60 3.83 -52.89
C ASN F 790 45.81 4.75 -52.80
N1 MCN G . -6.90 10.35 30.01
C2 MCN G . -6.87 11.74 30.32
N3 MCN G . -7.25 12.64 29.40
C4 MCN G . -7.65 12.24 28.17
C5 MCN G . -7.68 10.90 27.84
C6 MCN G . -7.29 9.96 28.78
O2 MCN G . -6.50 12.13 31.45
N4 MCN G . -8.03 13.14 27.24
C1' MCN G . -6.48 9.36 30.98
C2D MCN G . -7.20 8.03 30.78
O2' MCN G . -7.96 7.73 31.94
C3' MCN G . -6.11 7.00 30.66
C4D MCN G . -4.87 7.77 30.26
O4D MCN G . -5.10 9.10 30.74
O3' MCN G . -5.87 6.40 31.93
C5' MCN G . -4.65 7.78 28.74
O5' MCN G . -5.59 6.92 28.08
PA MCN G . -5.26 5.37 27.87
O1A MCN G . -3.88 5.05 28.41
O2A MCN G . -5.61 5.01 26.45
O3A MCN G . -6.26 4.63 28.89
PB MCN G . -6.79 3.15 28.50
O1B MCN G . -5.67 2.44 27.78
O2B MCN G . -7.44 2.52 29.70
O3B MCN G . -7.91 3.56 27.44
C10 MCN G . -8.75 4.65 27.78
C9' MCN G . -9.99 4.13 28.53
C8' MCN G . -10.21 2.68 28.18
S8' MCN G . -10.03 1.48 29.32
C7' MCN G . -10.57 2.33 26.96
S7' MCN G . -10.23 0.76 26.43
C6' MCN G . -11.21 3.40 26.11
C7 MCN G . -11.46 4.72 26.76
O9' MCN G . -11.10 4.89 28.07
N5' MCN G . -11.54 3.20 24.83
C4A MCN G . -12.10 4.23 24.15
N8' MCN G . -12.01 5.74 26.08
C4B MCN G . -12.35 5.54 24.79
N1' MCN G . -12.91 6.53 24.07
C2' MCN G . -13.25 6.33 22.76
N2' MCN G . -13.80 7.34 22.07
N3' MCN G . -13.05 5.16 22.12
C4' MCN G . -12.50 4.10 22.74
O4' MCN G . -12.30 2.92 22.11
MO MO H . -9.72 -0.58 28.29
PA FAD I . -39.82 -1.75 2.04
O1A FAD I . -39.27 -3.01 2.67
O2A FAD I . -39.08 -0.46 2.24
O5B FAD I . -40.02 -1.99 0.45
C5B FAD I . -40.29 -3.28 -0.08
C4B FAD I . -41.32 -3.96 0.82
O4B FAD I . -42.63 -3.61 0.39
C3B FAD I . -41.18 -5.47 0.83
O3B FAD I . -40.91 -5.92 2.17
C2B FAD I . -42.55 -5.96 0.37
O2B FAD I . -42.99 -7.07 1.16
C1B FAD I . -43.45 -4.76 0.58
N9A FAD I . -44.65 -4.75 -0.31
C8A FAD I . -45.35 -5.85 -0.64
N7A FAD I . -46.39 -5.53 -1.45
C5A FAD I . -46.37 -4.20 -1.62
C6A FAD I . -47.18 -3.22 -2.36
N6A FAD I . -48.25 -3.66 -3.06
N1A FAD I . -46.83 -1.92 -2.32
C2A FAD I . -45.76 -1.51 -1.62
N3A FAD I . -44.97 -2.34 -0.92
C4A FAD I . -45.21 -3.68 -0.87
N1 FAD I . -41.71 -0.22 11.02
C2 FAD I . -42.74 -0.06 11.89
O2 FAD I . -43.91 -0.24 11.49
N3 FAD I . -42.54 0.28 13.18
C4 FAD I . -41.32 0.49 13.69
O4 FAD I . -41.17 0.80 14.89
C4X FAD I . -40.15 0.33 12.79
N5 FAD I . -38.89 0.51 13.24
C5X FAD I . -37.83 0.36 12.42
C6 FAD I . -36.55 0.57 12.93
C7 FAD I . -35.43 0.42 12.10
C7M FAD I . -34.07 0.65 12.69
C8 FAD I . -35.62 0.05 10.66
C8M FAD I . -34.45 -0.13 9.73
C9 FAD I . -36.90 -0.16 10.16
C9A FAD I . -38.02 -0.01 10.99
N10 FAD I . -39.32 -0.22 10.48
C10 FAD I . -40.42 -0.05 11.38
C1' FAD I . -39.44 -0.60 9.07
C2' FAD I . -40.86 -0.60 8.52
O2' FAD I . -41.22 -1.92 8.07
C3' FAD I . -40.95 0.45 7.43
O3' FAD I . -41.80 1.50 7.90
C4' FAD I . -41.49 -0.07 6.09
O4' FAD I . -40.69 -1.18 5.62
C5' FAD I . -41.43 1.06 5.08
O5' FAD I . -40.84 0.61 3.85
P FAD I . -41.79 0.05 2.69
O1P FAD I . -43.20 0.07 3.19
O2P FAD I . -41.45 0.77 1.41
O3P FAD I . -41.31 -1.48 2.57
FE1 FES J . -26.58 0.97 7.49
FE2 FES J . -26.75 2.12 10.42
S1 FES J . -27.98 2.33 8.57
S2 FES J . -25.36 0.72 9.35
FE1 FES K . -18.61 8.47 19.27
FE2 FES K . -16.91 5.82 19.40
S1 FES K . -18.94 6.35 18.62
S2 FES K . -16.49 8.00 19.73
PA FAD L . 1.91 -5.63 -39.37
O1A FAD L . 3.23 -5.11 -38.88
O2A FAD L . 0.70 -5.43 -38.48
O5B FAD L . 1.58 -4.95 -40.79
C5B FAD L . 1.75 -3.53 -40.90
C4B FAD L . 1.00 -2.98 -42.10
O4B FAD L . 1.06 -3.89 -43.20
C3B FAD L . -0.46 -2.72 -41.77
O3B FAD L . -0.72 -1.31 -41.83
C2B FAD L . -1.26 -3.47 -42.82
O2B FAD L . -2.17 -2.60 -43.50
C1B FAD L . -0.23 -4.00 -43.81
N9A FAD L . -0.51 -5.41 -44.20
C8A FAD L . -0.12 -6.52 -43.53
N7A FAD L . -0.53 -7.65 -44.17
C5A FAD L . -1.20 -7.25 -45.28
C6A FAD L . -1.90 -7.92 -46.41
N6A FAD L . -1.97 -9.27 -46.49
N1A FAD L . -2.46 -7.14 -47.36
C2A FAD L . -2.40 -5.79 -47.30
N3A FAD L . -1.78 -5.12 -46.31
C4A FAD L . -1.17 -5.78 -45.29
N1 FAD L . 10.57 -5.96 -36.28
C2 FAD L . 10.96 -5.49 -35.06
O2 FAD L . 10.14 -5.52 -34.12
N3 FAD L . 12.19 -5.01 -34.83
C4 FAD L . 13.13 -4.95 -35.78
O4 FAD L . 14.27 -4.49 -35.54
C4X FAD L . 12.79 -5.44 -37.14
N5 FAD L . 13.68 -5.41 -38.15
C5X FAD L . 13.35 -5.86 -39.38
C6 FAD L . 14.31 -5.81 -40.37
C7 FAD L . 13.99 -6.26 -41.64
C7M FAD L . 15.06 -6.18 -42.69
C8 FAD L . 12.64 -6.81 -41.95
C8M FAD L . 12.26 -7.32 -43.32
C9 FAD L . 11.68 -6.86 -40.94
C9A FAD L . 11.98 -6.41 -39.66
N10 FAD L . 11.02 -6.44 -38.62
C10 FAD L . 11.41 -5.97 -37.35
C1' FAD L . 9.68 -6.99 -38.84
C2' FAD L . 8.83 -6.09 -39.72
O2' FAD L . 8.12 -5.16 -38.89
C3' FAD L . 7.87 -6.89 -40.62
O3' FAD L . 7.17 -5.99 -41.50
C4' FAD L . 6.88 -7.78 -39.86
O4' FAD L . 6.40 -8.79 -40.75
C5' FAD L . 5.72 -6.99 -39.24
O5' FAD L . 4.52 -7.76 -39.12
P FAD L . 3.44 -7.75 -40.32
O1P FAD L . 3.92 -6.72 -41.32
O2P FAD L . 3.24 -9.18 -40.73
O3P FAD L . 2.08 -7.20 -39.67
FE1 FES M . 7.93 -5.07 -25.74
FE2 FES M . 11.08 -4.83 -25.53
S1 FES M . 9.67 -6.18 -26.60
S2 FES M . 9.35 -3.69 -24.68
FE1 FES N . 21.07 -7.81 -16.52
FE2 FES N . 20.66 -4.97 -15.30
S1 FES N . 19.85 -6.02 -17.08
S2 FES N . 21.48 -6.90 -14.53
N1 MCN O . 31.43 -5.02 -4.79
C2 MCN O . 32.06 -6.26 -4.55
N3 MCN O . 31.35 -7.40 -4.73
C4 MCN O . 30.06 -7.34 -5.12
C5 MCN O . 29.43 -6.13 -5.35
C6 MCN O . 30.16 -4.96 -5.18
O2 MCN O . 33.25 -6.33 -4.18
N4 MCN O . 29.34 -8.48 -5.30
C1' MCN O . 32.17 -3.78 -4.58
C2D MCN O . 31.74 -2.68 -5.54
O2' MCN O . 32.85 -2.34 -6.35
C3' MCN O . 31.44 -1.51 -4.65
C4D MCN O . 31.09 -2.09 -3.31
O4D MCN O . 31.84 -3.32 -3.27
O3' MCN O . 32.63 -0.77 -4.45
C5' MCN O . 29.60 -2.34 -3.12
O5' MCN O . 28.86 -1.85 -4.25
PA MCN O . 28.34 -0.32 -4.28
O1A MCN O . 28.90 0.45 -3.13
O2A MCN O . 26.86 -0.34 -4.54
O3A MCN O . 29.11 0.35 -5.53
PB MCN O . 28.43 1.65 -6.15
O1B MCN O . 27.59 2.32 -5.08
O2B MCN O . 29.45 2.47 -6.91
O3B MCN O . 27.46 0.91 -7.18
C10 MCN O . 27.96 -0.29 -7.78
C9' MCN O . 28.73 0.06 -9.05
C8' MCN O . 28.18 1.33 -9.64
S8' MCN O . 29.08 2.72 -9.72
C7' MCN O . 26.93 1.35 -10.10
S7' MCN O . 26.13 2.84 -10.19
C6' MCN O . 26.32 0.03 -10.47
C7 MCN O . 27.20 -1.17 -10.38
O9' MCN O . 28.49 -0.99 -9.98
N5' MCN O . 25.04 -0.11 -10.83
C4A MCN O . 24.60 -1.35 -11.13
N8' MCN O . 26.76 -2.41 -10.67
C4B MCN O . 25.47 -2.55 -11.05
N1' MCN O . 24.95 -3.75 -11.36
C2' MCN O . 23.65 -3.89 -11.75
N2' MCN O . 23.17 -5.12 -12.05
N3' MCN O . 22.80 -2.84 -11.83
C4' MCN O . 23.21 -1.58 -11.55
O4' MCN O . 22.37 -0.53 -11.64
MO MO P . 27.71 4.58 -10.08
#